data_1BBY
# 
_entry.id   1BBY 
# 
_audit_conform.dict_name       mmcif_pdbx.dic 
_audit_conform.dict_version    5.392 
_audit_conform.dict_location   http://mmcif.pdb.org/dictionaries/ascii/mmcif_pdbx.dic 
# 
loop_
_database_2.database_id 
_database_2.database_code 
_database_2.pdbx_database_accession 
_database_2.pdbx_DOI 
PDB   1BBY         pdb_00001bby 10.2210/pdb1bby/pdb 
WWPDB D_1000171571 ?            ?                   
# 
loop_
_pdbx_audit_revision_history.ordinal 
_pdbx_audit_revision_history.data_content_type 
_pdbx_audit_revision_history.major_revision 
_pdbx_audit_revision_history.minor_revision 
_pdbx_audit_revision_history.revision_date 
1 'Structure model' 1 0 1998-11-25 
2 'Structure model' 1 1 2008-03-24 
3 'Structure model' 1 2 2011-07-13 
4 'Structure model' 1 3 2022-02-16 
5 'Structure model' 1 4 2024-05-22 
# 
_pdbx_audit_revision_details.ordinal             1 
_pdbx_audit_revision_details.revision_ordinal    1 
_pdbx_audit_revision_details.data_content_type   'Structure model' 
_pdbx_audit_revision_details.provider            repository 
_pdbx_audit_revision_details.type                'Initial release' 
_pdbx_audit_revision_details.description         ? 
_pdbx_audit_revision_details.details             ? 
# 
loop_
_pdbx_audit_revision_group.ordinal 
_pdbx_audit_revision_group.revision_ordinal 
_pdbx_audit_revision_group.data_content_type 
_pdbx_audit_revision_group.group 
1 2 'Structure model' 'Version format compliance' 
2 3 'Structure model' 'Version format compliance' 
3 4 'Structure model' 'Database references'       
4 4 'Structure model' 'Derived calculations'      
5 4 'Structure model' Other                       
6 5 'Structure model' 'Data collection'           
# 
loop_
_pdbx_audit_revision_category.ordinal 
_pdbx_audit_revision_category.revision_ordinal 
_pdbx_audit_revision_category.data_content_type 
_pdbx_audit_revision_category.category 
1 4 'Structure model' database_2            
2 4 'Structure model' pdbx_database_status  
3 4 'Structure model' pdbx_struct_assembly  
4 4 'Structure model' pdbx_struct_oper_list 
5 5 'Structure model' chem_comp_atom        
6 5 'Structure model' chem_comp_bond        
# 
loop_
_pdbx_audit_revision_item.ordinal 
_pdbx_audit_revision_item.revision_ordinal 
_pdbx_audit_revision_item.data_content_type 
_pdbx_audit_revision_item.item 
1 4 'Structure model' '_database_2.pdbx_DOI'                
2 4 'Structure model' '_database_2.pdbx_database_accession' 
3 4 'Structure model' '_pdbx_database_status.process_site'  
# 
_pdbx_database_status.status_code                     REL 
_pdbx_database_status.entry_id                        1BBY 
_pdbx_database_status.recvd_initial_deposition_date   1998-04-26 
_pdbx_database_status.deposit_site                    ? 
_pdbx_database_status.process_site                    BNL 
_pdbx_database_status.SG_entry                        . 
_pdbx_database_status.pdb_format_compatible           Y 
_pdbx_database_status.status_code_mr                  ? 
_pdbx_database_status.status_code_sf                  ? 
_pdbx_database_status.status_code_cs                  ? 
_pdbx_database_status.status_code_nmr_data            ? 
_pdbx_database_status.methods_development_category    ? 
# 
_pdbx_database_related.db_name        PDB 
_pdbx_database_related.db_id          2BBY 
_pdbx_database_related.details        . 
_pdbx_database_related.content_type   ensemble 
# 
loop_
_audit_author.name 
_audit_author.pdbx_ordinal 
'Groft, C.M.'  1 
'Uljon, S.N.'  2 
'Wang, R.'     3 
'Werner, M.H.' 4 
# 
_citation.id                        primary 
_citation.title                     
'Structural homology between the Rap30 DNA-binding domain and linker histone H5: implications for preinitiation complex assembly.' 
_citation.journal_abbrev            Proc.Natl.Acad.Sci.USA 
_citation.journal_volume            95 
_citation.page_first                9117 
_citation.page_last                 9122 
_citation.year                      1998 
_citation.journal_id_ASTM           PNASA6 
_citation.country                   US 
_citation.journal_id_ISSN           0027-8424 
_citation.journal_id_CSD            0040 
_citation.book_publisher            ? 
_citation.pdbx_database_id_PubMed   9689043 
_citation.pdbx_database_id_DOI      10.1073/pnas.95.16.9117 
# 
loop_
_citation_author.citation_id 
_citation_author.name 
_citation_author.ordinal 
_citation_author.identifier_ORCID 
primary 'Groft, C.M.'  1 ? 
primary 'Uljon, S.N.'  2 ? 
primary 'Wang, R.'     3 ? 
primary 'Werner, M.H.' 4 ? 
# 
_entity.id                         1 
_entity.type                       polymer 
_entity.src_method                 man 
_entity.pdbx_description           RAP30 
_entity.formula_weight             8371.669 
_entity.pdbx_number_of_molecules   1 
_entity.pdbx_ec                    ? 
_entity.pdbx_mutation              ? 
_entity.pdbx_fragment              'DNA-BINDING DOMAIN' 
_entity.details                    ? 
# 
_entity_name_com.entity_id   1 
_entity_name_com.name        'TRANSCRIPTION INITIATION FACTOR RAP30' 
# 
_entity_poly.entity_id                      1 
_entity_poly.type                           'polypeptide(L)' 
_entity_poly.nstd_linkage                   no 
_entity_poly.nstd_monomer                   no 
_entity_poly.pdbx_seq_one_letter_code       RARADKQHVLDMLFSAFEKHQYYNLKDLVDITKQPVVYLKEILKEIGVQNVKGIHKNTWELKPEYRHYQ 
_entity_poly.pdbx_seq_one_letter_code_can   RARADKQHVLDMLFSAFEKHQYYNLKDLVDITKQPVVYLKEILKEIGVQNVKGIHKNTWELKPEYRHYQ 
_entity_poly.pdbx_strand_id                 A 
_entity_poly.pdbx_target_identifier         ? 
# 
loop_
_entity_poly_seq.entity_id 
_entity_poly_seq.num 
_entity_poly_seq.mon_id 
_entity_poly_seq.hetero 
1 1  ARG n 
1 2  ALA n 
1 3  ARG n 
1 4  ALA n 
1 5  ASP n 
1 6  LYS n 
1 7  GLN n 
1 8  HIS n 
1 9  VAL n 
1 10 LEU n 
1 11 ASP n 
1 12 MET n 
1 13 LEU n 
1 14 PHE n 
1 15 SER n 
1 16 ALA n 
1 17 PHE n 
1 18 GLU n 
1 19 LYS n 
1 20 HIS n 
1 21 GLN n 
1 22 TYR n 
1 23 TYR n 
1 24 ASN n 
1 25 LEU n 
1 26 LYS n 
1 27 ASP n 
1 28 LEU n 
1 29 VAL n 
1 30 ASP n 
1 31 ILE n 
1 32 THR n 
1 33 LYS n 
1 34 GLN n 
1 35 PRO n 
1 36 VAL n 
1 37 VAL n 
1 38 TYR n 
1 39 LEU n 
1 40 LYS n 
1 41 GLU n 
1 42 ILE n 
1 43 LEU n 
1 44 LYS n 
1 45 GLU n 
1 46 ILE n 
1 47 GLY n 
1 48 VAL n 
1 49 GLN n 
1 50 ASN n 
1 51 VAL n 
1 52 LYS n 
1 53 GLY n 
1 54 ILE n 
1 55 HIS n 
1 56 LYS n 
1 57 ASN n 
1 58 THR n 
1 59 TRP n 
1 60 GLU n 
1 61 LEU n 
1 62 LYS n 
1 63 PRO n 
1 64 GLU n 
1 65 TYR n 
1 66 ARG n 
1 67 HIS n 
1 68 TYR n 
1 69 GLN n 
# 
_entity_src_gen.entity_id                          1 
_entity_src_gen.pdbx_src_id                        1 
_entity_src_gen.pdbx_alt_source_flag               sample 
_entity_src_gen.pdbx_seq_type                      ? 
_entity_src_gen.pdbx_beg_seq_num                   ? 
_entity_src_gen.pdbx_end_seq_num                   ? 
_entity_src_gen.gene_src_common_name               human 
_entity_src_gen.gene_src_genus                     Homo 
_entity_src_gen.pdbx_gene_src_gene                 ? 
_entity_src_gen.gene_src_species                   ? 
_entity_src_gen.gene_src_strain                    ? 
_entity_src_gen.gene_src_tissue                    ? 
_entity_src_gen.gene_src_tissue_fraction           ? 
_entity_src_gen.gene_src_details                   ? 
_entity_src_gen.pdbx_gene_src_fragment             ? 
_entity_src_gen.pdbx_gene_src_scientific_name      'Homo sapiens' 
_entity_src_gen.pdbx_gene_src_ncbi_taxonomy_id     9606 
_entity_src_gen.pdbx_gene_src_variant              ? 
_entity_src_gen.pdbx_gene_src_cell_line            ? 
_entity_src_gen.pdbx_gene_src_atcc                 ? 
_entity_src_gen.pdbx_gene_src_organ                ? 
_entity_src_gen.pdbx_gene_src_organelle            ? 
_entity_src_gen.pdbx_gene_src_cell                 ? 
_entity_src_gen.pdbx_gene_src_cellular_location    ? 
_entity_src_gen.host_org_common_name               ? 
_entity_src_gen.pdbx_host_org_scientific_name      'Escherichia coli' 
_entity_src_gen.pdbx_host_org_ncbi_taxonomy_id     562 
_entity_src_gen.host_org_genus                     Escherichia 
_entity_src_gen.pdbx_host_org_gene                 ? 
_entity_src_gen.pdbx_host_org_organ                ? 
_entity_src_gen.host_org_species                   ? 
_entity_src_gen.pdbx_host_org_tissue               ? 
_entity_src_gen.pdbx_host_org_tissue_fraction      ? 
_entity_src_gen.pdbx_host_org_strain               'HMS174 (DE3)' 
_entity_src_gen.pdbx_host_org_variant              ? 
_entity_src_gen.pdbx_host_org_cell_line            ? 
_entity_src_gen.pdbx_host_org_atcc                 ? 
_entity_src_gen.pdbx_host_org_culture_collection   ? 
_entity_src_gen.pdbx_host_org_cell                 ? 
_entity_src_gen.pdbx_host_org_organelle            ? 
_entity_src_gen.pdbx_host_org_cellular_location    CYTOPLASM 
_entity_src_gen.pdbx_host_org_vector_type          ? 
_entity_src_gen.pdbx_host_org_vector               ? 
_entity_src_gen.host_org_details                   ? 
_entity_src_gen.expression_system_id               ? 
_entity_src_gen.plasmid_name                       PET11D 
_entity_src_gen.plasmid_details                    ? 
_entity_src_gen.pdbx_description                   ? 
# 
loop_
_chem_comp.id 
_chem_comp.type 
_chem_comp.mon_nstd_flag 
_chem_comp.name 
_chem_comp.pdbx_synonyms 
_chem_comp.formula 
_chem_comp.formula_weight 
ALA 'L-peptide linking' y ALANINE         ? 'C3 H7 N O2'     89.093  
ARG 'L-peptide linking' y ARGININE        ? 'C6 H15 N4 O2 1' 175.209 
ASN 'L-peptide linking' y ASPARAGINE      ? 'C4 H8 N2 O3'    132.118 
ASP 'L-peptide linking' y 'ASPARTIC ACID' ? 'C4 H7 N O4'     133.103 
GLN 'L-peptide linking' y GLUTAMINE       ? 'C5 H10 N2 O3'   146.144 
GLU 'L-peptide linking' y 'GLUTAMIC ACID' ? 'C5 H9 N O4'     147.129 
GLY 'peptide linking'   y GLYCINE         ? 'C2 H5 N O2'     75.067  
HIS 'L-peptide linking' y HISTIDINE       ? 'C6 H10 N3 O2 1' 156.162 
ILE 'L-peptide linking' y ISOLEUCINE      ? 'C6 H13 N O2'    131.173 
LEU 'L-peptide linking' y LEUCINE         ? 'C6 H13 N O2'    131.173 
LYS 'L-peptide linking' y LYSINE          ? 'C6 H15 N2 O2 1' 147.195 
MET 'L-peptide linking' y METHIONINE      ? 'C5 H11 N O2 S'  149.211 
PHE 'L-peptide linking' y PHENYLALANINE   ? 'C9 H11 N O2'    165.189 
PRO 'L-peptide linking' y PROLINE         ? 'C5 H9 N O2'     115.130 
SER 'L-peptide linking' y SERINE          ? 'C3 H7 N O3'     105.093 
THR 'L-peptide linking' y THREONINE       ? 'C4 H9 N O3'     119.119 
TRP 'L-peptide linking' y TRYPTOPHAN      ? 'C11 H12 N2 O2'  204.225 
TYR 'L-peptide linking' y TYROSINE        ? 'C9 H11 N O3'    181.189 
VAL 'L-peptide linking' y VALINE          ? 'C5 H11 N O2'    117.146 
# 
loop_
_pdbx_poly_seq_scheme.asym_id 
_pdbx_poly_seq_scheme.entity_id 
_pdbx_poly_seq_scheme.seq_id 
_pdbx_poly_seq_scheme.mon_id 
_pdbx_poly_seq_scheme.ndb_seq_num 
_pdbx_poly_seq_scheme.pdb_seq_num 
_pdbx_poly_seq_scheme.auth_seq_num 
_pdbx_poly_seq_scheme.pdb_mon_id 
_pdbx_poly_seq_scheme.auth_mon_id 
_pdbx_poly_seq_scheme.pdb_strand_id 
_pdbx_poly_seq_scheme.pdb_ins_code 
_pdbx_poly_seq_scheme.hetero 
A 1 1  ARG 1  175 175 ARG ARG A . n 
A 1 2  ALA 2  176 176 ALA ALA A . n 
A 1 3  ARG 3  177 177 ARG ARG A . n 
A 1 4  ALA 4  178 178 ALA ALA A . n 
A 1 5  ASP 5  179 179 ASP ASP A . n 
A 1 6  LYS 6  180 180 LYS LYS A . n 
A 1 7  GLN 7  181 181 GLN GLN A . n 
A 1 8  HIS 8  182 182 HIS HIS A . n 
A 1 9  VAL 9  183 183 VAL VAL A . n 
A 1 10 LEU 10 184 184 LEU LEU A . n 
A 1 11 ASP 11 185 185 ASP ASP A . n 
A 1 12 MET 12 186 186 MET MET A . n 
A 1 13 LEU 13 187 187 LEU LEU A . n 
A 1 14 PHE 14 188 188 PHE PHE A . n 
A 1 15 SER 15 189 189 SER SER A . n 
A 1 16 ALA 16 190 190 ALA ALA A . n 
A 1 17 PHE 17 191 191 PHE PHE A . n 
A 1 18 GLU 18 192 192 GLU GLU A . n 
A 1 19 LYS 19 193 193 LYS LYS A . n 
A 1 20 HIS 20 194 194 HIS HIS A . n 
A 1 21 GLN 21 195 195 GLN GLN A . n 
A 1 22 TYR 22 196 196 TYR TYR A . n 
A 1 23 TYR 23 197 197 TYR TYR A . n 
A 1 24 ASN 24 198 198 ASN ASN A . n 
A 1 25 LEU 25 199 199 LEU LEU A . n 
A 1 26 LYS 26 200 200 LYS LYS A . n 
A 1 27 ASP 27 201 201 ASP ASP A . n 
A 1 28 LEU 28 202 202 LEU LEU A . n 
A 1 29 VAL 29 203 203 VAL VAL A . n 
A 1 30 ASP 30 204 204 ASP ASP A . n 
A 1 31 ILE 31 205 205 ILE ILE A . n 
A 1 32 THR 32 206 206 THR THR A . n 
A 1 33 LYS 33 207 207 LYS LYS A . n 
A 1 34 GLN 34 208 208 GLN GLN A . n 
A 1 35 PRO 35 209 209 PRO PRO A . n 
A 1 36 VAL 36 210 210 VAL VAL A . n 
A 1 37 VAL 37 211 211 VAL VAL A . n 
A 1 38 TYR 38 212 212 TYR TYR A . n 
A 1 39 LEU 39 213 213 LEU LEU A . n 
A 1 40 LYS 40 214 214 LYS LYS A . n 
A 1 41 GLU 41 215 215 GLU GLU A . n 
A 1 42 ILE 42 216 216 ILE ILE A . n 
A 1 43 LEU 43 217 217 LEU LEU A . n 
A 1 44 LYS 44 218 218 LYS LYS A . n 
A 1 45 GLU 45 219 219 GLU GLU A . n 
A 1 46 ILE 46 220 220 ILE ILE A . n 
A 1 47 GLY 47 221 221 GLY GLY A . n 
A 1 48 VAL 48 222 222 VAL VAL A . n 
A 1 49 GLN 49 223 223 GLN GLN A . n 
A 1 50 ASN 50 224 224 ASN ASN A . n 
A 1 51 VAL 51 225 225 VAL VAL A . n 
A 1 52 LYS 52 226 226 LYS LYS A . n 
A 1 53 GLY 53 227 227 GLY GLY A . n 
A 1 54 ILE 54 228 228 ILE ILE A . n 
A 1 55 HIS 55 229 229 HIS HIS A . n 
A 1 56 LYS 56 230 230 LYS LYS A . n 
A 1 57 ASN 57 231 231 ASN ASN A . n 
A 1 58 THR 58 232 232 THR THR A . n 
A 1 59 TRP 59 233 233 TRP TRP A . n 
A 1 60 GLU 60 234 234 GLU GLU A . n 
A 1 61 LEU 61 235 235 LEU LEU A . n 
A 1 62 LYS 62 236 236 LYS LYS A . n 
A 1 63 PRO 63 237 237 PRO PRO A . n 
A 1 64 GLU 64 238 238 GLU GLU A . n 
A 1 65 TYR 65 239 239 TYR TYR A . n 
A 1 66 ARG 66 240 240 ARG ARG A . n 
A 1 67 HIS 67 241 241 HIS HIS A . n 
A 1 68 TYR 68 242 242 TYR TYR A . n 
A 1 69 GLN 69 243 243 GLN GLN A . n 
# 
loop_
_software.name 
_software.classification 
_software.version 
_software.citation_id 
_software.pdbx_ordinal 
X-PLOR 'model building' 3.851 ? 1 
X-PLOR refinement       3.851 ? 2 
X-PLOR phasing          3.851 ? 3 
# 
_cell.entry_id           1BBY 
_cell.length_a           1.000 
_cell.length_b           1.000 
_cell.length_c           1.000 
_cell.angle_alpha        90.00 
_cell.angle_beta         90.00 
_cell.angle_gamma        90.00 
_cell.Z_PDB              1 
_cell.pdbx_unique_axis   ? 
# 
_symmetry.entry_id                         1BBY 
_symmetry.space_group_name_H-M             'P 1' 
_symmetry.pdbx_full_space_group_name_H-M   ? 
_symmetry.cell_setting                     ? 
_symmetry.Int_Tables_number                1 
# 
_exptl.entry_id          1BBY 
_exptl.method            'SOLUTION NMR' 
_exptl.crystals_number   ? 
# 
_struct.entry_id                  1BBY 
_struct.title                     'DNA-BINDING DOMAIN FROM HUMAN RAP30, NMR, MINIMIZED AVERAGE' 
_struct.pdbx_model_details        ? 
_struct.pdbx_CASP_flag            ? 
_struct.pdbx_model_type_details   ? 
# 
_struct_keywords.entry_id        1BBY 
_struct_keywords.pdbx_keywords   'TRANSCRIPTION REGULATION' 
_struct_keywords.text            
'AVERAGE STRUCTURE TRANSCRIPTION REGULATION, RAP30, DNA-BINDING DOMAIN, TRANSCRIPTION, TRANSCRIPTION REGULATION' 
# 
_struct_asym.id                            A 
_struct_asym.pdbx_blank_PDB_chainid_flag   Y 
_struct_asym.pdbx_modified                 N 
_struct_asym.entity_id                     1 
_struct_asym.details                       ? 
# 
_struct_ref.id                         1 
_struct_ref.db_name                    UNP 
_struct_ref.db_code                    T2FB_HUMAN 
_struct_ref.entity_id                  1 
_struct_ref.pdbx_db_accession          P13984 
_struct_ref.pdbx_align_begin           1 
_struct_ref.pdbx_seq_one_letter_code   
;MAERGELDLTGAKQNTGVWLVKVPKYLSQQWAKASGRGEVGKLRIAKTQGRTEVSFTLNEDLANIHDIGGKPASVSAPRE
HPFVLQSVGGQTLTVFTESSSDKLSLEGIVVQRAECRPAASENYMRLKRLQIEESSKPVRLSQQLDKVVTTNYKPVANHQ
YNIEYERKKKEDGKRARADKQHVLDMLFSAFEKHQYYNLKDLVDITKQPVVYLKEILKEIGVQNVKGIHKNTWELKPEYR
HYQGEEKSD
;
_struct_ref.pdbx_db_isoform            ? 
# 
_struct_ref_seq.align_id                      1 
_struct_ref_seq.ref_id                        1 
_struct_ref_seq.pdbx_PDB_id_code              1BBY 
_struct_ref_seq.pdbx_strand_id                A 
_struct_ref_seq.seq_align_beg                 1 
_struct_ref_seq.pdbx_seq_align_beg_ins_code   ? 
_struct_ref_seq.seq_align_end                 69 
_struct_ref_seq.pdbx_seq_align_end_ins_code   ? 
_struct_ref_seq.pdbx_db_accession             P13984 
_struct_ref_seq.db_align_beg                  175 
_struct_ref_seq.pdbx_db_align_beg_ins_code    ? 
_struct_ref_seq.db_align_end                  243 
_struct_ref_seq.pdbx_db_align_end_ins_code    ? 
_struct_ref_seq.pdbx_auth_seq_align_beg       175 
_struct_ref_seq.pdbx_auth_seq_align_end       243 
# 
_pdbx_struct_assembly.id                   1 
_pdbx_struct_assembly.details              author_defined_assembly 
_pdbx_struct_assembly.method_details       ? 
_pdbx_struct_assembly.oligomeric_details   monomeric 
_pdbx_struct_assembly.oligomeric_count     1 
# 
_pdbx_struct_assembly_gen.assembly_id       1 
_pdbx_struct_assembly_gen.oper_expression   1 
_pdbx_struct_assembly_gen.asym_id_list      A 
# 
_pdbx_struct_oper_list.id                   1 
_pdbx_struct_oper_list.type                 'identity operation' 
_pdbx_struct_oper_list.name                 1_555 
_pdbx_struct_oper_list.symmetry_operation   x,y,z 
_pdbx_struct_oper_list.matrix[1][1]         1.0000000000 
_pdbx_struct_oper_list.matrix[1][2]         0.0000000000 
_pdbx_struct_oper_list.matrix[1][3]         0.0000000000 
_pdbx_struct_oper_list.vector[1]            0.0000000000 
_pdbx_struct_oper_list.matrix[2][1]         0.0000000000 
_pdbx_struct_oper_list.matrix[2][2]         1.0000000000 
_pdbx_struct_oper_list.matrix[2][3]         0.0000000000 
_pdbx_struct_oper_list.vector[2]            0.0000000000 
_pdbx_struct_oper_list.matrix[3][1]         0.0000000000 
_pdbx_struct_oper_list.matrix[3][2]         0.0000000000 
_pdbx_struct_oper_list.matrix[3][3]         1.0000000000 
_pdbx_struct_oper_list.vector[3]            0.0000000000 
# 
_struct_biol.id   1 
# 
loop_
_struct_conf.conf_type_id 
_struct_conf.id 
_struct_conf.pdbx_PDB_helix_id 
_struct_conf.beg_label_comp_id 
_struct_conf.beg_label_asym_id 
_struct_conf.beg_label_seq_id 
_struct_conf.pdbx_beg_PDB_ins_code 
_struct_conf.end_label_comp_id 
_struct_conf.end_label_asym_id 
_struct_conf.end_label_seq_id 
_struct_conf.pdbx_end_PDB_ins_code 
_struct_conf.beg_auth_comp_id 
_struct_conf.beg_auth_asym_id 
_struct_conf.beg_auth_seq_id 
_struct_conf.end_auth_comp_id 
_struct_conf.end_auth_asym_id 
_struct_conf.end_auth_seq_id 
_struct_conf.pdbx_PDB_helix_class 
_struct_conf.details 
_struct_conf.pdbx_PDB_helix_length 
HELX_P HELX_P1 1 ASP A 5  ? LYS A 19 ? ASP A 179 LYS A 193 1 ? 15 
HELX_P HELX_P2 2 LEU A 25 ? ILE A 31 ? LEU A 199 ILE A 205 1 ? 7  
HELX_P HELX_P3 3 VAL A 36 ? GLU A 45 ? VAL A 210 GLU A 219 1 ? 10 
# 
_struct_conf_type.id          HELX_P 
_struct_conf_type.criteria    ? 
_struct_conf_type.reference   ? 
# 
loop_
_struct_sheet.id 
_struct_sheet.type 
_struct_sheet.number_strands 
_struct_sheet.details 
S1 ? 1 ? 
S2 ? 1 ? 
S3 ? 1 ? 
# 
loop_
_struct_sheet_range.sheet_id 
_struct_sheet_range.id 
_struct_sheet_range.beg_label_comp_id 
_struct_sheet_range.beg_label_asym_id 
_struct_sheet_range.beg_label_seq_id 
_struct_sheet_range.pdbx_beg_PDB_ins_code 
_struct_sheet_range.end_label_comp_id 
_struct_sheet_range.end_label_asym_id 
_struct_sheet_range.end_label_seq_id 
_struct_sheet_range.pdbx_end_PDB_ins_code 
_struct_sheet_range.beg_auth_comp_id 
_struct_sheet_range.beg_auth_asym_id 
_struct_sheet_range.beg_auth_seq_id 
_struct_sheet_range.end_auth_comp_id 
_struct_sheet_range.end_auth_asym_id 
_struct_sheet_range.end_auth_seq_id 
S1 1 TYR A 22 ? TYR A 23 ? TYR A 196 TYR A 197 
S2 1 ILE A 46 ? VAL A 51 ? ILE A 220 VAL A 225 
S3 1 ASN A 57 ? GLU A 60 ? ASN A 231 GLU A 234 
# 
loop_
_pdbx_validate_close_contact.id 
_pdbx_validate_close_contact.PDB_model_num 
_pdbx_validate_close_contact.auth_atom_id_1 
_pdbx_validate_close_contact.auth_asym_id_1 
_pdbx_validate_close_contact.auth_comp_id_1 
_pdbx_validate_close_contact.auth_seq_id_1 
_pdbx_validate_close_contact.PDB_ins_code_1 
_pdbx_validate_close_contact.label_alt_id_1 
_pdbx_validate_close_contact.auth_atom_id_2 
_pdbx_validate_close_contact.auth_asym_id_2 
_pdbx_validate_close_contact.auth_comp_id_2 
_pdbx_validate_close_contact.auth_seq_id_2 
_pdbx_validate_close_contact.PDB_ins_code_2 
_pdbx_validate_close_contact.label_alt_id_2 
_pdbx_validate_close_contact.dist 
1 1 HE21 A GLN 223 ? ? H A ASN 224 ? ? 1.35 
2 1 O    A ASP 179 ? ? H A VAL 183 ? ? 1.46 
3 1 O    A ILE 220 ? ? H A LYS 236 ? ? 1.51 
4 1 O    A LEU 187 ? ? H A PHE 191 ? ? 1.55 
5 1 O    A VAL 210 ? ? H A LYS 214 ? ? 1.58 
# 
loop_
_pdbx_validate_torsion.id 
_pdbx_validate_torsion.PDB_model_num 
_pdbx_validate_torsion.auth_comp_id 
_pdbx_validate_torsion.auth_asym_id 
_pdbx_validate_torsion.auth_seq_id 
_pdbx_validate_torsion.PDB_ins_code 
_pdbx_validate_torsion.label_alt_id 
_pdbx_validate_torsion.phi 
_pdbx_validate_torsion.psi 
1 1 LYS A 207 ? ? -79.07  30.16   
2 1 LYS A 226 ? ? -127.09 -166.65 
3 1 ILE A 228 ? ? -78.70  21.80   
# 
_pdbx_nmr_ensemble.entry_id                             1BBY 
_pdbx_nmr_ensemble.conformers_calculated_total_number   150 
_pdbx_nmr_ensemble.conformers_submitted_total_number    1 
_pdbx_nmr_ensemble.conformer_selection_criteria         'LEAST RESTRAINT AND ANGULAR VIOLATION' 
# 
_pdbx_nmr_sample_details.solution_id   1 
_pdbx_nmr_sample_details.contents      AQUEOUS 
# 
_pdbx_nmr_exptl_sample_conditions.conditions_id       1 
_pdbx_nmr_exptl_sample_conditions.temperature         297 
_pdbx_nmr_exptl_sample_conditions.pressure            1 
_pdbx_nmr_exptl_sample_conditions.pH                  7.2 
_pdbx_nmr_exptl_sample_conditions.ionic_strength      '10mM PHOSPHATE, 50mM NACL' 
_pdbx_nmr_exptl_sample_conditions.pressure_units      atm 
_pdbx_nmr_exptl_sample_conditions.temperature_units   K 
# 
_pdbx_nmr_exptl.experiment_id   1 
_pdbx_nmr_exptl.conditions_id   1 
_pdbx_nmr_exptl.type            '3D/4D HETERONUCLEAR NOESY/ROESY' 
_pdbx_nmr_exptl.solution_id     1 
# 
_pdbx_nmr_details.entry_id   1BBY 
_pdbx_nmr_details.text       'STRUCTURE DETERMINED USING STANDARD MULTI-NUCLEAR 3D/4D SPECTROSCOPY' 
# 
_pdbx_nmr_refine.entry_id           1BBY 
_pdbx_nmr_refine.method             'DYNAMICAL SIMULATED ANNEALING' 
_pdbx_nmr_refine.details            'REFINEMENT DETAILS CAN BE FOUND IN THE JRNL CITATION ABOVE.' 
_pdbx_nmr_refine.software_ordinal   1 
# 
loop_
_pdbx_nmr_software.classification 
_pdbx_nmr_software.name 
_pdbx_nmr_software.version 
_pdbx_nmr_software.authors 
_pdbx_nmr_software.ordinal 
refinement           X-PLOR 3.851 BRUNGER 1 
'structure solution' X-PLOR 3.851 ?       2 
# 
loop_
_chem_comp_atom.comp_id 
_chem_comp_atom.atom_id 
_chem_comp_atom.type_symbol 
_chem_comp_atom.pdbx_aromatic_flag 
_chem_comp_atom.pdbx_stereo_config 
_chem_comp_atom.pdbx_ordinal 
ALA N    N N N 1   
ALA CA   C N S 2   
ALA C    C N N 3   
ALA O    O N N 4   
ALA CB   C N N 5   
ALA OXT  O N N 6   
ALA H    H N N 7   
ALA H2   H N N 8   
ALA HA   H N N 9   
ALA HB1  H N N 10  
ALA HB2  H N N 11  
ALA HB3  H N N 12  
ALA HXT  H N N 13  
ARG N    N N N 14  
ARG CA   C N S 15  
ARG C    C N N 16  
ARG O    O N N 17  
ARG CB   C N N 18  
ARG CG   C N N 19  
ARG CD   C N N 20  
ARG NE   N N N 21  
ARG CZ   C N N 22  
ARG NH1  N N N 23  
ARG NH2  N N N 24  
ARG OXT  O N N 25  
ARG H    H N N 26  
ARG H2   H N N 27  
ARG HA   H N N 28  
ARG HB2  H N N 29  
ARG HB3  H N N 30  
ARG HG2  H N N 31  
ARG HG3  H N N 32  
ARG HD2  H N N 33  
ARG HD3  H N N 34  
ARG HE   H N N 35  
ARG HH11 H N N 36  
ARG HH12 H N N 37  
ARG HH21 H N N 38  
ARG HH22 H N N 39  
ARG HXT  H N N 40  
ASN N    N N N 41  
ASN CA   C N S 42  
ASN C    C N N 43  
ASN O    O N N 44  
ASN CB   C N N 45  
ASN CG   C N N 46  
ASN OD1  O N N 47  
ASN ND2  N N N 48  
ASN OXT  O N N 49  
ASN H    H N N 50  
ASN H2   H N N 51  
ASN HA   H N N 52  
ASN HB2  H N N 53  
ASN HB3  H N N 54  
ASN HD21 H N N 55  
ASN HD22 H N N 56  
ASN HXT  H N N 57  
ASP N    N N N 58  
ASP CA   C N S 59  
ASP C    C N N 60  
ASP O    O N N 61  
ASP CB   C N N 62  
ASP CG   C N N 63  
ASP OD1  O N N 64  
ASP OD2  O N N 65  
ASP OXT  O N N 66  
ASP H    H N N 67  
ASP H2   H N N 68  
ASP HA   H N N 69  
ASP HB2  H N N 70  
ASP HB3  H N N 71  
ASP HD2  H N N 72  
ASP HXT  H N N 73  
GLN N    N N N 74  
GLN CA   C N S 75  
GLN C    C N N 76  
GLN O    O N N 77  
GLN CB   C N N 78  
GLN CG   C N N 79  
GLN CD   C N N 80  
GLN OE1  O N N 81  
GLN NE2  N N N 82  
GLN OXT  O N N 83  
GLN H    H N N 84  
GLN H2   H N N 85  
GLN HA   H N N 86  
GLN HB2  H N N 87  
GLN HB3  H N N 88  
GLN HG2  H N N 89  
GLN HG3  H N N 90  
GLN HE21 H N N 91  
GLN HE22 H N N 92  
GLN HXT  H N N 93  
GLU N    N N N 94  
GLU CA   C N S 95  
GLU C    C N N 96  
GLU O    O N N 97  
GLU CB   C N N 98  
GLU CG   C N N 99  
GLU CD   C N N 100 
GLU OE1  O N N 101 
GLU OE2  O N N 102 
GLU OXT  O N N 103 
GLU H    H N N 104 
GLU H2   H N N 105 
GLU HA   H N N 106 
GLU HB2  H N N 107 
GLU HB3  H N N 108 
GLU HG2  H N N 109 
GLU HG3  H N N 110 
GLU HE2  H N N 111 
GLU HXT  H N N 112 
GLY N    N N N 113 
GLY CA   C N N 114 
GLY C    C N N 115 
GLY O    O N N 116 
GLY OXT  O N N 117 
GLY H    H N N 118 
GLY H2   H N N 119 
GLY HA2  H N N 120 
GLY HA3  H N N 121 
GLY HXT  H N N 122 
HIS N    N N N 123 
HIS CA   C N S 124 
HIS C    C N N 125 
HIS O    O N N 126 
HIS CB   C N N 127 
HIS CG   C Y N 128 
HIS ND1  N Y N 129 
HIS CD2  C Y N 130 
HIS CE1  C Y N 131 
HIS NE2  N Y N 132 
HIS OXT  O N N 133 
HIS H    H N N 134 
HIS H2   H N N 135 
HIS HA   H N N 136 
HIS HB2  H N N 137 
HIS HB3  H N N 138 
HIS HD1  H N N 139 
HIS HD2  H N N 140 
HIS HE1  H N N 141 
HIS HE2  H N N 142 
HIS HXT  H N N 143 
ILE N    N N N 144 
ILE CA   C N S 145 
ILE C    C N N 146 
ILE O    O N N 147 
ILE CB   C N S 148 
ILE CG1  C N N 149 
ILE CG2  C N N 150 
ILE CD1  C N N 151 
ILE OXT  O N N 152 
ILE H    H N N 153 
ILE H2   H N N 154 
ILE HA   H N N 155 
ILE HB   H N N 156 
ILE HG12 H N N 157 
ILE HG13 H N N 158 
ILE HG21 H N N 159 
ILE HG22 H N N 160 
ILE HG23 H N N 161 
ILE HD11 H N N 162 
ILE HD12 H N N 163 
ILE HD13 H N N 164 
ILE HXT  H N N 165 
LEU N    N N N 166 
LEU CA   C N S 167 
LEU C    C N N 168 
LEU O    O N N 169 
LEU CB   C N N 170 
LEU CG   C N N 171 
LEU CD1  C N N 172 
LEU CD2  C N N 173 
LEU OXT  O N N 174 
LEU H    H N N 175 
LEU H2   H N N 176 
LEU HA   H N N 177 
LEU HB2  H N N 178 
LEU HB3  H N N 179 
LEU HG   H N N 180 
LEU HD11 H N N 181 
LEU HD12 H N N 182 
LEU HD13 H N N 183 
LEU HD21 H N N 184 
LEU HD22 H N N 185 
LEU HD23 H N N 186 
LEU HXT  H N N 187 
LYS N    N N N 188 
LYS CA   C N S 189 
LYS C    C N N 190 
LYS O    O N N 191 
LYS CB   C N N 192 
LYS CG   C N N 193 
LYS CD   C N N 194 
LYS CE   C N N 195 
LYS NZ   N N N 196 
LYS OXT  O N N 197 
LYS H    H N N 198 
LYS H2   H N N 199 
LYS HA   H N N 200 
LYS HB2  H N N 201 
LYS HB3  H N N 202 
LYS HG2  H N N 203 
LYS HG3  H N N 204 
LYS HD2  H N N 205 
LYS HD3  H N N 206 
LYS HE2  H N N 207 
LYS HE3  H N N 208 
LYS HZ1  H N N 209 
LYS HZ2  H N N 210 
LYS HZ3  H N N 211 
LYS HXT  H N N 212 
MET N    N N N 213 
MET CA   C N S 214 
MET C    C N N 215 
MET O    O N N 216 
MET CB   C N N 217 
MET CG   C N N 218 
MET SD   S N N 219 
MET CE   C N N 220 
MET OXT  O N N 221 
MET H    H N N 222 
MET H2   H N N 223 
MET HA   H N N 224 
MET HB2  H N N 225 
MET HB3  H N N 226 
MET HG2  H N N 227 
MET HG3  H N N 228 
MET HE1  H N N 229 
MET HE2  H N N 230 
MET HE3  H N N 231 
MET HXT  H N N 232 
PHE N    N N N 233 
PHE CA   C N S 234 
PHE C    C N N 235 
PHE O    O N N 236 
PHE CB   C N N 237 
PHE CG   C Y N 238 
PHE CD1  C Y N 239 
PHE CD2  C Y N 240 
PHE CE1  C Y N 241 
PHE CE2  C Y N 242 
PHE CZ   C Y N 243 
PHE OXT  O N N 244 
PHE H    H N N 245 
PHE H2   H N N 246 
PHE HA   H N N 247 
PHE HB2  H N N 248 
PHE HB3  H N N 249 
PHE HD1  H N N 250 
PHE HD2  H N N 251 
PHE HE1  H N N 252 
PHE HE2  H N N 253 
PHE HZ   H N N 254 
PHE HXT  H N N 255 
PRO N    N N N 256 
PRO CA   C N S 257 
PRO C    C N N 258 
PRO O    O N N 259 
PRO CB   C N N 260 
PRO CG   C N N 261 
PRO CD   C N N 262 
PRO OXT  O N N 263 
PRO H    H N N 264 
PRO HA   H N N 265 
PRO HB2  H N N 266 
PRO HB3  H N N 267 
PRO HG2  H N N 268 
PRO HG3  H N N 269 
PRO HD2  H N N 270 
PRO HD3  H N N 271 
PRO HXT  H N N 272 
SER N    N N N 273 
SER CA   C N S 274 
SER C    C N N 275 
SER O    O N N 276 
SER CB   C N N 277 
SER OG   O N N 278 
SER OXT  O N N 279 
SER H    H N N 280 
SER H2   H N N 281 
SER HA   H N N 282 
SER HB2  H N N 283 
SER HB3  H N N 284 
SER HG   H N N 285 
SER HXT  H N N 286 
THR N    N N N 287 
THR CA   C N S 288 
THR C    C N N 289 
THR O    O N N 290 
THR CB   C N R 291 
THR OG1  O N N 292 
THR CG2  C N N 293 
THR OXT  O N N 294 
THR H    H N N 295 
THR H2   H N N 296 
THR HA   H N N 297 
THR HB   H N N 298 
THR HG1  H N N 299 
THR HG21 H N N 300 
THR HG22 H N N 301 
THR HG23 H N N 302 
THR HXT  H N N 303 
TRP N    N N N 304 
TRP CA   C N S 305 
TRP C    C N N 306 
TRP O    O N N 307 
TRP CB   C N N 308 
TRP CG   C Y N 309 
TRP CD1  C Y N 310 
TRP CD2  C Y N 311 
TRP NE1  N Y N 312 
TRP CE2  C Y N 313 
TRP CE3  C Y N 314 
TRP CZ2  C Y N 315 
TRP CZ3  C Y N 316 
TRP CH2  C Y N 317 
TRP OXT  O N N 318 
TRP H    H N N 319 
TRP H2   H N N 320 
TRP HA   H N N 321 
TRP HB2  H N N 322 
TRP HB3  H N N 323 
TRP HD1  H N N 324 
TRP HE1  H N N 325 
TRP HE3  H N N 326 
TRP HZ2  H N N 327 
TRP HZ3  H N N 328 
TRP HH2  H N N 329 
TRP HXT  H N N 330 
TYR N    N N N 331 
TYR CA   C N S 332 
TYR C    C N N 333 
TYR O    O N N 334 
TYR CB   C N N 335 
TYR CG   C Y N 336 
TYR CD1  C Y N 337 
TYR CD2  C Y N 338 
TYR CE1  C Y N 339 
TYR CE2  C Y N 340 
TYR CZ   C Y N 341 
TYR OH   O N N 342 
TYR OXT  O N N 343 
TYR H    H N N 344 
TYR H2   H N N 345 
TYR HA   H N N 346 
TYR HB2  H N N 347 
TYR HB3  H N N 348 
TYR HD1  H N N 349 
TYR HD2  H N N 350 
TYR HE1  H N N 351 
TYR HE2  H N N 352 
TYR HH   H N N 353 
TYR HXT  H N N 354 
VAL N    N N N 355 
VAL CA   C N S 356 
VAL C    C N N 357 
VAL O    O N N 358 
VAL CB   C N N 359 
VAL CG1  C N N 360 
VAL CG2  C N N 361 
VAL OXT  O N N 362 
VAL H    H N N 363 
VAL H2   H N N 364 
VAL HA   H N N 365 
VAL HB   H N N 366 
VAL HG11 H N N 367 
VAL HG12 H N N 368 
VAL HG13 H N N 369 
VAL HG21 H N N 370 
VAL HG22 H N N 371 
VAL HG23 H N N 372 
VAL HXT  H N N 373 
# 
loop_
_chem_comp_bond.comp_id 
_chem_comp_bond.atom_id_1 
_chem_comp_bond.atom_id_2 
_chem_comp_bond.value_order 
_chem_comp_bond.pdbx_aromatic_flag 
_chem_comp_bond.pdbx_stereo_config 
_chem_comp_bond.pdbx_ordinal 
ALA N   CA   sing N N 1   
ALA N   H    sing N N 2   
ALA N   H2   sing N N 3   
ALA CA  C    sing N N 4   
ALA CA  CB   sing N N 5   
ALA CA  HA   sing N N 6   
ALA C   O    doub N N 7   
ALA C   OXT  sing N N 8   
ALA CB  HB1  sing N N 9   
ALA CB  HB2  sing N N 10  
ALA CB  HB3  sing N N 11  
ALA OXT HXT  sing N N 12  
ARG N   CA   sing N N 13  
ARG N   H    sing N N 14  
ARG N   H2   sing N N 15  
ARG CA  C    sing N N 16  
ARG CA  CB   sing N N 17  
ARG CA  HA   sing N N 18  
ARG C   O    doub N N 19  
ARG C   OXT  sing N N 20  
ARG CB  CG   sing N N 21  
ARG CB  HB2  sing N N 22  
ARG CB  HB3  sing N N 23  
ARG CG  CD   sing N N 24  
ARG CG  HG2  sing N N 25  
ARG CG  HG3  sing N N 26  
ARG CD  NE   sing N N 27  
ARG CD  HD2  sing N N 28  
ARG CD  HD3  sing N N 29  
ARG NE  CZ   sing N N 30  
ARG NE  HE   sing N N 31  
ARG CZ  NH1  sing N N 32  
ARG CZ  NH2  doub N N 33  
ARG NH1 HH11 sing N N 34  
ARG NH1 HH12 sing N N 35  
ARG NH2 HH21 sing N N 36  
ARG NH2 HH22 sing N N 37  
ARG OXT HXT  sing N N 38  
ASN N   CA   sing N N 39  
ASN N   H    sing N N 40  
ASN N   H2   sing N N 41  
ASN CA  C    sing N N 42  
ASN CA  CB   sing N N 43  
ASN CA  HA   sing N N 44  
ASN C   O    doub N N 45  
ASN C   OXT  sing N N 46  
ASN CB  CG   sing N N 47  
ASN CB  HB2  sing N N 48  
ASN CB  HB3  sing N N 49  
ASN CG  OD1  doub N N 50  
ASN CG  ND2  sing N N 51  
ASN ND2 HD21 sing N N 52  
ASN ND2 HD22 sing N N 53  
ASN OXT HXT  sing N N 54  
ASP N   CA   sing N N 55  
ASP N   H    sing N N 56  
ASP N   H2   sing N N 57  
ASP CA  C    sing N N 58  
ASP CA  CB   sing N N 59  
ASP CA  HA   sing N N 60  
ASP C   O    doub N N 61  
ASP C   OXT  sing N N 62  
ASP CB  CG   sing N N 63  
ASP CB  HB2  sing N N 64  
ASP CB  HB3  sing N N 65  
ASP CG  OD1  doub N N 66  
ASP CG  OD2  sing N N 67  
ASP OD2 HD2  sing N N 68  
ASP OXT HXT  sing N N 69  
GLN N   CA   sing N N 70  
GLN N   H    sing N N 71  
GLN N   H2   sing N N 72  
GLN CA  C    sing N N 73  
GLN CA  CB   sing N N 74  
GLN CA  HA   sing N N 75  
GLN C   O    doub N N 76  
GLN C   OXT  sing N N 77  
GLN CB  CG   sing N N 78  
GLN CB  HB2  sing N N 79  
GLN CB  HB3  sing N N 80  
GLN CG  CD   sing N N 81  
GLN CG  HG2  sing N N 82  
GLN CG  HG3  sing N N 83  
GLN CD  OE1  doub N N 84  
GLN CD  NE2  sing N N 85  
GLN NE2 HE21 sing N N 86  
GLN NE2 HE22 sing N N 87  
GLN OXT HXT  sing N N 88  
GLU N   CA   sing N N 89  
GLU N   H    sing N N 90  
GLU N   H2   sing N N 91  
GLU CA  C    sing N N 92  
GLU CA  CB   sing N N 93  
GLU CA  HA   sing N N 94  
GLU C   O    doub N N 95  
GLU C   OXT  sing N N 96  
GLU CB  CG   sing N N 97  
GLU CB  HB2  sing N N 98  
GLU CB  HB3  sing N N 99  
GLU CG  CD   sing N N 100 
GLU CG  HG2  sing N N 101 
GLU CG  HG3  sing N N 102 
GLU CD  OE1  doub N N 103 
GLU CD  OE2  sing N N 104 
GLU OE2 HE2  sing N N 105 
GLU OXT HXT  sing N N 106 
GLY N   CA   sing N N 107 
GLY N   H    sing N N 108 
GLY N   H2   sing N N 109 
GLY CA  C    sing N N 110 
GLY CA  HA2  sing N N 111 
GLY CA  HA3  sing N N 112 
GLY C   O    doub N N 113 
GLY C   OXT  sing N N 114 
GLY OXT HXT  sing N N 115 
HIS N   CA   sing N N 116 
HIS N   H    sing N N 117 
HIS N   H2   sing N N 118 
HIS CA  C    sing N N 119 
HIS CA  CB   sing N N 120 
HIS CA  HA   sing N N 121 
HIS C   O    doub N N 122 
HIS C   OXT  sing N N 123 
HIS CB  CG   sing N N 124 
HIS CB  HB2  sing N N 125 
HIS CB  HB3  sing N N 126 
HIS CG  ND1  sing Y N 127 
HIS CG  CD2  doub Y N 128 
HIS ND1 CE1  doub Y N 129 
HIS ND1 HD1  sing N N 130 
HIS CD2 NE2  sing Y N 131 
HIS CD2 HD2  sing N N 132 
HIS CE1 NE2  sing Y N 133 
HIS CE1 HE1  sing N N 134 
HIS NE2 HE2  sing N N 135 
HIS OXT HXT  sing N N 136 
ILE N   CA   sing N N 137 
ILE N   H    sing N N 138 
ILE N   H2   sing N N 139 
ILE CA  C    sing N N 140 
ILE CA  CB   sing N N 141 
ILE CA  HA   sing N N 142 
ILE C   O    doub N N 143 
ILE C   OXT  sing N N 144 
ILE CB  CG1  sing N N 145 
ILE CB  CG2  sing N N 146 
ILE CB  HB   sing N N 147 
ILE CG1 CD1  sing N N 148 
ILE CG1 HG12 sing N N 149 
ILE CG1 HG13 sing N N 150 
ILE CG2 HG21 sing N N 151 
ILE CG2 HG22 sing N N 152 
ILE CG2 HG23 sing N N 153 
ILE CD1 HD11 sing N N 154 
ILE CD1 HD12 sing N N 155 
ILE CD1 HD13 sing N N 156 
ILE OXT HXT  sing N N 157 
LEU N   CA   sing N N 158 
LEU N   H    sing N N 159 
LEU N   H2   sing N N 160 
LEU CA  C    sing N N 161 
LEU CA  CB   sing N N 162 
LEU CA  HA   sing N N 163 
LEU C   O    doub N N 164 
LEU C   OXT  sing N N 165 
LEU CB  CG   sing N N 166 
LEU CB  HB2  sing N N 167 
LEU CB  HB3  sing N N 168 
LEU CG  CD1  sing N N 169 
LEU CG  CD2  sing N N 170 
LEU CG  HG   sing N N 171 
LEU CD1 HD11 sing N N 172 
LEU CD1 HD12 sing N N 173 
LEU CD1 HD13 sing N N 174 
LEU CD2 HD21 sing N N 175 
LEU CD2 HD22 sing N N 176 
LEU CD2 HD23 sing N N 177 
LEU OXT HXT  sing N N 178 
LYS N   CA   sing N N 179 
LYS N   H    sing N N 180 
LYS N   H2   sing N N 181 
LYS CA  C    sing N N 182 
LYS CA  CB   sing N N 183 
LYS CA  HA   sing N N 184 
LYS C   O    doub N N 185 
LYS C   OXT  sing N N 186 
LYS CB  CG   sing N N 187 
LYS CB  HB2  sing N N 188 
LYS CB  HB3  sing N N 189 
LYS CG  CD   sing N N 190 
LYS CG  HG2  sing N N 191 
LYS CG  HG3  sing N N 192 
LYS CD  CE   sing N N 193 
LYS CD  HD2  sing N N 194 
LYS CD  HD3  sing N N 195 
LYS CE  NZ   sing N N 196 
LYS CE  HE2  sing N N 197 
LYS CE  HE3  sing N N 198 
LYS NZ  HZ1  sing N N 199 
LYS NZ  HZ2  sing N N 200 
LYS NZ  HZ3  sing N N 201 
LYS OXT HXT  sing N N 202 
MET N   CA   sing N N 203 
MET N   H    sing N N 204 
MET N   H2   sing N N 205 
MET CA  C    sing N N 206 
MET CA  CB   sing N N 207 
MET CA  HA   sing N N 208 
MET C   O    doub N N 209 
MET C   OXT  sing N N 210 
MET CB  CG   sing N N 211 
MET CB  HB2  sing N N 212 
MET CB  HB3  sing N N 213 
MET CG  SD   sing N N 214 
MET CG  HG2  sing N N 215 
MET CG  HG3  sing N N 216 
MET SD  CE   sing N N 217 
MET CE  HE1  sing N N 218 
MET CE  HE2  sing N N 219 
MET CE  HE3  sing N N 220 
MET OXT HXT  sing N N 221 
PHE N   CA   sing N N 222 
PHE N   H    sing N N 223 
PHE N   H2   sing N N 224 
PHE CA  C    sing N N 225 
PHE CA  CB   sing N N 226 
PHE CA  HA   sing N N 227 
PHE C   O    doub N N 228 
PHE C   OXT  sing N N 229 
PHE CB  CG   sing N N 230 
PHE CB  HB2  sing N N 231 
PHE CB  HB3  sing N N 232 
PHE CG  CD1  doub Y N 233 
PHE CG  CD2  sing Y N 234 
PHE CD1 CE1  sing Y N 235 
PHE CD1 HD1  sing N N 236 
PHE CD2 CE2  doub Y N 237 
PHE CD2 HD2  sing N N 238 
PHE CE1 CZ   doub Y N 239 
PHE CE1 HE1  sing N N 240 
PHE CE2 CZ   sing Y N 241 
PHE CE2 HE2  sing N N 242 
PHE CZ  HZ   sing N N 243 
PHE OXT HXT  sing N N 244 
PRO N   CA   sing N N 245 
PRO N   CD   sing N N 246 
PRO N   H    sing N N 247 
PRO CA  C    sing N N 248 
PRO CA  CB   sing N N 249 
PRO CA  HA   sing N N 250 
PRO C   O    doub N N 251 
PRO C   OXT  sing N N 252 
PRO CB  CG   sing N N 253 
PRO CB  HB2  sing N N 254 
PRO CB  HB3  sing N N 255 
PRO CG  CD   sing N N 256 
PRO CG  HG2  sing N N 257 
PRO CG  HG3  sing N N 258 
PRO CD  HD2  sing N N 259 
PRO CD  HD3  sing N N 260 
PRO OXT HXT  sing N N 261 
SER N   CA   sing N N 262 
SER N   H    sing N N 263 
SER N   H2   sing N N 264 
SER CA  C    sing N N 265 
SER CA  CB   sing N N 266 
SER CA  HA   sing N N 267 
SER C   O    doub N N 268 
SER C   OXT  sing N N 269 
SER CB  OG   sing N N 270 
SER CB  HB2  sing N N 271 
SER CB  HB3  sing N N 272 
SER OG  HG   sing N N 273 
SER OXT HXT  sing N N 274 
THR N   CA   sing N N 275 
THR N   H    sing N N 276 
THR N   H2   sing N N 277 
THR CA  C    sing N N 278 
THR CA  CB   sing N N 279 
THR CA  HA   sing N N 280 
THR C   O    doub N N 281 
THR C   OXT  sing N N 282 
THR CB  OG1  sing N N 283 
THR CB  CG2  sing N N 284 
THR CB  HB   sing N N 285 
THR OG1 HG1  sing N N 286 
THR CG2 HG21 sing N N 287 
THR CG2 HG22 sing N N 288 
THR CG2 HG23 sing N N 289 
THR OXT HXT  sing N N 290 
TRP N   CA   sing N N 291 
TRP N   H    sing N N 292 
TRP N   H2   sing N N 293 
TRP CA  C    sing N N 294 
TRP CA  CB   sing N N 295 
TRP CA  HA   sing N N 296 
TRP C   O    doub N N 297 
TRP C   OXT  sing N N 298 
TRP CB  CG   sing N N 299 
TRP CB  HB2  sing N N 300 
TRP CB  HB3  sing N N 301 
TRP CG  CD1  doub Y N 302 
TRP CG  CD2  sing Y N 303 
TRP CD1 NE1  sing Y N 304 
TRP CD1 HD1  sing N N 305 
TRP CD2 CE2  doub Y N 306 
TRP CD2 CE3  sing Y N 307 
TRP NE1 CE2  sing Y N 308 
TRP NE1 HE1  sing N N 309 
TRP CE2 CZ2  sing Y N 310 
TRP CE3 CZ3  doub Y N 311 
TRP CE3 HE3  sing N N 312 
TRP CZ2 CH2  doub Y N 313 
TRP CZ2 HZ2  sing N N 314 
TRP CZ3 CH2  sing Y N 315 
TRP CZ3 HZ3  sing N N 316 
TRP CH2 HH2  sing N N 317 
TRP OXT HXT  sing N N 318 
TYR N   CA   sing N N 319 
TYR N   H    sing N N 320 
TYR N   H2   sing N N 321 
TYR CA  C    sing N N 322 
TYR CA  CB   sing N N 323 
TYR CA  HA   sing N N 324 
TYR C   O    doub N N 325 
TYR C   OXT  sing N N 326 
TYR CB  CG   sing N N 327 
TYR CB  HB2  sing N N 328 
TYR CB  HB3  sing N N 329 
TYR CG  CD1  doub Y N 330 
TYR CG  CD2  sing Y N 331 
TYR CD1 CE1  sing Y N 332 
TYR CD1 HD1  sing N N 333 
TYR CD2 CE2  doub Y N 334 
TYR CD2 HD2  sing N N 335 
TYR CE1 CZ   doub Y N 336 
TYR CE1 HE1  sing N N 337 
TYR CE2 CZ   sing Y N 338 
TYR CE2 HE2  sing N N 339 
TYR CZ  OH   sing N N 340 
TYR OH  HH   sing N N 341 
TYR OXT HXT  sing N N 342 
VAL N   CA   sing N N 343 
VAL N   H    sing N N 344 
VAL N   H2   sing N N 345 
VAL CA  C    sing N N 346 
VAL CA  CB   sing N N 347 
VAL CA  HA   sing N N 348 
VAL C   O    doub N N 349 
VAL C   OXT  sing N N 350 
VAL CB  CG1  sing N N 351 
VAL CB  CG2  sing N N 352 
VAL CB  HB   sing N N 353 
VAL CG1 HG11 sing N N 354 
VAL CG1 HG12 sing N N 355 
VAL CG1 HG13 sing N N 356 
VAL CG2 HG21 sing N N 357 
VAL CG2 HG22 sing N N 358 
VAL CG2 HG23 sing N N 359 
VAL OXT HXT  sing N N 360 
# 
loop_
_pdbx_nmr_spectrometer.spectrometer_id 
_pdbx_nmr_spectrometer.model 
_pdbx_nmr_spectrometer.manufacturer 
_pdbx_nmr_spectrometer.field_strength 
1 DMX500 Bruker 500 
2 DMX600 Bruker 600 
# 
_atom_sites.entry_id                    1BBY 
_atom_sites.fract_transf_matrix[1][1]   1.000000 
_atom_sites.fract_transf_matrix[1][2]   0.000000 
_atom_sites.fract_transf_matrix[1][3]   0.000000 
_atom_sites.fract_transf_matrix[2][1]   0.000000 
_atom_sites.fract_transf_matrix[2][2]   1.000000 
_atom_sites.fract_transf_matrix[2][3]   0.000000 
_atom_sites.fract_transf_matrix[3][1]   0.000000 
_atom_sites.fract_transf_matrix[3][2]   0.000000 
_atom_sites.fract_transf_matrix[3][3]   1.000000 
_atom_sites.fract_transf_vector[1]      0.00000 
_atom_sites.fract_transf_vector[2]      0.00000 
_atom_sites.fract_transf_vector[3]      0.00000 
# 
loop_
_atom_type.symbol 
C 
H 
N 
O 
S 
# 
loop_
_atom_site.group_PDB 
_atom_site.id 
_atom_site.type_symbol 
_atom_site.label_atom_id 
_atom_site.label_alt_id 
_atom_site.label_comp_id 
_atom_site.label_asym_id 
_atom_site.label_entity_id 
_atom_site.label_seq_id 
_atom_site.pdbx_PDB_ins_code 
_atom_site.Cartn_x 
_atom_site.Cartn_y 
_atom_site.Cartn_z 
_atom_site.occupancy 
_atom_site.B_iso_or_equiv 
_atom_site.pdbx_formal_charge 
_atom_site.auth_seq_id 
_atom_site.auth_comp_id 
_atom_site.auth_asym_id 
_atom_site.auth_atom_id 
_atom_site.pdbx_PDB_model_num 
ATOM 1    N N    . ARG A 1 1  ? 9.149   -14.932 -10.381 1.00 3.15 ? 175 ARG A N    1 
ATOM 2    C CA   . ARG A 1 1  ? 9.421   -13.492 -10.641 1.00 2.43 ? 175 ARG A CA   1 
ATOM 3    C C    . ARG A 1 1  ? 9.259   -12.687 -9.350  1.00 1.41 ? 175 ARG A C    1 
ATOM 4    O O    . ARG A 1 1  ? 9.524   -13.151 -8.259  1.00 1.70 ? 175 ARG A O    1 
ATOM 5    C CB   . ARG A 1 1  ? 8.450   -12.970 -11.732 1.00 3.15 ? 175 ARG A CB   1 
ATOM 6    C CG   . ARG A 1 1  ? 7.023   -12.680 -11.159 1.00 3.31 ? 175 ARG A CG   1 
ATOM 7    C CD   . ARG A 1 1  ? 6.682   -11.162 -11.143 1.00 3.80 ? 175 ARG A CD   1 
ATOM 8    N NE   . ARG A 1 1  ? 5.721   -10.927 -12.270 1.00 4.58 ? 175 ARG A NE   1 
ATOM 9    C CZ   . ARG A 1 1  ? 5.987   -10.136 -13.254 1.00 5.23 ? 175 ARG A CZ   1 
ATOM 10   N NH1  . ARG A 1 1  ? 7.007   -9.317  -13.191 1.00 5.33 ? 175 ARG A NH1  1 
ATOM 11   N NH2  . ARG A 1 1  ? 5.208   -10.122 -14.296 1.00 6.09 ? 175 ARG A NH2  1 
ATOM 12   H H    . ARG A 1 1  ? 9.396   -15.604 -11.055 1.00 3.57 ? 175 ARG A H    1 
ATOM 13   H HA   . ARG A 1 1  ? 10.432  -13.382 -10.996 1.00 2.69 ? 175 ARG A HA   1 
ATOM 14   H HB2  . ARG A 1 1  ? 8.864   -12.077 -12.174 1.00 3.53 ? 175 ARG A HB2  1 
ATOM 15   H HB3  . ARG A 1 1  ? 8.371   -13.724 -12.503 1.00 3.68 ? 175 ARG A HB3  1 
ATOM 16   H HG2  . ARG A 1 1  ? 6.291   -13.181 -11.780 1.00 3.28 ? 175 ARG A HG2  1 
ATOM 17   H HG3  . ARG A 1 1  ? 6.937   -13.078 -10.169 1.00 3.54 ? 175 ARG A HG3  1 
ATOM 18   H HD2  . ARG A 1 1  ? 6.168   -10.900 -10.256 1.00 3.79 ? 175 ARG A HD2  1 
ATOM 19   H HD3  . ARG A 1 1  ? 7.589   -10.556 -11.199 1.00 4.02 ? 175 ARG A HD3  1 
ATOM 20   H HE   . ARG A 1 1  ? 4.891   -11.442 -12.292 1.00 4.85 ? 175 ARG A HE   1 
ATOM 21   H HH11 . ARG A 1 1  ? 7.583   -9.293  -12.378 1.00 4.92 ? 175 ARG A HH11 1 
ATOM 22   H HH12 . ARG A 1 1  ? 7.209   -8.713  -13.961 1.00 6.01 ? 175 ARG A HH12 1 
ATOM 23   H HH21 . ARG A 1 1  ? 4.409   -10.722 -14.327 1.00 6.31 ? 175 ARG A HH21 1 
ATOM 24   H HH22 . ARG A 1 1  ? 5.416   -9.523  -15.067 1.00 6.67 ? 175 ARG A HH22 1 
ATOM 25   N N    . ALA A 1 2  ? 8.828   -11.476 -9.497  1.00 1.23 ? 176 ALA A N    1 
ATOM 26   C CA   . ALA A 1 2  ? 8.620   -10.563 -8.344  1.00 1.29 ? 176 ALA A CA   1 
ATOM 27   C C    . ALA A 1 2  ? 7.242   -10.783 -7.698  1.00 0.97 ? 176 ALA A C    1 
ATOM 28   O O    . ALA A 1 2  ? 6.830   -10.022 -6.852  1.00 0.90 ? 176 ALA A O    1 
ATOM 29   C CB   . ALA A 1 2  ? 8.707   -9.124  -8.851  1.00 2.49 ? 176 ALA A CB   1 
ATOM 30   H H    . ALA A 1 2  ? 8.646   -11.156 -10.393 1.00 1.92 ? 176 ALA A H    1 
ATOM 31   H HA   . ALA A 1 2  ? 9.392   -10.728 -7.609  1.00 1.50 ? 176 ALA A HA   1 
ATOM 32   H HB1  . ALA A 1 2  ? 9.551   -9.029  -9.518  1.00 2.95 ? 176 ALA A HB1  1 
ATOM 33   H HB2  . ALA A 1 2  ? 7.799   -8.875  -9.384  1.00 2.98 ? 176 ALA A HB2  1 
ATOM 34   H HB3  . ALA A 1 2  ? 8.828   -8.453  -8.016  1.00 2.98 ? 176 ALA A HB3  1 
ATOM 35   N N    . ARG A 1 3  ? 6.520   -11.812 -8.054  1.00 0.86 ? 177 ARG A N    1 
ATOM 36   C CA   . ARG A 1 3  ? 5.199   -12.014 -7.391  1.00 0.63 ? 177 ARG A CA   1 
ATOM 37   C C    . ARG A 1 3  ? 5.498   -12.418 -5.967  1.00 0.50 ? 177 ARG A C    1 
ATOM 38   O O    . ARG A 1 3  ? 4.733   -12.173 -5.054  1.00 0.42 ? 177 ARG A O    1 
ATOM 39   C CB   . ARG A 1 3  ? 4.386   -13.115 -8.073  1.00 0.70 ? 177 ARG A CB   1 
ATOM 40   C CG   . ARG A 1 3  ? 2.991   -13.257 -7.380  1.00 0.69 ? 177 ARG A CG   1 
ATOM 41   C CD   . ARG A 1 3  ? 1.864   -13.102 -8.401  1.00 1.47 ? 177 ARG A CD   1 
ATOM 42   N NE   . ARG A 1 3  ? 0.589   -13.590 -7.758  1.00 2.14 ? 177 ARG A NE   1 
ATOM 43   C CZ   . ARG A 1 3  ? -0.258  -14.341 -8.393  1.00 2.75 ? 177 ARG A CZ   1 
ATOM 44   N NH1  . ARG A 1 3  ? 0.089   -14.912 -9.516  1.00 3.02 ? 177 ARG A NH1  1 
ATOM 45   N NH2  . ARG A 1 3  ? -1.438  -14.573 -7.886  1.00 3.62 ? 177 ARG A NH2  1 
ATOM 46   H H    . ARG A 1 3  ? 6.844   -12.442 -8.718  1.00 0.98 ? 177 ARG A H    1 
ATOM 47   H HA   . ARG A 1 3  ? 4.644   -11.086 -7.397  1.00 0.65 ? 177 ARG A HA   1 
ATOM 48   H HB2  . ARG A 1 3  ? 4.270   -12.861 -9.117  1.00 1.10 ? 177 ARG A HB2  1 
ATOM 49   H HB3  . ARG A 1 3  ? 4.925   -14.049 -7.996  1.00 0.87 ? 177 ARG A HB3  1 
ATOM 50   H HG2  . ARG A 1 3  ? 2.914   -14.234 -6.920  1.00 1.00 ? 177 ARG A HG2  1 
ATOM 51   H HG3  . ARG A 1 3  ? 2.877   -12.503 -6.612  1.00 1.11 ? 177 ARG A HG3  1 
ATOM 52   H HD2  . ARG A 1 3  ? 1.715   -12.079 -8.634  1.00 2.03 ? 177 ARG A HD2  1 
ATOM 53   H HD3  . ARG A 1 3  ? 2.141   -13.623 -9.324  1.00 1.96 ? 177 ARG A HD3  1 
ATOM 54   H HE   . ARG A 1 3  ? 0.358   -13.266 -6.863  1.00 2.62 ? 177 ARG A HE   1 
ATOM 55   H HH11 . ARG A 1 3  ? 1.004   -14.774 -9.889  1.00 2.79 ? 177 ARG A HH11 1 
ATOM 56   H HH12 . ARG A 1 3  ? -0.565  -15.489 -10.006 1.00 3.79 ? 177 ARG A HH12 1 
ATOM 57   H HH21 . ARG A 1 3  ? -1.694  -14.174 -7.006  1.00 3.93 ? 177 ARG A HH21 1 
ATOM 58   H HH22 . ARG A 1 3  ? -2.088  -15.148 -8.382  1.00 4.21 ? 177 ARG A HH22 1 
ATOM 59   N N    . ALA A 1 4  ? 6.647   -12.993 -5.770  1.00 0.57 ? 178 ALA A N    1 
ATOM 60   C CA   . ALA A 1 4  ? 7.054   -13.374 -4.407  1.00 0.55 ? 178 ALA A CA   1 
ATOM 61   C C    . ALA A 1 4  ? 7.106   -12.080 -3.617  1.00 0.41 ? 178 ALA A C    1 
ATOM 62   O O    . ALA A 1 4  ? 6.656   -11.998 -2.491  1.00 0.42 ? 178 ALA A O    1 
ATOM 63   C CB   . ALA A 1 4  ? 8.442   -14.011 -4.455  1.00 0.71 ? 178 ALA A CB   1 
ATOM 64   H H    . ALA A 1 4  ? 7.255   -13.142 -6.524  1.00 0.69 ? 178 ALA A H    1 
ATOM 65   H HA   . ALA A 1 4  ? 6.337   -14.055 -3.974  1.00 0.60 ? 178 ALA A HA   1 
ATOM 66   H HB1  . ALA A 1 4  ? 9.122   -13.344 -4.969  1.00 1.32 ? 178 ALA A HB1  1 
ATOM 67   H HB2  . ALA A 1 4  ? 8.795   -14.180 -3.451  1.00 1.18 ? 178 ALA A HB2  1 
ATOM 68   H HB3  . ALA A 1 4  ? 8.390   -14.948 -4.987  1.00 1.25 ? 178 ALA A HB3  1 
ATOM 69   N N    . ASP A 1 5  ? 7.621   -11.050 -4.231  1.00 0.36 ? 179 ASP A N    1 
ATOM 70   C CA   . ASP A 1 5  ? 7.665   -9.738  -3.552  1.00 0.33 ? 179 ASP A CA   1 
ATOM 71   C C    . ASP A 1 5  ? 6.229   -9.259  -3.354  1.00 0.28 ? 179 ASP A C    1 
ATOM 72   O O    . ASP A 1 5  ? 5.863   -8.805  -2.307  1.00 0.28 ? 179 ASP A O    1 
ATOM 73   C CB   . ASP A 1 5  ? 8.427   -8.721  -4.407  1.00 0.44 ? 179 ASP A CB   1 
ATOM 74   C CG   . ASP A 1 5  ? 9.910   -9.094  -4.458  1.00 0.48 ? 179 ASP A CG   1 
ATOM 75   O OD1  . ASP A 1 5  ? 10.273  -10.081 -3.840  1.00 1.17 ? 179 ASP A OD1  1 
ATOM 76   O OD2  . ASP A 1 5  ? 10.655  -8.389  -5.118  1.00 1.20 ? 179 ASP A OD2  1 
ATOM 77   H H    . ASP A 1 5  ? 7.946   -11.140 -5.151  1.00 0.43 ? 179 ASP A H    1 
ATOM 78   H HA   . ASP A 1 5  ? 8.149   -9.842  -2.595  1.00 0.36 ? 179 ASP A HA   1 
ATOM 79   H HB2  . ASP A 1 5  ? 8.024   -8.713  -5.404  1.00 0.50 ? 179 ASP A HB2  1 
ATOM 80   H HB3  . ASP A 1 5  ? 8.322   -7.740  -3.972  1.00 0.53 ? 179 ASP A HB3  1 
ATOM 81   N N    . LYS A 1 6  ? 5.405   -9.362  -4.358  1.00 0.29 ? 180 LYS A N    1 
ATOM 82   C CA   . LYS A 1 6  ? 3.990   -8.907  -4.205  1.00 0.29 ? 180 LYS A CA   1 
ATOM 83   C C    . LYS A 1 6  ? 3.368   -9.527  -2.958  1.00 0.25 ? 180 LYS A C    1 
ATOM 84   O O    . LYS A 1 6  ? 2.986   -8.843  -2.028  1.00 0.24 ? 180 LYS A O    1 
ATOM 85   C CB   . LYS A 1 6  ? 3.178   -9.330  -5.435  1.00 0.35 ? 180 LYS A CB   1 
ATOM 86   C CG   . LYS A 1 6  ? 1.715   -8.886  -5.279  1.00 0.35 ? 180 LYS A CG   1 
ATOM 87   C CD   . LYS A 1 6  ? 0.942   -9.219  -6.559  1.00 0.54 ? 180 LYS A CD   1 
ATOM 88   C CE   . LYS A 1 6  ? -0.517  -8.783  -6.416  1.00 1.08 ? 180 LYS A CE   1 
ATOM 89   N NZ   . LYS A 1 6  ? -1.158  -8.751  -7.762  1.00 1.50 ? 180 LYS A NZ   1 
ATOM 90   H H    . LYS A 1 6  ? 5.713   -9.739  -5.207  1.00 0.33 ? 180 LYS A H    1 
ATOM 91   H HA   . LYS A 1 6  ? 3.971   -7.835  -4.112  1.00 0.31 ? 180 LYS A HA   1 
ATOM 92   H HB2  . LYS A 1 6  ? 3.598   -8.870  -6.318  1.00 0.41 ? 180 LYS A HB2  1 
ATOM 93   H HB3  . LYS A 1 6  ? 3.214   -10.402 -5.537  1.00 0.35 ? 180 LYS A HB3  1 
ATOM 94   H HG2  . LYS A 1 6  ? 1.264   -9.407  -4.446  1.00 0.37 ? 180 LYS A HG2  1 
ATOM 95   H HG3  . LYS A 1 6  ? 1.676   -7.823  -5.104  1.00 0.45 ? 180 LYS A HG3  1 
ATOM 96   H HD2  . LYS A 1 6  ? 1.393   -8.701  -7.395  1.00 0.99 ? 180 LYS A HD2  1 
ATOM 97   H HD3  . LYS A 1 6  ? 0.982   -10.283 -6.735  1.00 0.72 ? 180 LYS A HD3  1 
ATOM 98   H HE2  . LYS A 1 6  ? -1.043  -9.483  -5.784  1.00 1.48 ? 180 LYS A HE2  1 
ATOM 99   H HE3  . LYS A 1 6  ? -0.559  -7.798  -5.973  1.00 1.77 ? 180 LYS A HE3  1 
ATOM 100  H HZ1  . LYS A 1 6  ? -0.628  -9.360  -8.414  1.00 2.10 ? 180 LYS A HZ1  1 
ATOM 101  H HZ2  . LYS A 1 6  ? -2.138  -9.091  -7.689  1.00 1.93 ? 180 LYS A HZ2  1 
ATOM 102  H HZ3  . LYS A 1 6  ? -1.157  -7.774  -8.121  1.00 1.81 ? 180 LYS A HZ3  1 
ATOM 103  N N    . GLN A 1 7  ? 3.246   -10.819 -2.947  1.00 0.26 ? 181 GLN A N    1 
ATOM 104  C CA   . GLN A 1 7  ? 2.623   -11.503 -1.786  1.00 0.26 ? 181 GLN A CA   1 
ATOM 105  C C    . GLN A 1 7  ? 3.382   -11.090 -0.518  1.00 0.23 ? 181 GLN A C    1 
ATOM 106  O O    . GLN A 1 7  ? 2.812   -10.663 0.464   1.00 0.24 ? 181 GLN A O    1 
ATOM 107  C CB   . GLN A 1 7  ? 2.745   -13.019 -2.013  1.00 0.30 ? 181 GLN A CB   1 
ATOM 108  C CG   . GLN A 1 7  ? 1.637   -13.764 -1.270  1.00 0.39 ? 181 GLN A CG   1 
ATOM 109  C CD   . GLN A 1 7  ? 1.651   -13.437 0.216   1.00 1.27 ? 181 GLN A CD   1 
ATOM 110  O OE1  . GLN A 1 7  ? 2.094   -14.229 1.020   1.00 2.24 ? 181 GLN A OE1  1 
ATOM 111  N NE2  . GLN A 1 7  ? 1.157   -12.304 0.616   1.00 1.52 ? 181 GLN A NE2  1 
ATOM 112  H H    . GLN A 1 7  ? 3.547   -11.342 -3.717  1.00 0.29 ? 181 GLN A H    1 
ATOM 113  H HA   . GLN A 1 7  ? 1.584   -11.221 -1.702  1.00 0.28 ? 181 GLN A HA   1 
ATOM 114  H HB2  . GLN A 1 7  ? 2.666   -13.227 -3.069  1.00 0.35 ? 181 GLN A HB2  1 
ATOM 115  H HB3  . GLN A 1 7  ? 3.706   -13.365 -1.656  1.00 0.32 ? 181 GLN A HB3  1 
ATOM 116  H HG2  . GLN A 1 7  ? 0.688   -13.461 -1.681  1.00 1.12 ? 181 GLN A HG2  1 
ATOM 117  H HG3  . GLN A 1 7  ? 1.767   -14.825 -1.405  1.00 1.11 ? 181 GLN A HG3  1 
ATOM 118  H HE21 . GLN A 1 7  ? 0.786   -11.675 -0.038  1.00 1.22 ? 181 GLN A HE21 1 
ATOM 119  H HE22 . GLN A 1 7  ? 1.155   -12.079 1.567   1.00 2.33 ? 181 GLN A HE22 1 
ATOM 120  N N    . HIS A 1 8  ? 4.676   -11.201 -0.553  1.00 0.23 ? 182 HIS A N    1 
ATOM 121  C CA   . HIS A 1 8  ? 5.502   -10.822 0.620   1.00 0.24 ? 182 HIS A CA   1 
ATOM 122  C C    . HIS A 1 8  ? 5.356   -9.324  0.904   1.00 0.20 ? 182 HIS A C    1 
ATOM 123  O O    . HIS A 1 8  ? 5.387   -8.889  2.039   1.00 0.20 ? 182 HIS A O    1 
ATOM 124  C CB   . HIS A 1 8  ? 6.951   -11.152 0.286   1.00 0.29 ? 182 HIS A CB   1 
ATOM 125  C CG   . HIS A 1 8  ? 7.841   -10.791 1.432   1.00 0.32 ? 182 HIS A CG   1 
ATOM 126  N ND1  . HIS A 1 8  ? 7.523   -11.086 2.746   1.00 0.62 ? 182 HIS A ND1  1 
ATOM 127  C CD2  . HIS A 1 8  ? 9.057   -10.167 1.467   1.00 0.48 ? 182 HIS A CD2  1 
ATOM 128  C CE1  . HIS A 1 8  ? 8.534   -10.643 3.514   1.00 0.55 ? 182 HIS A CE1  1 
ATOM 129  N NE2  . HIS A 1 8  ? 9.497   -10.072 2.784   1.00 0.42 ? 182 HIS A NE2  1 
ATOM 130  H H    . HIS A 1 8  ? 5.115   -11.533 -1.364  1.00 0.25 ? 182 HIS A H    1 
ATOM 131  H HA   . HIS A 1 8  ? 5.192   -11.389 1.484   1.00 0.26 ? 182 HIS A HA   1 
ATOM 132  H HB2  . HIS A 1 8  ? 7.038   -12.207 0.081   1.00 0.33 ? 182 HIS A HB2  1 
ATOM 133  H HB3  . HIS A 1 8  ? 7.247   -10.592 -0.586  1.00 0.29 ? 182 HIS A HB3  1 
ATOM 134  H HD1  . HIS A 1 8  ? 6.710   -11.535 3.058   1.00 0.94 ? 182 HIS A HD1  1 
ATOM 135  H HD2  . HIS A 1 8  ? 9.589   -9.805  0.601   1.00 0.82 ? 182 HIS A HD2  1 
ATOM 136  H HE1  . HIS A 1 8  ? 8.564   -10.737 4.590   1.00 0.79 ? 182 HIS A HE1  1 
ATOM 137  N N    . VAL A 1 9  ? 5.200   -8.535  -0.117  1.00 0.19 ? 183 VAL A N    1 
ATOM 138  C CA   . VAL A 1 9  ? 5.055   -7.073  0.086   1.00 0.18 ? 183 VAL A CA   1 
ATOM 139  C C    . VAL A 1 9  ? 3.696   -6.790  0.715   1.00 0.16 ? 183 VAL A C    1 
ATOM 140  O O    . VAL A 1 9  ? 3.571   -5.906  1.540   1.00 0.17 ? 183 VAL A O    1 
ATOM 141  C CB   . VAL A 1 9  ? 5.186   -6.337  -1.263  1.00 0.22 ? 183 VAL A CB   1 
ATOM 142  C CG1  . VAL A 1 9  ? 4.730   -4.863  -1.107  1.00 0.26 ? 183 VAL A CG1  1 
ATOM 143  C CG2  . VAL A 1 9  ? 6.663   -6.393  -1.747  1.00 0.28 ? 183 VAL A CG2  1 
ATOM 144  H H    . VAL A 1 9  ? 5.176   -8.907  -1.024  1.00 0.20 ? 183 VAL A H    1 
ATOM 145  H HA   . VAL A 1 9  ? 5.832   -6.731  0.753   1.00 0.20 ? 183 VAL A HA   1 
ATOM 146  H HB   . VAL A 1 9  ? 4.552   -6.826  -1.990  1.00 0.24 ? 183 VAL A HB   1 
ATOM 147  H HG11 . VAL A 1 9  ? 4.929   -4.522  -0.100  1.00 1.04 ? 183 VAL A HG11 1 
ATOM 148  H HG12 . VAL A 1 9  ? 5.261   -4.235  -1.808  1.00 1.01 ? 183 VAL A HG12 1 
ATOM 149  H HG13 . VAL A 1 9  ? 3.671   -4.792  -1.302  1.00 1.04 ? 183 VAL A HG13 1 
ATOM 150  H HG21 . VAL A 1 9  ? 7.175   -7.227  -1.287  1.00 1.05 ? 183 VAL A HG21 1 
ATOM 151  H HG22 . VAL A 1 9  ? 6.684   -6.516  -2.822  1.00 1.07 ? 183 VAL A HG22 1 
ATOM 152  H HG23 . VAL A 1 9  ? 7.178   -5.480  -1.484  1.00 0.99 ? 183 VAL A HG23 1 
ATOM 153  N N    . LEU A 1 10 ? 2.668   -7.525  0.365   1.00 0.17 ? 184 LEU A N    1 
ATOM 154  C CA   . LEU A 1 10 ? 1.365   -7.236  1.009   1.00 0.18 ? 184 LEU A CA   1 
ATOM 155  C C    . LEU A 1 10 ? 1.539   -7.412  2.515   1.00 0.18 ? 184 LEU A C    1 
ATOM 156  O O    . LEU A 1 10 ? 1.066   -6.614  3.298   1.00 0.19 ? 184 LEU A O    1 
ATOM 157  C CB   . LEU A 1 10 ? 0.272   -8.185  0.494   1.00 0.23 ? 184 LEU A CB   1 
ATOM 158  C CG   . LEU A 1 10 ? -0.098  -7.872  -0.971  1.00 0.25 ? 184 LEU A CG   1 
ATOM 159  C CD1  . LEU A 1 10 ? -1.025  -8.991  -1.505  1.00 0.30 ? 184 LEU A CD1  1 
ATOM 160  C CD2  . LEU A 1 10 ? -0.823  -6.515  -1.061  1.00 0.31 ? 184 LEU A CD2  1 
ATOM 161  H H    . LEU A 1 10 ? 2.757   -8.261  -0.295  1.00 0.18 ? 184 LEU A H    1 
ATOM 162  H HA   . LEU A 1 10 ? 1.092   -6.216  0.815   1.00 0.19 ? 184 LEU A HA   1 
ATOM 163  H HB2  . LEU A 1 10 ? 0.626   -9.202  0.558   1.00 0.25 ? 184 LEU A HB2  1 
ATOM 164  H HB3  . LEU A 1 10 ? -0.610  -8.078  1.110   1.00 0.26 ? 184 LEU A HB3  1 
ATOM 165  H HG   . LEU A 1 10 ? 0.803   -7.840  -1.568  1.00 0.26 ? 184 LEU A HG   1 
ATOM 166  H HD11 . LEU A 1 10 ? -1.654  -9.362  -0.704  1.00 1.10 ? 184 LEU A HD11 1 
ATOM 167  H HD12 . LEU A 1 10 ? -1.655  -8.617  -2.299  1.00 1.02 ? 184 LEU A HD12 1 
ATOM 168  H HD13 . LEU A 1 10 ? -0.419  -9.802  -1.883  1.00 1.07 ? 184 LEU A HD13 1 
ATOM 169  H HD21 . LEU A 1 10 ? -1.575  -6.455  -0.285  1.00 1.06 ? 184 LEU A HD21 1 
ATOM 170  H HD22 . LEU A 1 10 ? -0.119  -5.709  -0.944  1.00 1.11 ? 184 LEU A HD22 1 
ATOM 171  H HD23 . LEU A 1 10 ? -1.289  -6.422  -2.024  1.00 0.97 ? 184 LEU A HD23 1 
ATOM 172  N N    . ASP A 1 11 ? 2.238   -8.434  2.929   1.00 0.19 ? 185 ASP A N    1 
ATOM 173  C CA   . ASP A 1 11 ? 2.454   -8.638  4.388   1.00 0.21 ? 185 ASP A CA   1 
ATOM 174  C C    . ASP A 1 11 ? 3.020   -7.353  4.994   1.00 0.18 ? 185 ASP A C    1 
ATOM 175  O O    . ASP A 1 11 ? 2.629   -6.935  6.066   1.00 0.20 ? 185 ASP A O    1 
ATOM 176  C CB   . ASP A 1 11 ? 3.443   -9.786  4.614   1.00 0.24 ? 185 ASP A CB   1 
ATOM 177  C CG   . ASP A 1 11 ? 2.787   -11.112 4.229   1.00 0.29 ? 185 ASP A CG   1 
ATOM 178  O OD1  . ASP A 1 11 ? 1.876   -11.087 3.419   1.00 1.07 ? 185 ASP A OD1  1 
ATOM 179  O OD2  . ASP A 1 11 ? 3.206   -12.132 4.754   1.00 1.17 ? 185 ASP A OD2  1 
ATOM 180  H H    . ASP A 1 11 ? 2.633   -9.057  2.279   1.00 0.19 ? 185 ASP A H    1 
ATOM 181  H HA   . ASP A 1 11 ? 1.512   -8.874  4.862   1.00 0.24 ? 185 ASP A HA   1 
ATOM 182  H HB2  . ASP A 1 11 ? 4.322   -9.627  4.006   1.00 0.23 ? 185 ASP A HB2  1 
ATOM 183  H HB3  . ASP A 1 11 ? 3.728   -9.817  5.654   1.00 0.26 ? 185 ASP A HB3  1 
ATOM 184  N N    . MET A 1 12 ? 3.938   -6.718  4.313   1.00 0.16 ? 186 MET A N    1 
ATOM 185  C CA   . MET A 1 12 ? 4.523   -5.456  4.853   1.00 0.17 ? 186 MET A CA   1 
ATOM 186  C C    . MET A 1 12 ? 3.435   -4.389  4.962   1.00 0.15 ? 186 MET A C    1 
ATOM 187  O O    . MET A 1 12 ? 3.401   -3.620  5.902   1.00 0.17 ? 186 MET A O    1 
ATOM 188  C CB   . MET A 1 12 ? 5.635   -4.956  3.922   1.00 0.18 ? 186 MET A CB   1 
ATOM 189  C CG   . MET A 1 12 ? 6.802   -5.948  3.918   1.00 0.22 ? 186 MET A CG   1 
ATOM 190  S SD   . MET A 1 12 ? 7.550   -6.012  5.571   1.00 0.28 ? 186 MET A SD   1 
ATOM 191  C CE   . MET A 1 12 ? 9.111   -6.832  5.141   1.00 1.14 ? 186 MET A CE   1 
ATOM 192  H H    . MET A 1 12 ? 4.240   -7.070  3.448   1.00 0.17 ? 186 MET A H    1 
ATOM 193  H HA   . MET A 1 12 ? 4.930   -5.644  5.833   1.00 0.19 ? 186 MET A HA   1 
ATOM 194  H HB2  . MET A 1 12 ? 5.247   -4.856  2.919   1.00 0.16 ? 186 MET A HB2  1 
ATOM 195  H HB3  . MET A 1 12 ? 5.986   -3.995  4.266   1.00 0.20 ? 186 MET A HB3  1 
ATOM 196  H HG2  . MET A 1 12 ? 6.442   -6.928  3.646   1.00 0.23 ? 186 MET A HG2  1 
ATOM 197  H HG3  . MET A 1 12 ? 7.539   -5.621  3.199   1.00 0.25 ? 186 MET A HG3  1 
ATOM 198  H HE1  . MET A 1 12 ? 9.160   -7.000  4.076   1.00 1.67 ? 186 MET A HE1  1 
ATOM 199  H HE2  . MET A 1 12 ? 9.937   -6.206  5.449   1.00 1.75 ? 186 MET A HE2  1 
ATOM 200  H HE3  . MET A 1 12 ? 9.173   -7.778  5.653   1.00 1.66 ? 186 MET A HE3  1 
ATOM 201  N N    . LEU A 1 13 ? 2.547   -4.330  4.010   1.00 0.12 ? 187 LEU A N    1 
ATOM 202  C CA   . LEU A 1 13 ? 1.469   -3.305  4.072   1.00 0.12 ? 187 LEU A CA   1 
ATOM 203  C C    . LEU A 1 13 ? 0.585   -3.574  5.288   1.00 0.12 ? 187 LEU A C    1 
ATOM 204  O O    . LEU A 1 13 ? 0.270   -2.678  6.044   1.00 0.12 ? 187 LEU A O    1 
ATOM 205  C CB   . LEU A 1 13 ? 0.612   -3.371  2.802   1.00 0.12 ? 187 LEU A CB   1 
ATOM 206  C CG   . LEU A 1 13 ? 1.474   -3.191  1.546   1.00 0.14 ? 187 LEU A CG   1 
ATOM 207  C CD1  . LEU A 1 13 ? 0.548   -3.075  0.330   1.00 0.16 ? 187 LEU A CD1  1 
ATOM 208  C CD2  . LEU A 1 13 ? 2.323   -1.917  1.657   1.00 0.18 ? 187 LEU A CD2  1 
ATOM 209  H H    . LEU A 1 13 ? 2.589   -4.956  3.259   1.00 0.13 ? 187 LEU A H    1 
ATOM 210  H HA   . LEU A 1 13 ? 1.904   -2.322  4.171   1.00 0.13 ? 187 LEU A HA   1 
ATOM 211  H HB2  . LEU A 1 13 ? 0.118   -4.328  2.757   1.00 0.14 ? 187 LEU A HB2  1 
ATOM 212  H HB3  . LEU A 1 13 ? -0.130  -2.591  2.830   1.00 0.14 ? 187 LEU A HB3  1 
ATOM 213  H HG   . LEU A 1 13 ? 2.119   -4.050  1.427   1.00 0.17 ? 187 LEU A HG   1 
ATOM 214  H HD11 . LEU A 1 13 ? -0.233  -3.817  0.398   1.00 0.99 ? 187 LEU A HD11 1 
ATOM 215  H HD12 . LEU A 1 13 ? 0.104   -2.091  0.310   1.00 1.05 ? 187 LEU A HD12 1 
ATOM 216  H HD13 . LEU A 1 13 ? 1.117   -3.232  -0.572  1.00 1.04 ? 187 LEU A HD13 1 
ATOM 217  H HD21 . LEU A 1 13 ? 1.733   -1.126  2.097   1.00 1.04 ? 187 LEU A HD21 1 
ATOM 218  H HD22 . LEU A 1 13 ? 3.187   -2.111  2.277   1.00 1.00 ? 187 LEU A HD22 1 
ATOM 219  H HD23 . LEU A 1 13 ? 2.653   -1.614  0.673   1.00 1.00 ? 187 LEU A HD23 1 
ATOM 220  N N    . PHE A 1 14 ? 0.185   -4.798  5.496   1.00 0.13 ? 188 PHE A N    1 
ATOM 221  C CA   . PHE A 1 14 ? -0.673  -5.085  6.673   1.00 0.14 ? 188 PHE A CA   1 
ATOM 222  C C    . PHE A 1 14 ? 0.043   -4.615  7.933   1.00 0.14 ? 188 PHE A C    1 
ATOM 223  O O    . PHE A 1 14 ? -0.543  -3.976  8.777   1.00 0.15 ? 188 PHE A O    1 
ATOM 224  C CB   . PHE A 1 14 ? -0.972  -6.589  6.755   1.00 0.17 ? 188 PHE A CB   1 
ATOM 225  C CG   . PHE A 1 14 ? -2.062  -6.927  5.762   1.00 0.20 ? 188 PHE A CG   1 
ATOM 226  C CD1  . PHE A 1 14 ? -3.405  -6.650  6.078   1.00 0.29 ? 188 PHE A CD1  1 
ATOM 227  C CD2  . PHE A 1 14 ? -1.733  -7.490  4.516   1.00 0.21 ? 188 PHE A CD2  1 
ATOM 228  C CE1  . PHE A 1 14 ? -4.421  -6.942  5.148   1.00 0.34 ? 188 PHE A CE1  1 
ATOM 229  C CE2  . PHE A 1 14 ? -2.749  -7.778  3.584   1.00 0.25 ? 188 PHE A CE2  1 
ATOM 230  C CZ   . PHE A 1 14 ? -4.093  -7.505  3.900   1.00 0.30 ? 188 PHE A CZ   1 
ATOM 231  H H    . PHE A 1 14 ? 0.448   -5.518  4.884   1.00 0.14 ? 188 PHE A H    1 
ATOM 232  H HA   . PHE A 1 14 ? -1.598  -4.538  6.576   1.00 0.15 ? 188 PHE A HA   1 
ATOM 233  H HB2  . PHE A 1 14 ? -0.078  -7.148  6.518   1.00 0.18 ? 188 PHE A HB2  1 
ATOM 234  H HB3  . PHE A 1 14 ? -1.303  -6.840  7.752   1.00 0.20 ? 188 PHE A HB3  1 
ATOM 235  H HD1  . PHE A 1 14 ? -3.656  -6.219  7.035   1.00 0.36 ? 188 PHE A HD1  1 
ATOM 236  H HD2  . PHE A 1 14 ? -0.706  -7.707  4.278   1.00 0.25 ? 188 PHE A HD2  1 
ATOM 237  H HE1  . PHE A 1 14 ? -5.452  -6.733  5.392   1.00 0.44 ? 188 PHE A HE1  1 
ATOM 238  H HE2  . PHE A 1 14 ? -2.496  -8.204  2.625   1.00 0.29 ? 188 PHE A HE2  1 
ATOM 239  H HZ   . PHE A 1 14 ? -4.871  -7.725  3.186   1.00 0.35 ? 188 PHE A HZ   1 
ATOM 240  N N    . SER A 1 15 ? 1.309   -4.895  8.060   1.00 0.14 ? 189 SER A N    1 
ATOM 241  C CA   . SER A 1 15 ? 2.041   -4.428  9.271   1.00 0.16 ? 189 SER A CA   1 
ATOM 242  C C    . SER A 1 15 ? 1.963   -2.904  9.316   1.00 0.15 ? 189 SER A C    1 
ATOM 243  O O    . SER A 1 15 ? 1.646   -2.305  10.329  1.00 0.17 ? 189 SER A O    1 
ATOM 244  C CB   . SER A 1 15 ? 3.506   -4.865  9.188   1.00 0.18 ? 189 SER A CB   1 
ATOM 245  O OG   . SER A 1 15 ? 4.183   -4.056  8.233   1.00 0.20 ? 189 SER A OG   1 
ATOM 246  H H    . SER A 1 15 ? 1.778   -5.391  7.356   1.00 0.15 ? 189 SER A H    1 
ATOM 247  H HA   . SER A 1 15 ? 1.585   -4.843  10.156  1.00 0.18 ? 189 SER A HA   1 
ATOM 248  H HB2  . SER A 1 15 ? 3.975   -4.745  10.150  1.00 0.20 ? 189 SER A HB2  1 
ATOM 249  H HB3  . SER A 1 15 ? 3.554   -5.905  8.893   1.00 0.20 ? 189 SER A HB3  1 
ATOM 250  H HG   . SER A 1 15 ? 4.045   -4.443  7.366   1.00 0.92 ? 189 SER A HG   1 
ATOM 251  N N    . ALA A 1 16 ? 2.232   -2.275  8.209   1.00 0.13 ? 190 ALA A N    1 
ATOM 252  C CA   . ALA A 1 16 ? 2.164   -0.794  8.154   1.00 0.14 ? 190 ALA A CA   1 
ATOM 253  C C    . ALA A 1 16 ? 0.735   -0.359  8.477   1.00 0.13 ? 190 ALA A C    1 
ATOM 254  O O    . ALA A 1 16 ? 0.503   0.452   9.346   1.00 0.15 ? 190 ALA A O    1 
ATOM 255  C CB   . ALA A 1 16 ? 2.555   -0.322  6.741   1.00 0.16 ? 190 ALA A CB   1 
ATOM 256  H H    . ALA A 1 16 ? 2.466   -2.781  7.408   1.00 0.13 ? 190 ALA A H    1 
ATOM 257  H HA   . ALA A 1 16 ? 2.843   -0.374  8.882   1.00 0.17 ? 190 ALA A HA   1 
ATOM 258  H HB1  . ALA A 1 16 ? 3.193   -1.062  6.282   1.00 0.99 ? 190 ALA A HB1  1 
ATOM 259  H HB2  . ALA A 1 16 ? 1.669   -0.190  6.133   1.00 1.00 ? 190 ALA A HB2  1 
ATOM 260  H HB3  . ALA A 1 16 ? 3.084   0.617   6.804   1.00 1.01 ? 190 ALA A HB3  1 
ATOM 261  N N    . PHE A 1 17 ? -0.222  -0.903  7.774   1.00 0.11 ? 191 PHE A N    1 
ATOM 262  C CA   . PHE A 1 17 ? -1.641  -0.526  8.018   1.00 0.11 ? 191 PHE A CA   1 
ATOM 263  C C    . PHE A 1 17 ? -2.089  -1.003  9.400   1.00 0.14 ? 191 PHE A C    1 
ATOM 264  O O    . PHE A 1 17 ? -3.081  -0.540  9.927   1.00 0.17 ? 191 PHE A O    1 
ATOM 265  C CB   . PHE A 1 17 ? -2.532  -1.142  6.930   1.00 0.12 ? 191 PHE A CB   1 
ATOM 266  C CG   . PHE A 1 17 ? -2.453  -0.293  5.681   1.00 0.12 ? 191 PHE A CG   1 
ATOM 267  C CD1  . PHE A 1 17 ? -3.075  0.968   5.656   1.00 0.14 ? 191 PHE A CD1  1 
ATOM 268  C CD2  . PHE A 1 17 ? -1.759  -0.759  4.554   1.00 0.13 ? 191 PHE A CD2  1 
ATOM 269  C CE1  . PHE A 1 17 ? -3.003  1.765   4.500   1.00 0.16 ? 191 PHE A CE1  1 
ATOM 270  C CE2  . PHE A 1 17 ? -1.681  0.036   3.393   1.00 0.15 ? 191 PHE A CE2  1 
ATOM 271  C CZ   . PHE A 1 17 ? -2.304  1.300   3.366   1.00 0.16 ? 191 PHE A CZ   1 
ATOM 272  H H    . PHE A 1 17 ? -0.003  -1.558  7.076   1.00 0.10 ? 191 PHE A H    1 
ATOM 273  H HA   . PHE A 1 17 ? -1.724  0.547   7.978   1.00 0.12 ? 191 PHE A HA   1 
ATOM 274  H HB2  . PHE A 1 17 ? -2.188  -2.143  6.708   1.00 0.13 ? 191 PHE A HB2  1 
ATOM 275  H HB3  . PHE A 1 17 ? -3.555  -1.180  7.272   1.00 0.14 ? 191 PHE A HB3  1 
ATOM 276  H HD1  . PHE A 1 17 ? -3.609  1.323   6.523   1.00 0.16 ? 191 PHE A HD1  1 
ATOM 277  H HD2  . PHE A 1 17 ? -1.285  -1.722  4.582   1.00 0.14 ? 191 PHE A HD2  1 
ATOM 278  H HE1  . PHE A 1 17 ? -3.481  2.734   4.486   1.00 0.18 ? 191 PHE A HE1  1 
ATOM 279  H HE2  . PHE A 1 17 ? -1.148  -0.327  2.525   1.00 0.18 ? 191 PHE A HE2  1 
ATOM 280  H HZ   . PHE A 1 17 ? -2.248  1.911   2.477   1.00 0.18 ? 191 PHE A HZ   1 
ATOM 281  N N    . GLU A 1 18 ? -1.374  -1.908  10.004  1.00 0.16 ? 192 GLU A N    1 
ATOM 282  C CA   . GLU A 1 18 ? -1.788  -2.370  11.358  1.00 0.19 ? 192 GLU A CA   1 
ATOM 283  C C    . GLU A 1 18 ? -1.527  -1.243  12.357  1.00 0.18 ? 192 GLU A C    1 
ATOM 284  O O    . GLU A 1 18 ? -2.148  -1.167  13.398  1.00 0.20 ? 192 GLU A O    1 
ATOM 285  C CB   . GLU A 1 18 ? -0.979  -3.605  11.768  1.00 0.25 ? 192 GLU A CB   1 
ATOM 286  C CG   . GLU A 1 18 ? -1.585  -4.214  13.032  1.00 0.85 ? 192 GLU A CG   1 
ATOM 287  C CD   . GLU A 1 18 ? -0.804  -5.473  13.411  1.00 1.47 ? 192 GLU A CD   1 
ATOM 288  O OE1  . GLU A 1 18 ? 0.164   -5.772  12.731  1.00 2.11 ? 192 GLU A OE1  1 
ATOM 289  O OE2  . GLU A 1 18 ? -1.187  -6.117  14.373  1.00 2.13 ? 192 GLU A OE2  1 
ATOM 290  H H    . GLU A 1 18 ? -0.569  -2.272  9.580   1.00 0.17 ? 192 GLU A H    1 
ATOM 291  H HA   . GLU A 1 18 ? -2.841  -2.611  11.350  1.00 0.22 ? 192 GLU A HA   1 
ATOM 292  H HB2  . GLU A 1 18 ? -1.004  -4.335  10.977  1.00 0.49 ? 192 GLU A HB2  1 
ATOM 293  H HB3  . GLU A 1 18 ? 0.043   -3.318  11.964  1.00 0.67 ? 192 GLU A HB3  1 
ATOM 294  H HG2  . GLU A 1 18 ? -1.532  -3.499  13.840  1.00 1.43 ? 192 GLU A HG2  1 
ATOM 295  H HG3  . GLU A 1 18 ? -2.615  -4.475  12.848  1.00 1.31 ? 192 GLU A HG3  1 
ATOM 296  N N    . LYS A 1 19 ? -0.599  -0.371  12.051  1.00 0.18 ? 193 LYS A N    1 
ATOM 297  C CA   . LYS A 1 19 ? -0.283  0.748   12.994  1.00 0.21 ? 193 LYS A CA   1 
ATOM 298  C C    . LYS A 1 19 ? -1.122  1.986   12.668  1.00 0.22 ? 193 LYS A C    1 
ATOM 299  O O    . LYS A 1 19 ? -1.402  2.797   13.529  1.00 0.36 ? 193 LYS A O    1 
ATOM 300  C CB   . LYS A 1 19 ? 1.196   1.097   12.867  1.00 0.28 ? 193 LYS A CB   1 
ATOM 301  C CG   . LYS A 1 19 ? 2.019   -0.144  13.209  1.00 0.37 ? 193 LYS A CG   1 
ATOM 302  C CD   . LYS A 1 19 ? 3.514   0.190   13.176  1.00 1.03 ? 193 LYS A CD   1 
ATOM 303  C CE   . LYS A 1 19 ? 4.355   -1.071  13.492  1.00 1.11 ? 193 LYS A CE   1 
ATOM 304  N NZ   . LYS A 1 19 ? 5.219   -0.799  14.672  1.00 1.69 ? 193 LYS A NZ   1 
ATOM 305  H H    . LYS A 1 19 ? -0.097  -0.463  11.206  1.00 0.18 ? 193 LYS A H    1 
ATOM 306  H HA   . LYS A 1 19 ? -0.486  0.437   14.009  1.00 0.22 ? 193 LYS A HA   1 
ATOM 307  H HB2  . LYS A 1 19 ? 1.406   1.412   11.854  1.00 0.33 ? 193 LYS A HB2  1 
ATOM 308  H HB3  . LYS A 1 19 ? 1.439   1.895   13.553  1.00 0.32 ? 193 LYS A HB3  1 
ATOM 309  H HG2  . LYS A 1 19 ? 1.750   -0.491  14.195  1.00 1.04 ? 193 LYS A HG2  1 
ATOM 310  H HG3  . LYS A 1 19 ? 1.812   -0.920  12.488  1.00 0.83 ? 193 LYS A HG3  1 
ATOM 311  H HD2  . LYS A 1 19 ? 3.773   0.565   12.195  1.00 1.58 ? 193 LYS A HD2  1 
ATOM 312  H HD3  . LYS A 1 19 ? 3.725   0.950   13.913  1.00 1.67 ? 193 LYS A HD3  1 
ATOM 313  H HE2  . LYS A 1 19 ? 3.710   -1.911  13.715  1.00 1.70 ? 193 LYS A HE2  1 
ATOM 314  H HE3  . LYS A 1 19 ? 4.980   -1.318  12.645  1.00 1.46 ? 193 LYS A HE3  1 
ATOM 315  H HZ1  . LYS A 1 19 ? 4.692   -0.226  15.362  1.00 2.14 ? 193 LYS A HZ1  1 
ATOM 316  H HZ2  . LYS A 1 19 ? 5.500   -1.699  15.109  1.00 2.10 ? 193 LYS A HZ2  1 
ATOM 317  H HZ3  . LYS A 1 19 ? 6.068   -0.284  14.368  1.00 2.22 ? 193 LYS A HZ3  1 
ATOM 318  N N    . HIS A 1 20 ? -1.531  2.147   11.439  1.00 0.18 ? 194 HIS A N    1 
ATOM 319  C CA   . HIS A 1 20 ? -2.351  3.340   11.080  1.00 0.21 ? 194 HIS A CA   1 
ATOM 320  C C    . HIS A 1 20 ? -3.215  3.024   9.857   1.00 0.18 ? 194 HIS A C    1 
ATOM 321  O O    . HIS A 1 20 ? -2.809  2.336   8.949   1.00 0.17 ? 194 HIS A O    1 
ATOM 322  C CB   . HIS A 1 20 ? -1.428  4.529   10.790  1.00 0.28 ? 194 HIS A CB   1 
ATOM 323  C CG   . HIS A 1 20 ? -0.869  5.042   12.088  1.00 0.34 ? 194 HIS A CG   1 
ATOM 324  N ND1  . HIS A 1 20 ? 0.480   4.981   12.398  1.00 1.08 ? 194 HIS A ND1  1 
ATOM 325  C CD2  . HIS A 1 20 ? -1.477  5.616   13.170  1.00 0.61 ? 194 HIS A CD2  1 
ATOM 326  C CE1  . HIS A 1 20 ? 0.636   5.510   13.626  1.00 0.89 ? 194 HIS A CE1  1 
ATOM 327  N NE2  . HIS A 1 20 ? -0.527  5.914   14.142  1.00 0.40 ? 194 HIS A NE2  1 
ATOM 328  H H    . HIS A 1 20 ? -1.300  1.489   10.757  1.00 0.24 ? 194 HIS A H    1 
ATOM 329  H HA   . HIS A 1 20 ? -3.001  3.587   11.907  1.00 0.25 ? 194 HIS A HA   1 
ATOM 330  H HB2  . HIS A 1 20 ? -0.618  4.216   10.152  1.00 0.30 ? 194 HIS A HB2  1 
ATOM 331  H HB3  . HIS A 1 20 ? -1.988  5.313   10.305  1.00 0.32 ? 194 HIS A HB3  1 
ATOM 332  H HD1  . HIS A 1 20 ? 1.189   4.614   11.830  1.00 1.70 ? 194 HIS A HD1  1 
ATOM 333  H HD2  . HIS A 1 20 ? -2.534  5.788   13.260  1.00 1.31 ? 194 HIS A HD2  1 
ATOM 334  H HE1  . HIS A 1 20 ? 1.585   5.595   14.133  1.00 1.40 ? 194 HIS A HE1  1 
ATOM 335  N N    . GLN A 1 21 ? -4.418  3.503   9.845   1.00 0.23 ? 195 GLN A N    1 
ATOM 336  C CA   . GLN A 1 21 ? -5.332  3.219   8.706   1.00 0.26 ? 195 GLN A CA   1 
ATOM 337  C C    . GLN A 1 21 ? -4.835  3.887   7.414   1.00 0.20 ? 195 GLN A C    1 
ATOM 338  O O    . GLN A 1 21 ? -5.197  3.475   6.330   1.00 0.24 ? 195 GLN A O    1 
ATOM 339  C CB   . GLN A 1 21 ? -6.726  3.750   9.060   1.00 0.36 ? 195 GLN A CB   1 
ATOM 340  C CG   . GLN A 1 21 ? -7.737  3.376   7.969   1.00 0.47 ? 195 GLN A CG   1 
ATOM 341  C CD   . GLN A 1 21 ? -7.889  1.856   7.900   1.00 0.80 ? 195 GLN A CD   1 
ATOM 342  O OE1  . GLN A 1 21 ? -8.602  1.270   8.690   1.00 1.61 ? 195 GLN A OE1  1 
ATOM 343  N NE2  . GLN A 1 21 ? -7.245  1.188   6.983   1.00 0.69 ? 195 GLN A NE2  1 
ATOM 344  H H    . GLN A 1 21 ? -4.734  4.041   10.600  1.00 0.28 ? 195 GLN A H    1 
ATOM 345  H HA   . GLN A 1 21 ? -5.388  2.154   8.555   1.00 0.27 ? 195 GLN A HA   1 
ATOM 346  H HB2  . GLN A 1 21 ? -7.042  3.321   10.000  1.00 0.39 ? 195 GLN A HB2  1 
ATOM 347  H HB3  . GLN A 1 21 ? -6.686  4.825   9.154   1.00 0.42 ? 195 GLN A HB3  1 
ATOM 348  H HG2  . GLN A 1 21 ? -8.693  3.820   8.206   1.00 0.93 ? 195 GLN A HG2  1 
ATOM 349  H HG3  . GLN A 1 21 ? -7.400  3.748   7.016   1.00 0.81 ? 195 GLN A HG3  1 
ATOM 350  H HE21 . GLN A 1 21 ? -6.668  1.660   6.346   1.00 0.68 ? 195 GLN A HE21 1 
ATOM 351  H HE22 . GLN A 1 21 ? -7.340  0.214   6.930   1.00 1.12 ? 195 GLN A HE22 1 
ATOM 352  N N    . TYR A 1 22 ? -4.047  4.938   7.509   1.00 0.18 ? 196 TYR A N    1 
ATOM 353  C CA   . TYR A 1 22 ? -3.585  5.656   6.267   1.00 0.15 ? 196 TYR A CA   1 
ATOM 354  C C    . TYR A 1 22 ? -2.056  5.664   6.118   1.00 0.14 ? 196 TYR A C    1 
ATOM 355  O O    . TYR A 1 22 ? -1.315  5.742   7.078   1.00 0.16 ? 196 TYR A O    1 
ATOM 356  C CB   . TYR A 1 22 ? -4.064  7.104   6.349   1.00 0.16 ? 196 TYR A CB   1 
ATOM 357  C CG   . TYR A 1 22 ? -5.572  7.144   6.369   1.00 0.19 ? 196 TYR A CG   1 
ATOM 358  C CD1  . TYR A 1 22 ? -6.293  7.131   5.160   1.00 0.21 ? 196 TYR A CD1  1 
ATOM 359  C CD2  . TYR A 1 22 ? -6.258  7.205   7.596   1.00 0.22 ? 196 TYR A CD2  1 
ATOM 360  C CE1  . TYR A 1 22 ? -7.698  7.183   5.176   1.00 0.25 ? 196 TYR A CE1  1 
ATOM 361  C CE2  . TYR A 1 22 ? -7.665  7.256   7.614   1.00 0.27 ? 196 TYR A CE2  1 
ATOM 362  C CZ   . TYR A 1 22 ? -8.386  7.246   6.404   1.00 0.28 ? 196 TYR A CZ   1 
ATOM 363  O OH   . TYR A 1 22 ? -9.764  7.296   6.420   1.00 0.33 ? 196 TYR A OH   1 
ATOM 364  H H    . TYR A 1 22 ? -3.791  5.276   8.393   1.00 0.22 ? 196 TYR A H    1 
ATOM 365  H HA   . TYR A 1 22 ? -4.019  5.201   5.388   1.00 0.15 ? 196 TYR A HA   1 
ATOM 366  H HB2  . TYR A 1 22 ? -3.680  7.556   7.252   1.00 0.18 ? 196 TYR A HB2  1 
ATOM 367  H HB3  . TYR A 1 22 ? -3.701  7.651   5.492   1.00 0.18 ? 196 TYR A HB3  1 
ATOM 368  H HD1  . TYR A 1 22 ? -5.770  7.075   4.220   1.00 0.21 ? 196 TYR A HD1  1 
ATOM 369  H HD2  . TYR A 1 22 ? -5.706  7.215   8.524   1.00 0.24 ? 196 TYR A HD2  1 
ATOM 370  H HE1  . TYR A 1 22 ? -8.248  7.180   4.246   1.00 0.28 ? 196 TYR A HE1  1 
ATOM 371  H HE2  . TYR A 1 22 ? -8.192  7.303   8.555   1.00 0.31 ? 196 TYR A HE2  1 
ATOM 372  H HH   . TYR A 1 22 ? -10.090 6.425   6.660   1.00 0.97 ? 196 TYR A HH   1 
ATOM 373  N N    . TYR A 1 23 ? -1.600  5.628   4.888   1.00 0.14 ? 197 TYR A N    1 
ATOM 374  C CA   . TYR A 1 23 ? -0.134  5.680   4.587   1.00 0.14 ? 197 TYR A CA   1 
ATOM 375  C C    . TYR A 1 23 ? 0.072   6.336   3.217   1.00 0.15 ? 197 TYR A C    1 
ATOM 376  O O    . TYR A 1 23 ? -0.532  5.943   2.238   1.00 0.17 ? 197 TYR A O    1 
ATOM 377  C CB   . TYR A 1 23 ? 0.472   4.264   4.565   1.00 0.13 ? 197 TYR A CB   1 
ATOM 378  C CG   . TYR A 1 23 ? 0.824   3.822   5.965   1.00 0.13 ? 197 TYR A CG   1 
ATOM 379  C CD1  . TYR A 1 23 ? -0.148  3.248   6.800   1.00 0.13 ? 197 TYR A CD1  1 
ATOM 380  C CD2  . TYR A 1 23 ? 2.145   3.984   6.428   1.00 0.17 ? 197 TYR A CD2  1 
ATOM 381  C CE1  . TYR A 1 23 ? 0.202   2.837   8.100   1.00 0.15 ? 197 TYR A CE1  1 
ATOM 382  C CE2  . TYR A 1 23 ? 2.493   3.574   7.727   1.00 0.19 ? 197 TYR A CE2  1 
ATOM 383  C CZ   . TYR A 1 23 ? 1.521   3.000   8.564   1.00 0.18 ? 197 TYR A CZ   1 
ATOM 384  O OH   . TYR A 1 23 ? 1.860   2.593   9.839   1.00 0.22 ? 197 TYR A OH   1 
ATOM 385  H H    . TYR A 1 23 ? -2.240  5.597   4.143   1.00 0.14 ? 197 TYR A H    1 
ATOM 386  H HA   . TYR A 1 23 ? 0.363   6.277   5.340   1.00 0.14 ? 197 TYR A HA   1 
ATOM 387  H HB2  . TYR A 1 23 ? -0.248  3.577   4.147   1.00 0.14 ? 197 TYR A HB2  1 
ATOM 388  H HB3  . TYR A 1 23 ? 1.366   4.258   3.957   1.00 0.14 ? 197 TYR A HB3  1 
ATOM 389  H HD1  . TYR A 1 23 ? -1.161  3.124   6.447   1.00 0.14 ? 197 TYR A HD1  1 
ATOM 390  H HD2  . TYR A 1 23 ? 2.890   4.424   5.784   1.00 0.21 ? 197 TYR A HD2  1 
ATOM 391  H HE1  . TYR A 1 23 ? -0.539  2.399   8.740   1.00 0.18 ? 197 TYR A HE1  1 
ATOM 392  H HE2  . TYR A 1 23 ? 3.506   3.699   8.081   1.00 0.24 ? 197 TYR A HE2  1 
ATOM 393  H HH   . TYR A 1 23 ? 1.919   3.376   10.393  1.00 0.90 ? 197 TYR A HH   1 
ATOM 394  N N    . ASN A 1 24 ? 0.934   7.319   3.126   1.00 0.14 ? 198 ASN A N    1 
ATOM 395  C CA   . ASN A 1 24 ? 1.182   7.971   1.804   1.00 0.16 ? 198 ASN A CA   1 
ATOM 396  C C    . ASN A 1 24 ? 2.301   7.211   1.083   1.00 0.15 ? 198 ASN A C    1 
ATOM 397  O O    . ASN A 1 24 ? 3.008   6.424   1.678   1.00 0.14 ? 198 ASN A O    1 
ATOM 398  C CB   . ASN A 1 24 ? 1.573   9.440   2.005   1.00 0.18 ? 198 ASN A CB   1 
ATOM 399  C CG   . ASN A 1 24 ? 2.967   9.558   2.609   1.00 0.20 ? 198 ASN A CG   1 
ATOM 400  O OD1  . ASN A 1 24 ? 3.480   8.622   3.191   1.00 0.23 ? 198 ASN A OD1  1 
ATOM 401  N ND2  . ASN A 1 24 ? 3.604   10.690  2.490   1.00 0.22 ? 198 ASN A ND2  1 
ATOM 402  H H    . ASN A 1 24 ? 1.425   7.615   3.921   1.00 0.15 ? 198 ASN A H    1 
ATOM 403  H HA   . ASN A 1 24 ? 0.281   7.924   1.207   1.00 0.17 ? 198 ASN A HA   1 
ATOM 404  H HB2  . ASN A 1 24 ? 1.562   9.945   1.051   1.00 0.20 ? 198 ASN A HB2  1 
ATOM 405  H HB3  . ASN A 1 24 ? 0.861   9.910   2.667   1.00 0.20 ? 198 ASN A HB3  1 
ATOM 406  H HD21 . ASN A 1 24 ? 3.184   11.440  2.013   1.00 0.24 ? 198 ASN A HD21 1 
ATOM 407  H HD22 . ASN A 1 24 ? 4.493   10.797  2.882   1.00 0.24 ? 198 ASN A HD22 1 
ATOM 408  N N    . LEU A 1 25 ? 2.459   7.418   -0.197  1.00 0.19 ? 199 LEU A N    1 
ATOM 409  C CA   . LEU A 1 25 ? 3.524   6.680   -0.941  1.00 0.21 ? 199 LEU A CA   1 
ATOM 410  C C    . LEU A 1 25 ? 4.885   6.884   -0.256  1.00 0.19 ? 199 LEU A C    1 
ATOM 411  O O    . LEU A 1 25 ? 5.671   5.965   -0.136  1.00 0.18 ? 199 LEU A O    1 
ATOM 412  C CB   . LEU A 1 25 ? 3.606   7.190   -2.394  1.00 0.27 ? 199 LEU A CB   1 
ATOM 413  C CG   . LEU A 1 25 ? 2.272   6.983   -3.145  1.00 0.31 ? 199 LEU A CG   1 
ATOM 414  C CD1  . LEU A 1 25 ? 2.282   7.824   -4.440  1.00 0.41 ? 199 LEU A CD1  1 
ATOM 415  C CD2  . LEU A 1 25 ? 2.081   5.504   -3.528  1.00 0.33 ? 199 LEU A CD2  1 
ATOM 416  H H    . LEU A 1 25 ? 1.873   8.045   -0.671  1.00 0.23 ? 199 LEU A H    1 
ATOM 417  H HA   . LEU A 1 25 ? 3.293   5.630   -0.937  1.00 0.21 ? 199 LEU A HA   1 
ATOM 418  H HB2  . LEU A 1 25 ? 3.843   8.244   -2.384  1.00 0.30 ? 199 LEU A HB2  1 
ATOM 419  H HB3  . LEU A 1 25 ? 4.390   6.658   -2.912  1.00 0.29 ? 199 LEU A HB3  1 
ATOM 420  H HG   . LEU A 1 25 ? 1.452   7.305   -2.518  1.00 0.30 ? 199 LEU A HG   1 
ATOM 421  H HD11 . LEU A 1 25 ? 3.282   7.842   -4.858  1.00 1.11 ? 199 LEU A HD11 1 
ATOM 422  H HD12 . LEU A 1 25 ? 1.601   7.396   -5.164  1.00 1.14 ? 199 LEU A HD12 1 
ATOM 423  H HD13 . LEU A 1 25 ? 1.971   8.834   -4.216  1.00 1.07 ? 199 LEU A HD13 1 
ATOM 424  H HD21 . LEU A 1 25 ? 2.262   4.870   -2.681  1.00 1.03 ? 199 LEU A HD21 1 
ATOM 425  H HD22 . LEU A 1 25 ? 1.069   5.352   -3.870  1.00 1.11 ? 199 LEU A HD22 1 
ATOM 426  H HD23 . LEU A 1 25 ? 2.768   5.250   -4.320  1.00 1.06 ? 199 LEU A HD23 1 
ATOM 427  N N    . LYS A 1 26 ? 5.176   8.080   0.178   1.00 0.21 ? 200 LYS A N    1 
ATOM 428  C CA   . LYS A 1 26 ? 6.494   8.350   0.838   1.00 0.22 ? 200 LYS A CA   1 
ATOM 429  C C    . LYS A 1 26 ? 6.696   7.457   2.061   1.00 0.19 ? 200 LYS A C    1 
ATOM 430  O O    . LYS A 1 26 ? 7.783   6.985   2.329   1.00 0.19 ? 200 LYS A O    1 
ATOM 431  C CB   . LYS A 1 26 ? 6.539   9.809   1.301   1.00 0.27 ? 200 LYS A CB   1 
ATOM 432  C CG   . LYS A 1 26 ? 7.959   10.176  1.798   1.00 0.33 ? 200 LYS A CG   1 
ATOM 433  C CD   . LYS A 1 26 ? 8.752   10.872  0.679   1.00 1.11 ? 200 LYS A CD   1 
ATOM 434  C CE   . LYS A 1 26 ? 10.275  10.806  0.948   1.00 1.41 ? 200 LYS A CE   1 
ATOM 435  N NZ   . LYS A 1 26 ? 10.832  12.183  0.934   1.00 2.23 ? 200 LYS A NZ   1 
ATOM 436  H H    . LYS A 1 26 ? 4.532   8.808   0.060   1.00 0.23 ? 200 LYS A H    1 
ATOM 437  H HA   . LYS A 1 26 ? 7.291   8.170   0.134   1.00 0.24 ? 200 LYS A HA   1 
ATOM 438  H HB2  . LYS A 1 26 ? 6.251   10.455  0.482   1.00 0.33 ? 200 LYS A HB2  1 
ATOM 439  H HB3  . LYS A 1 26 ? 5.839   9.933   2.110   1.00 0.27 ? 200 LYS A HB3  1 
ATOM 440  H HG2  . LYS A 1 26 ? 7.883   10.848  2.644   1.00 0.98 ? 200 LYS A HG2  1 
ATOM 441  H HG3  . LYS A 1 26 ? 8.486   9.285   2.105   1.00 0.92 ? 200 LYS A HG3  1 
ATOM 442  H HD2  . LYS A 1 26 ? 8.530   10.393  -0.264  1.00 1.87 ? 200 LYS A HD2  1 
ATOM 443  H HD3  . LYS A 1 26 ? 8.449   11.909  0.627   1.00 1.73 ? 200 LYS A HD3  1 
ATOM 444  H HE2  . LYS A 1 26 ? 10.478  10.357  1.911   1.00 1.80 ? 200 LYS A HE2  1 
ATOM 445  H HE3  . LYS A 1 26 ? 10.758  10.223  0.176   1.00 1.81 ? 200 LYS A HE3  1 
ATOM 446  H HZ1  . LYS A 1 26 ? 10.112  12.842  0.572   1.00 2.73 ? 200 LYS A HZ1  1 
ATOM 447  H HZ2  . LYS A 1 26 ? 11.104  12.459  1.899   1.00 2.57 ? 200 LYS A HZ2  1 
ATOM 448  H HZ3  . LYS A 1 26 ? 11.668  12.210  0.320   1.00 2.72 ? 200 LYS A HZ3  1 
ATOM 449  N N    . ASP A 1 27 ? 5.684   7.247   2.834   1.00 0.18 ? 201 ASP A N    1 
ATOM 450  C CA   . ASP A 1 27 ? 5.874   6.407   4.042   1.00 0.17 ? 201 ASP A CA   1 
ATOM 451  C C    . ASP A 1 27 ? 6.036   4.950   3.621   1.00 0.15 ? 201 ASP A C    1 
ATOM 452  O O    . ASP A 1 27 ? 6.751   4.198   4.241   1.00 0.17 ? 201 ASP A O    1 
ATOM 453  C CB   . ASP A 1 27 ? 4.672   6.559   4.972   1.00 0.18 ? 201 ASP A CB   1 
ATOM 454  C CG   . ASP A 1 27 ? 4.676   7.969   5.567   1.00 0.24 ? 201 ASP A CG   1 
ATOM 455  O OD1  . ASP A 1 27 ? 5.754   8.494   5.788   1.00 1.08 ? 201 ASP A OD1  1 
ATOM 456  O OD2  . ASP A 1 27 ? 3.600   8.501   5.788   1.00 1.11 ? 201 ASP A OD2  1 
ATOM 457  H H    . ASP A 1 27 ? 4.815   7.652   2.637   1.00 0.19 ? 201 ASP A H    1 
ATOM 458  H HA   . ASP A 1 27 ? 6.769   6.724   4.558   1.00 0.19 ? 201 ASP A HA   1 
ATOM 459  H HB2  . ASP A 1 27 ? 3.760   6.402   4.416   1.00 0.18 ? 201 ASP A HB2  1 
ATOM 460  H HB3  . ASP A 1 27 ? 4.741   5.835   5.769   1.00 0.19 ? 201 ASP A HB3  1 
ATOM 461  N N    . LEU A 1 28 ? 5.377   4.546   2.576   1.00 0.14 ? 202 LEU A N    1 
ATOM 462  C CA   . LEU A 1 28 ? 5.491   3.131   2.125   1.00 0.15 ? 202 LEU A CA   1 
ATOM 463  C C    . LEU A 1 28 ? 6.902   2.832   1.607   1.00 0.15 ? 202 LEU A C    1 
ATOM 464  O O    . LEU A 1 28 ? 7.435   1.767   1.849   1.00 0.18 ? 202 LEU A O    1 
ATOM 465  C CB   . LEU A 1 28 ? 4.475   2.864   1.010   1.00 0.17 ? 202 LEU A CB   1 
ATOM 466  C CG   . LEU A 1 28 ? 3.031   2.920   1.562   1.00 0.18 ? 202 LEU A CG   1 
ATOM 467  C CD1  . LEU A 1 28 ? 2.006   2.982   0.384   1.00 0.30 ? 202 LEU A CD1  1 
ATOM 468  C CD2  . LEU A 1 28 ? 2.752   1.680   2.447   1.00 0.30 ? 202 LEU A CD2  1 
ATOM 469  H H    . LEU A 1 28 ? 4.801   5.171   2.088   1.00 0.15 ? 202 LEU A H    1 
ATOM 470  H HA   . LEU A 1 28 ? 5.288   2.481   2.956   1.00 0.16 ? 202 LEU A HA   1 
ATOM 471  H HB2  . LEU A 1 28 ? 4.595   3.618   0.245   1.00 0.19 ? 202 LEU A HB2  1 
ATOM 472  H HB3  . LEU A 1 28 ? 4.659   1.890   0.582   1.00 0.21 ? 202 LEU A HB3  1 
ATOM 473  H HG   . LEU A 1 28 ? 2.929   3.813   2.167   1.00 0.18 ? 202 LEU A HG   1 
ATOM 474  H HD11 . LEU A 1 28 ? 2.525   3.027   -0.564  1.00 1.05 ? 202 LEU A HD11 1 
ATOM 475  H HD12 . LEU A 1 28 ? 1.368   2.109   0.385   1.00 1.08 ? 202 LEU A HD12 1 
ATOM 476  H HD13 . LEU A 1 28 ? 1.390   3.865   0.488   1.00 1.04 ? 202 LEU A HD13 1 
ATOM 477  H HD21 . LEU A 1 28 ? 3.178   0.800   1.988   1.00 1.14 ? 202 LEU A HD21 1 
ATOM 478  H HD22 . LEU A 1 28 ? 3.187   1.823   3.423   1.00 1.01 ? 202 LEU A HD22 1 
ATOM 479  H HD23 . LEU A 1 28 ? 1.686   1.544   2.559   1.00 1.05 ? 202 LEU A HD23 1 
ATOM 480  N N    . VAL A 1 29 ? 7.520   3.733   0.887   1.00 0.14 ? 203 VAL A N    1 
ATOM 481  C CA   . VAL A 1 29 ? 8.885   3.421   0.374   1.00 0.16 ? 203 VAL A CA   1 
ATOM 482  C C    . VAL A 1 29 ? 9.853   3.268   1.543   1.00 0.18 ? 203 VAL A C    1 
ATOM 483  O O    . VAL A 1 29 ? 10.710  2.407   1.533   1.00 0.21 ? 203 VAL A O    1 
ATOM 484  C CB   . VAL A 1 29 ? 9.397   4.498   -0.598  1.00 0.17 ? 203 VAL A CB   1 
ATOM 485  C CG1  . VAL A 1 29 ? 8.644   4.417   -1.934  1.00 0.22 ? 203 VAL A CG1  1 
ATOM 486  C CG2  . VAL A 1 29 ? 9.213   5.889   0.001   1.00 0.22 ? 203 VAL A CG2  1 
ATOM 487  H H    . VAL A 1 29 ? 7.094   4.589   0.685   1.00 0.14 ? 203 VAL A H    1 
ATOM 488  H HA   . VAL A 1 29 ? 8.835   2.480   -0.141  1.00 0.17 ? 203 VAL A HA   1 
ATOM 489  H HB   . VAL A 1 29 ? 10.445  4.329   -0.778  1.00 0.20 ? 203 VAL A HB   1 
ATOM 490  H HG11 . VAL A 1 29 ? 8.454   3.386   -2.190  1.00 1.08 ? 203 VAL A HG11 1 
ATOM 491  H HG12 . VAL A 1 29 ? 7.703   4.943   -1.857  1.00 1.00 ? 203 VAL A HG12 1 
ATOM 492  H HG13 . VAL A 1 29 ? 9.244   4.871   -2.710  1.00 1.06 ? 203 VAL A HG13 1 
ATOM 493  H HG21 . VAL A 1 29 ? 8.212   5.979   0.380   1.00 1.05 ? 203 VAL A HG21 1 
ATOM 494  H HG22 . VAL A 1 29 ? 9.922   6.037   0.801   1.00 1.07 ? 203 VAL A HG22 1 
ATOM 495  H HG23 . VAL A 1 29 ? 9.374   6.634   -0.765  1.00 1.00 ? 203 VAL A HG23 1 
ATOM 496  N N    . ASP A 1 30 ? 9.728   4.074   2.560   1.00 0.19 ? 204 ASP A N    1 
ATOM 497  C CA   . ASP A 1 30 ? 10.655  3.923   3.714   1.00 0.23 ? 204 ASP A CA   1 
ATOM 498  C C    . ASP A 1 30 ? 10.538  2.489   4.228   1.00 0.24 ? 204 ASP A C    1 
ATOM 499  O O    . ASP A 1 30 ? 11.518  1.843   4.541   1.00 0.28 ? 204 ASP A O    1 
ATOM 500  C CB   . ASP A 1 30 ? 10.267  4.902   4.824   1.00 0.25 ? 204 ASP A CB   1 
ATOM 501  C CG   . ASP A 1 30 ? 11.355  4.910   5.901   1.00 0.32 ? 204 ASP A CG   1 
ATOM 502  O OD1  . ASP A 1 30 ? 12.361  5.568   5.694   1.00 1.12 ? 204 ASP A OD1  1 
ATOM 503  O OD2  . ASP A 1 30 ? 11.162  4.258   6.914   1.00 1.14 ? 204 ASP A OD2  1 
ATOM 504  H H    . ASP A 1 30 ? 9.025   4.761   2.569   1.00 0.18 ? 204 ASP A H    1 
ATOM 505  H HA   . ASP A 1 30 ? 11.669  4.113   3.393   1.00 0.25 ? 204 ASP A HA   1 
ATOM 506  H HB2  . ASP A 1 30 ? 10.164  5.894   4.408   1.00 0.26 ? 204 ASP A HB2  1 
ATOM 507  H HB3  . ASP A 1 30 ? 9.330   4.595   5.263   1.00 0.24 ? 204 ASP A HB3  1 
ATOM 508  N N    . ILE A 1 31 ? 9.337   1.989   4.304   1.00 0.21 ? 205 ILE A N    1 
ATOM 509  C CA   . ILE A 1 31 ? 9.128   0.594   4.780   1.00 0.25 ? 205 ILE A CA   1 
ATOM 510  C C    . ILE A 1 31 ? 9.607   -0.394  3.711   1.00 0.29 ? 205 ILE A C    1 
ATOM 511  O O    . ILE A 1 31 ? 9.905   -1.536  3.999   1.00 0.38 ? 205 ILE A O    1 
ATOM 512  C CB   . ILE A 1 31 ? 7.637   0.363   5.041   1.00 0.23 ? 205 ILE A CB   1 
ATOM 513  C CG1  . ILE A 1 31 ? 7.111   1.464   5.973   1.00 0.20 ? 205 ILE A CG1  1 
ATOM 514  C CG2  . ILE A 1 31 ? 7.445   -1.006  5.699   1.00 0.28 ? 205 ILE A CG2  1 
ATOM 515  C CD1  . ILE A 1 31 ? 5.581   1.336   6.168   1.00 0.26 ? 205 ILE A CD1  1 
ATOM 516  H H    . ILE A 1 31 ? 8.569   2.533   4.036   1.00 0.19 ? 205 ILE A H    1 
ATOM 517  H HA   . ILE A 1 31 ? 9.682   0.437   5.694   1.00 0.28 ? 205 ILE A HA   1 
ATOM 518  H HB   . ILE A 1 31 ? 7.099   0.393   4.105   1.00 0.23 ? 205 ILE A HB   1 
ATOM 519  H HG12 . ILE A 1 31 ? 7.606   1.386   6.931   1.00 0.23 ? 205 ILE A HG12 1 
ATOM 520  H HG13 . ILE A 1 31 ? 7.337   2.425   5.539   1.00 0.20 ? 205 ILE A HG13 1 
ATOM 521  H HG21 . ILE A 1 31 ? 8.013   -1.046  6.617   1.00 1.03 ? 205 ILE A HG21 1 
ATOM 522  H HG22 . ILE A 1 31 ? 6.400   -1.161  5.917   1.00 1.07 ? 205 ILE A HG22 1 
ATOM 523  H HG23 . ILE A 1 31 ? 7.791   -1.777  5.028   1.00 1.08 ? 205 ILE A HG23 1 
ATOM 524  H HD11 . ILE A 1 31 ? 5.152   0.726   5.384   1.00 1.05 ? 205 ILE A HD11 1 
ATOM 525  H HD12 . ILE A 1 31 ? 5.375   0.882   7.126   1.00 1.03 ? 205 ILE A HD12 1 
ATOM 526  H HD13 . ILE A 1 31 ? 5.127   2.318   6.139   1.00 1.02 ? 205 ILE A HD13 1 
ATOM 527  N N    . THR A 1 32 ? 9.658   0.030   2.472   1.00 0.26 ? 206 THR A N    1 
ATOM 528  C CA   . THR A 1 32 ? 10.085  -0.890  1.371   1.00 0.31 ? 206 THR A CA   1 
ATOM 529  C C    . THR A 1 32 ? 10.794  -0.089  0.275   1.00 0.25 ? 206 THR A C    1 
ATOM 530  O O    . THR A 1 32 ? 10.199  0.716   -0.401  1.00 0.23 ? 206 THR A O    1 
ATOM 531  C CB   . THR A 1 32 ? 8.844   -1.551  0.765   1.00 0.36 ? 206 THR A CB   1 
ATOM 532  O OG1  . THR A 1 32 ? 7.870   -0.555  0.487   1.00 0.35 ? 206 THR A OG1  1 
ATOM 533  C CG2  . THR A 1 32 ? 8.266   -2.581  1.735   1.00 0.47 ? 206 THR A CG2  1 
ATOM 534  H H    . THR A 1 32 ? 9.392   0.946   2.260   1.00 0.22 ? 206 THR A H    1 
ATOM 535  H HA   . THR A 1 32 ? 10.751  -1.649  1.757   1.00 0.39 ? 206 THR A HA   1 
ATOM 536  H HB   . THR A 1 32 ? 9.115   -2.046  -0.153  1.00 0.40 ? 206 THR A HB   1 
ATOM 537  H HG1  . THR A 1 32 ? 7.503   -0.260  1.322   1.00 0.94 ? 206 THR A HG1  1 
ATOM 538  H HG21 . THR A 1 32 ? 7.996   -2.097  2.659   1.00 1.13 ? 206 THR A HG21 1 
ATOM 539  H HG22 . THR A 1 32 ? 7.387   -3.030  1.296   1.00 1.21 ? 206 THR A HG22 1 
ATOM 540  H HG23 . THR A 1 32 ? 9.002   -3.346  1.928   1.00 1.04 ? 206 THR A HG23 1 
ATOM 541  N N    . LYS A 1 33 ? 12.060  -0.306  0.092   1.00 0.27 ? 207 LYS A N    1 
ATOM 542  C CA   . LYS A 1 33 ? 12.802  0.451   -0.958  1.00 0.26 ? 207 LYS A CA   1 
ATOM 543  C C    . LYS A 1 33 ? 12.530  -0.150  -2.334  1.00 0.22 ? 207 LYS A C    1 
ATOM 544  O O    . LYS A 1 33 ? 13.358  -0.094  -3.222  1.00 0.21 ? 207 LYS A O    1 
ATOM 545  C CB   . LYS A 1 33 ? 14.294  0.397   -0.649  1.00 0.37 ? 207 LYS A CB   1 
ATOM 546  C CG   . LYS A 1 33 ? 14.511  1.013   0.729   1.00 0.46 ? 207 LYS A CG   1 
ATOM 547  C CD   . LYS A 1 33 ? 16.007  1.125   1.031   1.00 0.98 ? 207 LYS A CD   1 
ATOM 548  C CE   . LYS A 1 33 ? 16.208  1.919   2.330   1.00 1.54 ? 207 LYS A CE   1 
ATOM 549  N NZ   . LYS A 1 33 ? 17.480  1.498   2.974   1.00 2.06 ? 207 LYS A NZ   1 
ATOM 550  H H    . LYS A 1 33 ? 12.527  -0.964  0.644   1.00 0.33 ? 207 LYS A H    1 
ATOM 551  H HA   . LYS A 1 33 ? 12.477  1.482   -0.951  1.00 0.26 ? 207 LYS A HA   1 
ATOM 552  H HB2  . LYS A 1 33 ? 14.629  -0.631  -0.652  1.00 0.41 ? 207 LYS A HB2  1 
ATOM 553  H HB3  . LYS A 1 33 ? 14.841  0.962   -1.389  1.00 0.39 ? 207 LYS A HB3  1 
ATOM 554  H HG2  . LYS A 1 33 ? 14.065  1.995   0.755   1.00 0.75 ? 207 LYS A HG2  1 
ATOM 555  H HG3  . LYS A 1 33 ? 14.042  0.389   1.476   1.00 0.72 ? 207 LYS A HG3  1 
ATOM 556  H HD2  . LYS A 1 33 ? 16.426  0.135   1.144   1.00 1.43 ? 207 LYS A HD2  1 
ATOM 557  H HD3  . LYS A 1 33 ? 16.501  1.634   0.218   1.00 1.55 ? 207 LYS A HD3  1 
ATOM 558  H HE2  . LYS A 1 33 ? 16.254  2.974   2.105   1.00 2.16 ? 207 LYS A HE2  1 
ATOM 559  H HE3  . LYS A 1 33 ? 15.387  1.732   3.009   1.00 2.03 ? 207 LYS A HE3  1 
ATOM 560  H HZ1  . LYS A 1 33 ? 18.054  0.962   2.293   1.00 2.42 ? 207 LYS A HZ1  1 
ATOM 561  H HZ2  . LYS A 1 33 ? 18.003  2.339   3.286   1.00 2.47 ? 207 LYS A HZ2  1 
ATOM 562  H HZ3  . LYS A 1 33 ? 17.268  0.899   3.798   1.00 2.52 ? 207 LYS A HZ3  1 
ATOM 563  N N    . GLN A 1 34 ? 11.371  -0.718  -2.525  1.00 0.22 ? 208 GLN A N    1 
ATOM 564  C CA   . GLN A 1 34 ? 11.043  -1.314  -3.851  1.00 0.20 ? 208 GLN A CA   1 
ATOM 565  C C    . GLN A 1 34 ? 10.449  -0.207  -4.750  1.00 0.19 ? 208 GLN A C    1 
ATOM 566  O O    . GLN A 1 34 ? 9.772   0.677   -4.265  1.00 0.22 ? 208 GLN A O    1 
ATOM 567  C CB   . GLN A 1 34 ? 10.035  -2.450  -3.639  1.00 0.24 ? 208 GLN A CB   1 
ATOM 568  C CG   . GLN A 1 34 ? 10.739  -3.618  -2.925  1.00 0.32 ? 208 GLN A CG   1 
ATOM 569  C CD   . GLN A 1 34 ? 9.706   -4.523  -2.251  1.00 0.74 ? 208 GLN A CD   1 
ATOM 570  O OE1  . GLN A 1 34 ? 9.173   -5.423  -2.868  1.00 1.82 ? 208 GLN A OE1  1 
ATOM 571  N NE2  . GLN A 1 34 ? 9.408   -4.325  -0.996  1.00 0.59 ? 208 GLN A NE2  1 
ATOM 572  H H    . GLN A 1 34 ? 10.714  -0.749  -1.799  1.00 0.24 ? 208 GLN A H    1 
ATOM 573  H HA   . GLN A 1 34 ? 11.944  -1.713  -4.288  1.00 0.21 ? 208 GLN A HA   1 
ATOM 574  H HB2  . GLN A 1 34 ? 9.214   -2.093  -3.032  1.00 0.24 ? 208 GLN A HB2  1 
ATOM 575  H HB3  . GLN A 1 34 ? 9.661   -2.786  -4.593  1.00 0.25 ? 208 GLN A HB3  1 
ATOM 576  H HG2  . GLN A 1 34 ? 11.298  -4.193  -3.648  1.00 0.75 ? 208 GLN A HG2  1 
ATOM 577  H HG3  . GLN A 1 34 ? 11.416  -3.233  -2.175  1.00 0.93 ? 208 GLN A HG3  1 
ATOM 578  H HE21 . GLN A 1 34 ? 9.844   -3.603  -0.496  1.00 0.94 ? 208 GLN A HE21 1 
ATOM 579  H HE22 . GLN A 1 34 ? 8.746   -4.897  -0.554  1.00 1.03 ? 208 GLN A HE22 1 
ATOM 580  N N    . PRO A 1 35 ? 10.714  -0.227  -6.044  1.00 0.19 ? 209 PRO A N    1 
ATOM 581  C CA   . PRO A 1 35 ? 10.203  0.825   -6.982  1.00 0.21 ? 209 PRO A CA   1 
ATOM 582  C C    . PRO A 1 35 ? 8.746   1.228   -6.705  1.00 0.18 ? 209 PRO A C    1 
ATOM 583  O O    . PRO A 1 35 ? 7.872   0.390   -6.592  1.00 0.17 ? 209 PRO A O    1 
ATOM 584  C CB   . PRO A 1 35 ? 10.328  0.167   -8.363  1.00 0.26 ? 209 PRO A CB   1 
ATOM 585  C CG   . PRO A 1 35 ? 11.454  -0.818  -8.235  1.00 0.29 ? 209 PRO A CG   1 
ATOM 586  C CD   . PRO A 1 35 ? 11.518  -1.241  -6.757  1.00 0.22 ? 209 PRO A CD   1 
ATOM 587  H HA   . PRO A 1 35 ? 10.839  1.694   -6.942  1.00 0.24 ? 209 PRO A HA   1 
ATOM 588  H HB2  . PRO A 1 35 ? 9.407   -0.343  -8.623  1.00 0.37 ? 209 PRO A HB2  1 
ATOM 589  H HB3  . PRO A 1 35 ? 10.567  0.908   -9.113  1.00 0.36 ? 209 PRO A HB3  1 
ATOM 590  H HG2  . PRO A 1 35 ? 11.265  -1.681  -8.866  1.00 0.47 ? 209 PRO A HG2  1 
ATOM 591  H HG3  . PRO A 1 35 ? 12.388  -0.355  -8.521  1.00 0.42 ? 209 PRO A HG3  1 
ATOM 592  H HD2  . PRO A 1 35 ? 11.088  -2.226  -6.625  1.00 0.25 ? 209 PRO A HD2  1 
ATOM 593  H HD3  . PRO A 1 35 ? 12.539  -1.222  -6.408  1.00 0.25 ? 209 PRO A HD3  1 
ATOM 594  N N    . VAL A 1 36 ? 8.475   2.508   -6.603  1.00 0.19 ? 210 VAL A N    1 
ATOM 595  C CA   . VAL A 1 36 ? 7.078   2.952   -6.340  1.00 0.18 ? 210 VAL A CA   1 
ATOM 596  C C    . VAL A 1 36 ? 6.145   2.408   -7.414  1.00 0.18 ? 210 VAL A C    1 
ATOM 597  O O    . VAL A 1 36 ? 5.049   1.968   -7.128  1.00 0.18 ? 210 VAL A O    1 
ATOM 598  C CB   . VAL A 1 36 ? 6.997   4.484   -6.286  1.00 0.21 ? 210 VAL A CB   1 
ATOM 599  C CG1  . VAL A 1 36 ? 7.819   4.967   -5.102  1.00 0.25 ? 210 VAL A CG1  1 
ATOM 600  C CG2  . VAL A 1 36 ? 7.537   5.132   -7.571  1.00 0.26 ? 210 VAL A CG2  1 
ATOM 601  H H    . VAL A 1 36 ? 9.186   3.172   -6.701  1.00 0.21 ? 210 VAL A H    1 
ATOM 602  H HA   . VAL A 1 36 ? 6.766   2.554   -5.387  1.00 0.16 ? 210 VAL A HA   1 
ATOM 603  H HB   . VAL A 1 36 ? 5.969   4.774   -6.141  1.00 0.22 ? 210 VAL A HB   1 
ATOM 604  H HG11 . VAL A 1 36 ? 7.495   4.447   -4.217  1.00 1.03 ? 210 VAL A HG11 1 
ATOM 605  H HG12 . VAL A 1 36 ? 8.863   4.758   -5.279  1.00 1.04 ? 210 VAL A HG12 1 
ATOM 606  H HG13 . VAL A 1 36 ? 7.676   6.028   -4.970  1.00 1.02 ? 210 VAL A HG13 1 
ATOM 607  H HG21 . VAL A 1 36 ? 7.161   4.614   -8.432  1.00 1.06 ? 210 VAL A HG21 1 
ATOM 608  H HG22 . VAL A 1 36 ? 7.209   6.161   -7.611  1.00 1.04 ? 210 VAL A HG22 1 
ATOM 609  H HG23 . VAL A 1 36 ? 8.616   5.100   -7.573  1.00 1.02 ? 210 VAL A HG23 1 
ATOM 610  N N    . VAL A 1 37 ? 6.559   2.421   -8.646  1.00 0.20 ? 211 VAL A N    1 
ATOM 611  C CA   . VAL A 1 37 ? 5.682   1.896   -9.713  1.00 0.21 ? 211 VAL A CA   1 
ATOM 612  C C    . VAL A 1 37 ? 5.267   0.487   -9.335  1.00 0.20 ? 211 VAL A C    1 
ATOM 613  O O    . VAL A 1 37 ? 4.155   0.084   -9.549  1.00 0.21 ? 211 VAL A O    1 
ATOM 614  C CB   . VAL A 1 37 ? 6.431   1.870   -11.054 1.00 0.26 ? 211 VAL A CB   1 
ATOM 615  C CG1  . VAL A 1 37 ? 6.501   3.283   -11.644 1.00 1.32 ? 211 VAL A CG1  1 
ATOM 616  C CG2  . VAL A 1 37 ? 7.849   1.328   -10.841 1.00 1.40 ? 211 VAL A CG2  1 
ATOM 617  H H    . VAL A 1 37 ? 7.444   2.773   -8.864  1.00 0.21 ? 211 VAL A H    1 
ATOM 618  H HA   . VAL A 1 37 ? 4.805   2.517   -9.798  1.00 0.22 ? 211 VAL A HA   1 
ATOM 619  H HB   . VAL A 1 37 ? 5.904   1.227   -11.740 1.00 1.03 ? 211 VAL A HB   1 
ATOM 620  H HG11 . VAL A 1 37 ? 6.688   3.998   -10.857 1.00 1.92 ? 211 VAL A HG11 1 
ATOM 621  H HG12 . VAL A 1 37 ? 7.297   3.334   -12.374 1.00 1.88 ? 211 VAL A HG12 1 
ATOM 622  H HG13 . VAL A 1 37 ? 5.562   3.515   -12.124 1.00 1.92 ? 211 VAL A HG13 1 
ATOM 623  H HG21 . VAL A 1 37 ? 7.795   0.339   -10.410 1.00 2.01 ? 211 VAL A HG21 1 
ATOM 624  H HG22 . VAL A 1 37 ? 8.359   1.277   -11.791 1.00 1.98 ? 211 VAL A HG22 1 
ATOM 625  H HG23 . VAL A 1 37 ? 8.392   1.981   -10.176 1.00 1.96 ? 211 VAL A HG23 1 
ATOM 626  N N    . TYR A 1 38 ? 6.151   -0.260  -8.755  1.00 0.20 ? 212 TYR A N    1 
ATOM 627  C CA   . TYR A 1 38 ? 5.788   -1.650  -8.373  1.00 0.21 ? 212 TYR A CA   1 
ATOM 628  C C    . TYR A 1 38 ? 4.802   -1.615  -7.211  1.00 0.18 ? 212 TYR A C    1 
ATOM 629  O O    . TYR A 1 38 ? 3.793   -2.292  -7.221  1.00 0.19 ? 212 TYR A O    1 
ATOM 630  C CB   . TYR A 1 38 ? 7.046   -2.416  -7.966  1.00 0.23 ? 212 TYR A CB   1 
ATOM 631  C CG   . TYR A 1 38 ? 6.688   -3.859  -7.702  1.00 0.25 ? 212 TYR A CG   1 
ATOM 632  C CD1  . TYR A 1 38 ? 6.503   -4.746  -8.782  1.00 0.31 ? 212 TYR A CD1  1 
ATOM 633  C CD2  . TYR A 1 38 ? 6.533   -4.317  -6.379  1.00 0.28 ? 212 TYR A CD2  1 
ATOM 634  C CE1  . TYR A 1 38 ? 6.164   -6.090  -8.538  1.00 0.35 ? 212 TYR A CE1  1 
ATOM 635  C CE2  . TYR A 1 38 ? 6.195   -5.663  -6.137  1.00 0.33 ? 212 TYR A CE2  1 
ATOM 636  C CZ   . TYR A 1 38 ? 6.010   -6.549  -7.216  1.00 0.35 ? 212 TYR A CZ   1 
ATOM 637  O OH   . TYR A 1 38 ? 5.678   -7.866  -6.977  1.00 0.42 ? 212 TYR A OH   1 
ATOM 638  H H    . TYR A 1 38 ? 7.047   0.094   -8.567  1.00 0.20 ? 212 TYR A H    1 
ATOM 639  H HA   . TYR A 1 38 ? 5.324   -2.139  -9.214  1.00 0.22 ? 212 TYR A HA   1 
ATOM 640  H HB2  . TYR A 1 38 ? 7.772   -2.366  -8.764  1.00 0.26 ? 212 TYR A HB2  1 
ATOM 641  H HB3  . TYR A 1 38 ? 7.462   -1.980  -7.070  1.00 0.25 ? 212 TYR A HB3  1 
ATOM 642  H HD1  . TYR A 1 38 ? 6.620   -4.393  -9.795  1.00 0.35 ? 212 TYR A HD1  1 
ATOM 643  H HD2  . TYR A 1 38 ? 6.675   -3.639  -5.553  1.00 0.31 ? 212 TYR A HD2  1 
ATOM 644  H HE1  . TYR A 1 38 ? 6.022   -6.769  -9.365  1.00 0.42 ? 212 TYR A HE1  1 
ATOM 645  H HE2  . TYR A 1 38 ? 6.078   -6.016  -5.123  1.00 0.38 ? 212 TYR A HE2  1 
ATOM 646  H HH   . TYR A 1 38 ? 6.136   -8.409  -7.622  1.00 0.99 ? 212 TYR A HH   1 
ATOM 647  N N    . LEU A 1 39 ? 5.074   -0.825  -6.217  1.00 0.16 ? 213 LEU A N    1 
ATOM 648  C CA   . LEU A 1 39 ? 4.137   -0.744  -5.067  1.00 0.15 ? 213 LEU A CA   1 
ATOM 649  C C    . LEU A 1 39 ? 2.813   -0.157  -5.548  1.00 0.14 ? 213 LEU A C    1 
ATOM 650  O O    . LEU A 1 39 ? 1.748   -0.621  -5.191  1.00 0.15 ? 213 LEU A O    1 
ATOM 651  C CB   . LEU A 1 39 ? 4.717   0.170   -3.991  1.00 0.17 ? 213 LEU A CB   1 
ATOM 652  C CG   . LEU A 1 39 ? 6.015   -0.439  -3.435  1.00 0.23 ? 213 LEU A CG   1 
ATOM 653  C CD1  . LEU A 1 39 ? 6.685   0.564   -2.475  1.00 0.52 ? 213 LEU A CD1  1 
ATOM 654  C CD2  . LEU A 1 39 ? 5.711   -1.771  -2.692  1.00 0.47 ? 213 LEU A CD2  1 
ATOM 655  H H    . LEU A 1 39 ? 5.887   -0.279  -6.231  1.00 0.17 ? 213 LEU A H    1 
ATOM 656  H HA   . LEU A 1 39 ? 3.971   -1.729  -4.661  1.00 0.17 ? 213 LEU A HA   1 
ATOM 657  H HB2  . LEU A 1 39 ? 4.925   1.138   -4.421  1.00 0.17 ? 213 LEU A HB2  1 
ATOM 658  H HB3  . LEU A 1 39 ? 4.001   0.280   -3.189  1.00 0.20 ? 213 LEU A HB3  1 
ATOM 659  H HG   . LEU A 1 39 ? 6.689   -0.633  -4.259  1.00 0.52 ? 213 LEU A HG   1 
ATOM 660  H HD11 . LEU A 1 39 ? 6.558   1.570   -2.846  1.00 1.12 ? 213 LEU A HD11 1 
ATOM 661  H HD12 . LEU A 1 39 ? 6.238   0.481   -1.495  1.00 1.23 ? 213 LEU A HD12 1 
ATOM 662  H HD13 . LEU A 1 39 ? 7.740   0.341   -2.406  1.00 1.21 ? 213 LEU A HD13 1 
ATOM 663  H HD21 . LEU A 1 39 ? 4.665   -1.820  -2.423  1.00 1.08 ? 213 LEU A HD21 1 
ATOM 664  H HD22 . LEU A 1 39 ? 5.949   -2.605  -3.338  1.00 1.19 ? 213 LEU A HD22 1 
ATOM 665  H HD23 . LEU A 1 39 ? 6.308   -1.842  -1.795  1.00 1.17 ? 213 LEU A HD23 1 
ATOM 666  N N    . LYS A 1 40 ? 2.875   0.873   -6.347  1.00 0.13 ? 214 LYS A N    1 
ATOM 667  C CA   . LYS A 1 40 ? 1.622   1.504   -6.835  1.00 0.14 ? 214 LYS A CA   1 
ATOM 668  C C    . LYS A 1 40 ? 0.764   0.485   -7.579  1.00 0.13 ? 214 LYS A C    1 
ATOM 669  O O    . LYS A 1 40 ? -0.427  0.431   -7.380  1.00 0.14 ? 214 LYS A O    1 
ATOM 670  C CB   . LYS A 1 40 ? 1.945   2.682   -7.767  1.00 0.16 ? 214 LYS A CB   1 
ATOM 671  C CG   . LYS A 1 40 ? 2.480   3.870   -6.938  1.00 0.18 ? 214 LYS A CG   1 
ATOM 672  C CD   . LYS A 1 40 ? 2.404   5.193   -7.739  1.00 0.26 ? 214 LYS A CD   1 
ATOM 673  C CE   . LYS A 1 40 ? 3.685   5.398   -8.550  1.00 1.27 ? 214 LYS A CE   1 
ATOM 674  N NZ   . LYS A 1 40 ? 3.557   6.629   -9.380  1.00 1.77 ? 214 LYS A NZ   1 
ATOM 675  H H    . LYS A 1 40 ? 3.745   1.237   -6.615  1.00 0.14 ? 214 LYS A H    1 
ATOM 676  H HA   . LYS A 1 40 ? 1.061   1.863   -5.989  1.00 0.15 ? 214 LYS A HA   1 
ATOM 677  H HB2  . LYS A 1 40 ? 2.693   2.373   -8.487  1.00 0.17 ? 214 LYS A HB2  1 
ATOM 678  H HB3  . LYS A 1 40 ? 1.046   2.975   -8.288  1.00 0.17 ? 214 LYS A HB3  1 
ATOM 679  H HG2  . LYS A 1 40 ? 1.888   3.971   -6.039  1.00 0.24 ? 214 LYS A HG2  1 
ATOM 680  H HG3  . LYS A 1 40 ? 3.508   3.673   -6.661  1.00 0.22 ? 214 LYS A HG3  1 
ATOM 681  H HD2  . LYS A 1 40 ? 1.558   5.172   -8.409  1.00 1.07 ? 214 LYS A HD2  1 
ATOM 682  H HD3  . LYS A 1 40 ? 2.287   6.019   -7.052  1.00 0.98 ? 214 LYS A HD3  1 
ATOM 683  H HE2  . LYS A 1 40 ? 4.523   5.504   -7.878  1.00 1.94 ? 214 LYS A HE2  1 
ATOM 684  H HE3  . LYS A 1 40 ? 3.844   4.547   -9.193  1.00 1.97 ? 214 LYS A HE3  1 
ATOM 685  H HZ1  . LYS A 1 40 ? 2.592   6.691   -9.764  1.00 2.12 ? 214 LYS A HZ1  1 
ATOM 686  H HZ2  . LYS A 1 40 ? 3.752   7.466   -8.793  1.00 2.16 ? 214 LYS A HZ2  1 
ATOM 687  H HZ3  . LYS A 1 40 ? 4.237   6.588   -10.165 1.00 2.30 ? 214 LYS A HZ3  1 
ATOM 688  N N    . GLU A 1 41 ? 1.339   -0.322  -8.428  1.00 0.14 ? 215 GLU A N    1 
ATOM 689  C CA   . GLU A 1 41 ? 0.498   -1.306  -9.170  1.00 0.14 ? 215 GLU A CA   1 
ATOM 690  C C    . GLU A 1 41 ? -0.201  -2.233  -8.171  1.00 0.13 ? 215 GLU A C    1 
ATOM 691  O O    . GLU A 1 41 ? -1.322  -2.651  -8.388  1.00 0.14 ? 215 GLU A O    1 
ATOM 692  C CB   . GLU A 1 41 ? 1.363   -2.131  -10.139 1.00 0.16 ? 215 GLU A CB   1 
ATOM 693  C CG   . GLU A 1 41 ? 1.913   -1.224  -11.274 1.00 0.18 ? 215 GLU A CG   1 
ATOM 694  C CD   . GLU A 1 41 ? 2.045   -1.996  -12.595 1.00 1.21 ? 215 GLU A CD   1 
ATOM 695  O OE1  . GLU A 1 41 ? 1.613   -3.134  -12.656 1.00 1.97 ? 215 GLU A OE1  1 
ATOM 696  O OE2  . GLU A 1 41 ? 2.589   -1.426  -13.528 1.00 1.99 ? 215 GLU A OE2  1 
ATOM 697  H H    . GLU A 1 41 ? 2.307   -0.272  -8.585  1.00 0.15 ? 215 GLU A H    1 
ATOM 698  H HA   . GLU A 1 41 ? -0.255  -0.771  -9.731  1.00 0.15 ? 215 GLU A HA   1 
ATOM 699  H HB2  . GLU A 1 41 ? 2.188   -2.570  -9.594  1.00 0.16 ? 215 GLU A HB2  1 
ATOM 700  H HB3  . GLU A 1 41 ? 0.756   -2.916  -10.560 1.00 0.18 ? 215 GLU A HB3  1 
ATOM 701  H HG2  . GLU A 1 41 ? 1.260   -0.378  -11.426 1.00 0.92 ? 215 GLU A HG2  1 
ATOM 702  H HG3  . GLU A 1 41 ? 2.881   -0.864  -10.997 1.00 0.86 ? 215 GLU A HG3  1 
ATOM 703  N N    . ILE A 1 42 ? 0.427   -2.537  -7.071  1.00 0.12 ? 216 ILE A N    1 
ATOM 704  C CA   . ILE A 1 42 ? -0.237  -3.411  -6.062  1.00 0.12 ? 216 ILE A CA   1 
ATOM 705  C C    . ILE A 1 42 ? -1.318  -2.586  -5.368  1.00 0.12 ? 216 ILE A C    1 
ATOM 706  O O    . ILE A 1 42 ? -2.445  -3.013  -5.213  1.00 0.15 ? 216 ILE A O    1 
ATOM 707  C CB   . ILE A 1 42 ? 0.816   -3.890  -5.047  1.00 0.13 ? 216 ILE A CB   1 
ATOM 708  C CG1  . ILE A 1 42 ? 1.856   -4.741  -5.803  1.00 0.16 ? 216 ILE A CG1  1 
ATOM 709  C CG2  . ILE A 1 42 ? 0.163   -4.721  -3.911  1.00 0.17 ? 216 ILE A CG2  1 
ATOM 710  C CD1  . ILE A 1 42 ? 3.125   -4.931  -4.956  1.00 0.18 ? 216 ILE A CD1  1 
ATOM 711  H H    . ILE A 1 42 ? 1.322   -2.177  -6.899  1.00 0.12 ? 216 ILE A H    1 
ATOM 712  H HA   . ILE A 1 42 ? -0.688  -4.260  -6.553  1.00 0.14 ? 216 ILE A HA   1 
ATOM 713  H HB   . ILE A 1 42 ? 1.308   -3.029  -4.617  1.00 0.14 ? 216 ILE A HB   1 
ATOM 714  H HG12 . ILE A 1 42 ? 1.431   -5.706  -6.038  1.00 0.18 ? 216 ILE A HG12 1 
ATOM 715  H HG13 . ILE A 1 42 ? 2.119   -4.243  -6.726  1.00 0.17 ? 216 ILE A HG13 1 
ATOM 716  H HG21 . ILE A 1 42 ? -0.815  -4.336  -3.681  1.00 1.02 ? 216 ILE A HG21 1 
ATOM 717  H HG22 . ILE A 1 42 ? 0.071   -5.752  -4.211  1.00 1.00 ? 216 ILE A HG22 1 
ATOM 718  H HG23 . ILE A 1 42 ? 0.778   -4.661  -3.023  1.00 1.05 ? 216 ILE A HG23 1 
ATOM 719  H HD11 . ILE A 1 42 ? 2.876   -4.929  -3.907  1.00 1.00 ? 216 ILE A HD11 1 
ATOM 720  H HD12 . ILE A 1 42 ? 3.585   -5.870  -5.212  1.00 1.09 ? 216 ILE A HD12 1 
ATOM 721  H HD13 . ILE A 1 42 ? 3.819   -4.130  -5.161  1.00 0.98 ? 216 ILE A HD13 1 
ATOM 722  N N    . LEU A 1 43 ? -0.976  -1.404  -4.956  1.00 0.11 ? 217 LEU A N    1 
ATOM 723  C CA   . LEU A 1 43 ? -1.967  -0.532  -4.277  1.00 0.12 ? 217 LEU A CA   1 
ATOM 724  C C    . LEU A 1 43 ? -3.085  -0.174  -5.258  1.00 0.12 ? 217 LEU A C    1 
ATOM 725  O O    . LEU A 1 43 ? -4.208  0.060   -4.885  1.00 0.14 ? 217 LEU A O    1 
ATOM 726  C CB   . LEU A 1 43 ? -1.271  0.750   -3.819  1.00 0.15 ? 217 LEU A CB   1 
ATOM 727  C CG   . LEU A 1 43 ? -0.173  0.415   -2.800  1.00 0.17 ? 217 LEU A CG   1 
ATOM 728  C CD1  . LEU A 1 43 ? 0.699   1.653   -2.586  1.00 0.21 ? 217 LEU A CD1  1 
ATOM 729  C CD2  . LEU A 1 43 ? -0.794  -0.017  -1.458  1.00 0.20 ? 217 LEU A CD2  1 
ATOM 730  H H    . LEU A 1 43 ? -0.061  -1.084  -5.099  1.00 0.11 ? 217 LEU A H    1 
ATOM 731  H HA   . LEU A 1 43 ? -2.381  -1.046  -3.423  1.00 0.14 ? 217 LEU A HA   1 
ATOM 732  H HB2  . LEU A 1 43 ? -0.825  1.236   -4.675  1.00 0.15 ? 217 LEU A HB2  1 
ATOM 733  H HB3  . LEU A 1 43 ? -1.992  1.411   -3.368  1.00 0.17 ? 217 LEU A HB3  1 
ATOM 734  H HG   . LEU A 1 43 ? 0.440   -0.387  -3.188  1.00 0.16 ? 217 LEU A HG   1 
ATOM 735  H HD11 . LEU A 1 43 ? 1.098   1.980   -3.534  1.00 1.06 ? 217 LEU A HD11 1 
ATOM 736  H HD12 . LEU A 1 43 ? 0.103   2.444   -2.154  1.00 1.02 ? 217 LEU A HD12 1 
ATOM 737  H HD13 . LEU A 1 43 ? 1.512   1.409   -1.919  1.00 1.01 ? 217 LEU A HD13 1 
ATOM 738  H HD21 . LEU A 1 43 ? -1.674  0.573   -1.252  1.00 0.97 ? 217 LEU A HD21 1 
ATOM 739  H HD22 . LEU A 1 43 ? -1.066  -1.061  -1.508  1.00 1.04 ? 217 LEU A HD22 1 
ATOM 740  H HD23 . LEU A 1 43 ? -0.076  0.123   -0.663  1.00 1.01 ? 217 LEU A HD23 1 
ATOM 741  N N    . LYS A 1 44 ? -2.792  -0.106  -6.516  1.00 0.14 ? 218 LYS A N    1 
ATOM 742  C CA   . LYS A 1 44 ? -3.858  0.259   -7.484  1.00 0.16 ? 218 LYS A CA   1 
ATOM 743  C C    . LYS A 1 44 ? -4.927  -0.842  -7.546  1.00 0.15 ? 218 LYS A C    1 
ATOM 744  O O    . LYS A 1 44 ? -6.099  -0.567  -7.707  1.00 0.17 ? 218 LYS A O    1 
ATOM 745  C CB   . LYS A 1 44 ? -3.234  0.474   -8.882  1.00 0.21 ? 218 LYS A CB   1 
ATOM 746  C CG   . LYS A 1 44 ? -3.653  1.834   -9.457  1.00 1.09 ? 218 LYS A CG   1 
ATOM 747  C CD   . LYS A 1 44 ? -2.858  2.113   -10.748 1.00 1.26 ? 218 LYS A CD   1 
ATOM 748  C CE   . LYS A 1 44 ? -3.667  3.011   -11.687 1.00 1.90 ? 218 LYS A CE   1 
ATOM 749  N NZ   . LYS A 1 44 ? -2.972  3.091   -12.998 1.00 2.47 ? 218 LYS A NZ   1 
ATOM 750  H H    . LYS A 1 44 ? -1.877  -0.280  -6.824  1.00 0.15 ? 218 LYS A H    1 
ATOM 751  H HA   . LYS A 1 44 ? -4.327  1.172   -7.147  1.00 0.19 ? 218 LYS A HA   1 
ATOM 752  H HB2  . LYS A 1 44 ? -2.165  0.445   -8.801  1.00 0.71 ? 218 LYS A HB2  1 
ATOM 753  H HB3  . LYS A 1 44 ? -3.553  -0.307  -9.559  1.00 0.87 ? 218 LYS A HB3  1 
ATOM 754  H HG2  . LYS A 1 44 ? -4.713  1.817   -9.664  1.00 1.88 ? 218 LYS A HG2  1 
ATOM 755  H HG3  . LYS A 1 44 ? -3.441  2.609   -8.733  1.00 1.69 ? 218 LYS A HG3  1 
ATOM 756  H HD2  . LYS A 1 44 ? -1.930  2.608   -10.495 1.00 1.56 ? 218 LYS A HD2  1 
ATOM 757  H HD3  . LYS A 1 44 ? -2.638  1.182   -11.252 1.00 1.82 ? 218 LYS A HD3  1 
ATOM 758  H HE2  . LYS A 1 44 ? -4.654  2.594   -11.829 1.00 2.38 ? 218 LYS A HE2  1 
ATOM 759  H HE3  . LYS A 1 44 ? -3.749  3.999   -11.260 1.00 2.40 ? 218 LYS A HE3  1 
ATOM 760  H HZ1  . LYS A 1 44 ? -1.953  3.220   -12.842 1.00 2.90 ? 218 LYS A HZ1  1 
ATOM 761  H HZ2  . LYS A 1 44 ? -3.134  2.209   -13.528 1.00 2.81 ? 218 LYS A HZ2  1 
ATOM 762  H HZ3  . LYS A 1 44 ? -3.344  3.895   -13.538 1.00 2.86 ? 218 LYS A HZ3  1 
ATOM 763  N N    . GLU A 1 45 ? -4.535  -2.082  -7.460  1.00 0.14 ? 219 GLU A N    1 
ATOM 764  C CA   . GLU A 1 45 ? -5.542  -3.177  -7.562  1.00 0.16 ? 219 GLU A CA   1 
ATOM 765  C C    . GLU A 1 45 ? -6.329  -3.323  -6.255  1.00 0.15 ? 219 GLU A C    1 
ATOM 766  O O    . GLU A 1 45 ? -7.531  -3.494  -6.279  1.00 0.25 ? 219 GLU A O    1 
ATOM 767  C CB   . GLU A 1 45 ? -4.825  -4.489  -7.894  1.00 0.20 ? 219 GLU A CB   1 
ATOM 768  C CG   . GLU A 1 45 ? -4.149  -4.368  -9.268  1.00 0.25 ? 219 GLU A CG   1 
ATOM 769  C CD   . GLU A 1 45 ? -3.809  -5.759  -9.806  1.00 1.13 ? 219 GLU A CD   1 
ATOM 770  O OE1  . GLU A 1 45 ? -4.728  -6.472  -10.171 1.00 1.93 ? 219 GLU A OE1  1 
ATOM 771  O OE2  . GLU A 1 45 ? -2.634  -6.085  -9.848  1.00 1.85 ? 219 GLU A OE2  1 
ATOM 772  H H    . GLU A 1 45 ? -3.581  -2.296  -7.359  1.00 0.15 ? 219 GLU A H    1 
ATOM 773  H HA   . GLU A 1 45 ? -6.232  -2.944  -8.360  1.00 0.18 ? 219 GLU A HA   1 
ATOM 774  H HB2  . GLU A 1 45 ? -4.078  -4.693  -7.140  1.00 0.21 ? 219 GLU A HB2  1 
ATOM 775  H HB3  . GLU A 1 45 ? -5.543  -5.296  -7.918  1.00 0.22 ? 219 GLU A HB3  1 
ATOM 776  H HG2  . GLU A 1 45 ? -4.815  -3.872  -9.960  1.00 0.91 ? 219 GLU A HG2  1 
ATOM 777  H HG3  . GLU A 1 45 ? -3.240  -3.793  -9.171  1.00 0.88 ? 219 GLU A HG3  1 
ATOM 778  N N    . ILE A 1 46 ? -5.672  -3.270  -5.118  1.00 0.13 ? 220 ILE A N    1 
ATOM 779  C CA   . ILE A 1 46 ? -6.397  -3.425  -3.809  1.00 0.13 ? 220 ILE A CA   1 
ATOM 780  C C    . ILE A 1 46 ? -6.304  -2.143  -2.973  1.00 0.13 ? 220 ILE A C    1 
ATOM 781  O O    . ILE A 1 46 ? -6.975  -2.003  -1.974  1.00 0.16 ? 220 ILE A O    1 
ATOM 782  C CB   . ILE A 1 46 ? -5.765  -4.579  -3.020  1.00 0.15 ? 220 ILE A CB   1 
ATOM 783  C CG1  . ILE A 1 46 ? -4.268  -4.301  -2.791  1.00 0.17 ? 220 ILE A CG1  1 
ATOM 784  C CG2  . ILE A 1 46 ? -5.922  -5.880  -3.812  1.00 0.18 ? 220 ILE A CG2  1 
ATOM 785  C CD1  . ILE A 1 46 ? -3.720  -5.231  -1.707  1.00 0.21 ? 220 ILE A CD1  1 
ATOM 786  H H    . ILE A 1 46 ? -4.700  -3.140  -5.124  1.00 0.19 ? 220 ILE A H    1 
ATOM 787  H HA   . ILE A 1 46 ? -7.440  -3.654  -3.983  1.00 0.14 ? 220 ILE A HA   1 
ATOM 788  H HB   . ILE A 1 46 ? -6.271  -4.675  -2.071  1.00 0.16 ? 220 ILE A HB   1 
ATOM 789  H HG12 . ILE A 1 46 ? -3.728  -4.471  -3.709  1.00 0.20 ? 220 ILE A HG12 1 
ATOM 790  H HG13 . ILE A 1 46 ? -4.124  -3.279  -2.479  1.00 0.19 ? 220 ILE A HG13 1 
ATOM 791  H HG21 . ILE A 1 46 ? -5.432  -5.781  -4.769  1.00 1.01 ? 220 ILE A HG21 1 
ATOM 792  H HG22 . ILE A 1 46 ? -5.477  -6.696  -3.263  1.00 0.98 ? 220 ILE A HG22 1 
ATOM 793  H HG23 . ILE A 1 46 ? -6.969  -6.083  -3.964  1.00 1.03 ? 220 ILE A HG23 1 
ATOM 794  H HD11 . ILE A 1 46 ? -4.431  -5.320  -0.900  1.00 1.01 ? 220 ILE A HD11 1 
ATOM 795  H HD12 . ILE A 1 46 ? -3.533  -6.203  -2.130  1.00 1.04 ? 220 ILE A HD12 1 
ATOM 796  H HD13 . ILE A 1 46 ? -2.800  -4.817  -1.326  1.00 1.08 ? 220 ILE A HD13 1 
ATOM 797  N N    . GLY A 1 47 ? -5.457  -1.222  -3.345  1.00 0.14 ? 221 GLY A N    1 
ATOM 798  C CA   . GLY A 1 47 ? -5.313  0.030   -2.535  1.00 0.15 ? 221 GLY A CA   1 
ATOM 799  C C    . GLY A 1 47 ? -6.314  1.093   -2.992  1.00 0.15 ? 221 GLY A C    1 
ATOM 800  O O    . GLY A 1 47 ? -7.109  0.882   -3.885  1.00 0.17 ? 221 GLY A O    1 
ATOM 801  H H    . GLY A 1 47 ? -4.899  -1.359  -4.141  1.00 0.17 ? 221 GLY A H    1 
ATOM 802  H HA2  . GLY A 1 47 ? -5.492  -0.195  -1.498  1.00 0.16 ? 221 GLY A HA2  1 
ATOM 803  H HA3  . GLY A 1 47 ? -4.312  0.417   -2.638  1.00 0.17 ? 221 GLY A HA3  1 
ATOM 804  N N    . VAL A 1 48 ? -6.265  2.241   -2.369  1.00 0.15 ? 222 VAL A N    1 
ATOM 805  C CA   . VAL A 1 48 ? -7.188  3.361   -2.720  1.00 0.17 ? 222 VAL A CA   1 
ATOM 806  C C    . VAL A 1 48 ? -6.381  4.659   -2.624  1.00 0.16 ? 222 VAL A C    1 
ATOM 807  O O    . VAL A 1 48 ? -5.239  4.633   -2.238  1.00 0.15 ? 222 VAL A O    1 
ATOM 808  C CB   . VAL A 1 48 ? -8.358  3.380   -1.716  1.00 0.18 ? 222 VAL A CB   1 
ATOM 809  C CG1  . VAL A 1 48 ? -9.322  4.542   -2.034  1.00 0.21 ? 222 VAL A CG1  1 
ATOM 810  C CG2  . VAL A 1 48 ? -9.108  2.043   -1.799  1.00 0.23 ? 222 VAL A CG2  1 
ATOM 811  H H    . VAL A 1 48 ? -5.607  2.369   -1.654  1.00 0.16 ? 222 VAL A H    1 
ATOM 812  H HA   . VAL A 1 48 ? -7.563  3.235   -3.726  1.00 0.19 ? 222 VAL A HA   1 
ATOM 813  H HB   . VAL A 1 48 ? -7.966  3.505   -0.713  1.00 0.18 ? 222 VAL A HB   1 
ATOM 814  H HG11 . VAL A 1 48 ? -9.327  4.735   -3.096  1.00 1.05 ? 222 VAL A HG11 1 
ATOM 815  H HG12 . VAL A 1 48 ? -10.324 4.287   -1.715  1.00 1.01 ? 222 VAL A HG12 1 
ATOM 816  H HG13 . VAL A 1 48 ? -9.000  5.430   -1.509  1.00 1.05 ? 222 VAL A HG13 1 
ATOM 817  H HG21 . VAL A 1 48 ? -9.465  1.891   -2.807  1.00 1.00 ? 222 VAL A HG21 1 
ATOM 818  H HG22 . VAL A 1 48 ? -8.443  1.238   -1.527  1.00 1.10 ? 222 VAL A HG22 1 
ATOM 819  H HG23 . VAL A 1 48 ? -9.947  2.057   -1.119  1.00 1.03 ? 222 VAL A HG23 1 
ATOM 820  N N    . GLN A 1 49 ? -6.945  5.787   -2.975  1.00 0.17 ? 223 GLN A N    1 
ATOM 821  C CA   . GLN A 1 49 ? -6.175  7.076   -2.898  1.00 0.17 ? 223 GLN A CA   1 
ATOM 822  C C    . GLN A 1 49 ? -7.095  8.173   -2.368  1.00 0.15 ? 223 GLN A C    1 
ATOM 823  O O    . GLN A 1 49 ? -8.301  8.099   -2.493  1.00 0.17 ? 223 GLN A O    1 
ATOM 824  C CB   . GLN A 1 49 ? -5.671  7.461   -4.298  1.00 0.19 ? 223 GLN A CB   1 
ATOM 825  C CG   . GLN A 1 49 ? -4.964  8.827   -4.262  1.00 0.19 ? 223 GLN A CG   1 
ATOM 826  C CD   . GLN A 1 49 ? -3.808  8.798   -3.256  1.00 0.19 ? 223 GLN A CD   1 
ATOM 827  O OE1  . GLN A 1 49 ? -2.844  8.084   -3.444  1.00 0.22 ? 223 GLN A OE1  1 
ATOM 828  N NE2  . GLN A 1 49 ? -3.863  9.552   -2.190  1.00 0.20 ? 223 GLN A NE2  1 
ATOM 829  H H    . GLN A 1 49 ? -7.866  5.791   -3.297  1.00 0.20 ? 223 GLN A H    1 
ATOM 830  H HA   . GLN A 1 49 ? -5.333  6.966   -2.228  1.00 0.16 ? 223 GLN A HA   1 
ATOM 831  H HB2  . GLN A 1 49 ? -4.977  6.710   -4.645  1.00 0.21 ? 223 GLN A HB2  1 
ATOM 832  H HB3  . GLN A 1 49 ? -6.509  7.513   -4.977  1.00 0.20 ? 223 GLN A HB3  1 
ATOM 833  H HG2  . GLN A 1 49 ? -4.574  9.052   -5.244  1.00 0.22 ? 223 GLN A HG2  1 
ATOM 834  H HG3  . GLN A 1 49 ? -5.667  9.595   -3.976  1.00 0.18 ? 223 GLN A HG3  1 
ATOM 835  H HE21 . GLN A 1 49 ? -4.640  10.132  -2.039  1.00 0.22 ? 223 GLN A HE21 1 
ATOM 836  H HE22 . GLN A 1 49 ? -3.130  9.538   -1.541  1.00 0.21 ? 223 GLN A HE22 1 
ATOM 837  N N    . ASN A 1 50 ? -6.535  9.188   -1.766  1.00 0.14 ? 224 ASN A N    1 
ATOM 838  C CA   . ASN A 1 50 ? -7.381  10.283  -1.217  1.00 0.13 ? 224 ASN A CA   1 
ATOM 839  C C    . ASN A 1 50 ? -6.571  11.575  -1.162  1.00 0.13 ? 224 ASN A C    1 
ATOM 840  O O    . ASN A 1 50 ? -5.591  11.675  -0.445  1.00 0.18 ? 224 ASN A O    1 
ATOM 841  C CB   . ASN A 1 50 ? -7.816  9.933   0.210   1.00 0.14 ? 224 ASN A CB   1 
ATOM 842  C CG   . ASN A 1 50 ? -8.105  8.437   0.304   1.00 0.18 ? 224 ASN A CG   1 
ATOM 843  O OD1  . ASN A 1 50 ? -9.233  8.008   0.156   1.00 0.22 ? 224 ASN A OD1  1 
ATOM 844  N ND2  . ASN A 1 50 ? -7.117  7.621   0.545   1.00 0.21 ? 224 ASN A ND2  1 
ATOM 845  H H    . ASN A 1 50 ? -5.565  9.225   -1.666  1.00 0.14 ? 224 ASN A H    1 
ATOM 846  H HA   . ASN A 1 50 ? -8.252  10.426  -1.840  1.00 0.15 ? 224 ASN A HA   1 
ATOM 847  H HB2  . ASN A 1 50 ? -7.031  10.192  0.906   1.00 0.14 ? 224 ASN A HB2  1 
ATOM 848  H HB3  . ASN A 1 50 ? -8.709  10.487  0.456   1.00 0.16 ? 224 ASN A HB3  1 
ATOM 849  H HD21 . ASN A 1 50 ? -6.206  7.974   0.662   1.00 0.24 ? 224 ASN A HD21 1 
ATOM 850  H HD22 . ASN A 1 50 ? -7.280  6.656   0.610   1.00 0.25 ? 224 ASN A HD22 1 
ATOM 851  N N    . VAL A 1 51 ? -6.990  12.569  -1.886  1.00 0.20 ? 225 VAL A N    1 
ATOM 852  C CA   . VAL A 1 51 ? -6.280  13.873  -1.849  1.00 0.24 ? 225 VAL A CA   1 
ATOM 853  C C    . VAL A 1 51 ? -6.983  14.734  -0.801  1.00 0.28 ? 225 VAL A C    1 
ATOM 854  O O    . VAL A 1 51 ? -8.181  14.643  -0.626  1.00 0.37 ? 225 VAL A O    1 
ATOM 855  C CB   . VAL A 1 51 ? -6.355  14.534  -3.225  1.00 0.33 ? 225 VAL A CB   1 
ATOM 856  C CG1  . VAL A 1 51 ? -5.484  13.742  -4.206  1.00 0.37 ? 225 VAL A CG1  1 
ATOM 857  C CG2  . VAL A 1 51 ? -7.811  14.539  -3.722  1.00 0.39 ? 225 VAL A CG2  1 
ATOM 858  H H    . VAL A 1 51 ? -7.795  12.468  -2.434  1.00 0.27 ? 225 VAL A H    1 
ATOM 859  H HA   . VAL A 1 51 ? -5.241  13.727  -1.565  1.00 0.22 ? 225 VAL A HA   1 
ATOM 860  H HB   . VAL A 1 51 ? -5.990  15.549  -3.157  1.00 0.38 ? 225 VAL A HB   1 
ATOM 861  H HG11 . VAL A 1 51 ? -5.739  12.694  -4.146  1.00 1.03 ? 225 VAL A HG11 1 
ATOM 862  H HG12 . VAL A 1 51 ? -5.656  14.098  -5.210  1.00 1.10 ? 225 VAL A HG12 1 
ATOM 863  H HG13 . VAL A 1 51 ? -4.442  13.874  -3.950  1.00 1.06 ? 225 VAL A HG13 1 
ATOM 864  H HG21 . VAL A 1 51 ? -8.482  14.719  -2.896  1.00 1.02 ? 225 VAL A HG21 1 
ATOM 865  H HG22 . VAL A 1 51 ? -7.934  15.317  -4.456  1.00 1.10 ? 225 VAL A HG22 1 
ATOM 866  H HG23 . VAL A 1 51 ? -8.046  13.583  -4.166  1.00 1.11 ? 225 VAL A HG23 1 
ATOM 867  N N    . LYS A 1 52 ? -6.253  15.522  -0.066  1.00 0.29 ? 226 LYS A N    1 
ATOM 868  C CA   . LYS A 1 52 ? -6.888  16.348  1.013   1.00 0.34 ? 226 LYS A CA   1 
ATOM 869  C C    . LYS A 1 52 ? -6.517  17.824  0.871   1.00 0.38 ? 226 LYS A C    1 
ATOM 870  O O    . LYS A 1 52 ? -6.023  18.250  -0.155  1.00 0.42 ? 226 LYS A O    1 
ATOM 871  C CB   . LYS A 1 52 ? -6.409  15.780  2.343   1.00 0.40 ? 226 LYS A CB   1 
ATOM 872  C CG   . LYS A 1 52 ? -6.532  14.243  2.265   1.00 0.57 ? 226 LYS A CG   1 
ATOM 873  C CD   . LYS A 1 52 ? -6.626  13.610  3.654   1.00 0.61 ? 226 LYS A CD   1 
ATOM 874  C CE   . LYS A 1 52 ? -7.864  14.128  4.414   1.00 1.05 ? 226 LYS A CE   1 
ATOM 875  N NZ   . LYS A 1 52 ? -8.419  13.041  5.265   1.00 1.82 ? 226 LYS A NZ   1 
ATOM 876  H H    . LYS A 1 52 ? -5.285  15.542  -0.192  1.00 0.31 ? 226 LYS A H    1 
ATOM 877  H HA   . LYS A 1 52 ? -7.965  16.261  0.966   1.00 0.43 ? 226 LYS A HA   1 
ATOM 878  H HB2  . LYS A 1 52 ? -5.378  16.060  2.506   1.00 0.42 ? 226 LYS A HB2  1 
ATOM 879  H HB3  . LYS A 1 52 ? -7.023  16.163  3.139   1.00 0.44 ? 226 LYS A HB3  1 
ATOM 880  H HG2  . LYS A 1 52 ? -7.419  13.973  1.703   1.00 1.23 ? 226 LYS A HG2  1 
ATOM 881  H HG3  . LYS A 1 52 ? -5.665  13.848  1.761   1.00 1.07 ? 226 LYS A HG3  1 
ATOM 882  H HD2  . LYS A 1 52 ? -6.705  12.537  3.537   1.00 1.26 ? 226 LYS A HD2  1 
ATOM 883  H HD3  . LYS A 1 52 ? -5.735  13.841  4.213   1.00 1.17 ? 226 LYS A HD3  1 
ATOM 884  H HE2  . LYS A 1 52 ? -7.583  14.957  5.047   1.00 1.62 ? 226 LYS A HE2  1 
ATOM 885  H HE3  . LYS A 1 52 ? -8.624  14.452  3.715   1.00 1.60 ? 226 LYS A HE3  1 
ATOM 886  H HZ1  . LYS A 1 52 ? -7.974  12.138  5.014   1.00 2.39 ? 226 LYS A HZ1  1 
ATOM 887  H HZ2  . LYS A 1 52 ? -8.228  13.253  6.265   1.00 2.27 ? 226 LYS A HZ2  1 
ATOM 888  H HZ3  . LYS A 1 52 ? -9.448  12.976  5.117   1.00 2.28 ? 226 LYS A HZ3  1 
ATOM 889  N N    . GLY A 1 53 ? -6.782  18.606  1.894   1.00 0.45 ? 227 GLY A N    1 
ATOM 890  C CA   . GLY A 1 53 ? -6.482  20.075  1.851   1.00 0.58 ? 227 GLY A CA   1 
ATOM 891  C C    . GLY A 1 53 ? -5.198  20.341  1.063   1.00 0.54 ? 227 GLY A C    1 
ATOM 892  O O    . GLY A 1 53 ? -5.237  20.743  -0.084  1.00 0.59 ? 227 GLY A O    1 
ATOM 893  H H    . GLY A 1 53 ? -7.199  18.225  2.694   1.00 0.45 ? 227 GLY A H    1 
ATOM 894  H HA2  . GLY A 1 53 ? -7.305  20.593  1.379   1.00 0.67 ? 227 GLY A HA2  1 
ATOM 895  H HA3  . GLY A 1 53 ? -6.363  20.444  2.858   1.00 0.66 ? 227 GLY A HA3  1 
ATOM 896  N N    . ILE A 1 54 ? -4.065  20.110  1.659   1.00 0.52 ? 228 ILE A N    1 
ATOM 897  C CA   . ILE A 1 54 ? -2.787  20.339  0.931   1.00 0.52 ? 228 ILE A CA   1 
ATOM 898  C C    . ILE A 1 54 ? -2.536  19.157  -0.007  1.00 0.48 ? 228 ILE A C    1 
ATOM 899  O O    . ILE A 1 54 ? -1.420  18.893  -0.405  1.00 0.64 ? 228 ILE A O    1 
ATOM 900  C CB   . ILE A 1 54 ? -1.639  20.492  1.944   1.00 0.56 ? 228 ILE A CB   1 
ATOM 901  C CG1  . ILE A 1 54 ? -1.503  19.195  2.772   1.00 0.52 ? 228 ILE A CG1  1 
ATOM 902  C CG2  . ILE A 1 54 ? -1.935  21.696  2.879   1.00 0.65 ? 228 ILE A CG2  1 
ATOM 903  C CD1  . ILE A 1 54 ? -0.272  19.258  3.699   1.00 0.63 ? 228 ILE A CD1  1 
ATOM 904  H H    . ILE A 1 54 ? -4.053  19.778  2.580   1.00 0.55 ? 228 ILE A H    1 
ATOM 905  H HA   . ILE A 1 54 ? -2.869  21.244  0.345   1.00 0.58 ? 228 ILE A HA   1 
ATOM 906  H HB   . ILE A 1 54 ? -0.717  20.676  1.408   1.00 0.60 ? 228 ILE A HB   1 
ATOM 907  H HG12 . ILE A 1 54 ? -2.393  19.066  3.364   1.00 0.54 ? 228 ILE A HG12 1 
ATOM 908  H HG13 . ILE A 1 54 ? -1.398  18.350  2.107   1.00 0.46 ? 228 ILE A HG13 1 
ATOM 909  H HG21 . ILE A 1 54 ? -2.585  22.402  2.377   1.00 1.20 ? 228 ILE A HG21 1 
ATOM 910  H HG22 . ILE A 1 54 ? -2.419  21.354  3.782   1.00 1.16 ? 228 ILE A HG22 1 
ATOM 911  H HG23 . ILE A 1 54 ? -1.011  22.193  3.136   1.00 1.26 ? 228 ILE A HG23 1 
ATOM 912  H HD11 . ILE A 1 54 ? -0.063  20.278  3.975   1.00 1.23 ? 228 ILE A HD11 1 
ATOM 913  H HD12 . ILE A 1 54 ? -0.465  18.680  4.593   1.00 1.23 ? 228 ILE A HD12 1 
ATOM 914  H HD13 . ILE A 1 54 ? 0.587   18.845  3.190   1.00 1.14 ? 228 ILE A HD13 1 
ATOM 915  N N    . HIS A 1 55 ? -3.581  18.443  -0.350  1.00 0.39 ? 229 HIS A N    1 
ATOM 916  C CA   . HIS A 1 55 ? -3.452  17.264  -1.259  1.00 0.36 ? 229 HIS A CA   1 
ATOM 917  C C    . HIS A 1 55 ? -2.597  16.181  -0.598  1.00 0.29 ? 229 HIS A C    1 
ATOM 918  O O    . HIS A 1 55 ? -1.620  15.726  -1.157  1.00 0.35 ? 229 HIS A O    1 
ATOM 919  C CB   . HIS A 1 55 ? -2.807  17.683  -2.585  1.00 0.46 ? 229 HIS A CB   1 
ATOM 920  C CG   . HIS A 1 55 ? -3.493  18.913  -3.111  1.00 0.56 ? 229 HIS A CG   1 
ATOM 921  N ND1  . HIS A 1 55 ? -4.635  18.844  -3.894  1.00 1.06 ? 229 HIS A ND1  1 
ATOM 922  C CD2  . HIS A 1 55 ? -3.212  20.249  -2.974  1.00 0.98 ? 229 HIS A CD2  1 
ATOM 923  C CE1  . HIS A 1 55 ? -4.996  20.105  -4.196  1.00 0.96 ? 229 HIS A CE1  1 
ATOM 924  N NE2  . HIS A 1 55 ? -4.162  21.000  -3.659  1.00 0.83 ? 229 HIS A NE2  1 
ATOM 925  H H    . HIS A 1 55 ? -4.464  18.687  -0.001  1.00 0.46 ? 229 HIS A H    1 
ATOM 926  H HA   . HIS A 1 55 ? -4.436  16.862  -1.457  1.00 0.37 ? 229 HIS A HA   1 
ATOM 927  H HB2  . HIS A 1 55 ? -1.759  17.888  -2.436  1.00 0.48 ? 229 HIS A HB2  1 
ATOM 928  H HB3  . HIS A 1 55 ? -2.915  16.883  -3.302  1.00 0.50 ? 229 HIS A HB3  1 
ATOM 929  H HD1  . HIS A 1 55 ? -5.094  18.027  -4.178  1.00 1.64 ? 229 HIS A HD1  1 
ATOM 930  H HD2  . HIS A 1 55 ? -2.381  20.656  -2.417  1.00 1.64 ? 229 HIS A HD2  1 
ATOM 931  H HE1  . HIS A 1 55 ? -5.855  20.361  -4.798  1.00 1.41 ? 229 HIS A HE1  1 
ATOM 932  N N    . LYS A 1 56 ? -2.958  15.754  0.584   1.00 0.24 ? 230 LYS A N    1 
ATOM 933  C CA   . LYS A 1 56 ? -2.157  14.691  1.255   1.00 0.24 ? 230 LYS A CA   1 
ATOM 934  C C    . LYS A 1 56 ? -2.417  13.359  0.561   1.00 0.19 ? 230 LYS A C    1 
ATOM 935  O O    . LYS A 1 56 ? -3.522  12.853  0.555   1.00 0.20 ? 230 LYS A O    1 
ATOM 936  C CB   . LYS A 1 56 ? -2.557  14.578  2.728   1.00 0.34 ? 230 LYS A CB   1 
ATOM 937  C CG   . LYS A 1 56 ? -2.248  15.896  3.453   1.00 0.49 ? 230 LYS A CG   1 
ATOM 938  C CD   . LYS A 1 56 ? -2.538  15.761  4.980   1.00 0.77 ? 230 LYS A CD   1 
ATOM 939  C CE   . LYS A 1 56 ? -3.556  16.816  5.450   1.00 0.80 ? 230 LYS A CE   1 
ATOM 940  N NZ   . LYS A 1 56 ? -3.438  16.998  6.922   1.00 1.31 ? 230 LYS A NZ   1 
ATOM 941  H H    . LYS A 1 56 ? -3.753  16.123  1.022   1.00 0.27 ? 230 LYS A H    1 
ATOM 942  H HA   . LYS A 1 56 ? -1.109  14.934  1.181   1.00 0.29 ? 230 LYS A HA   1 
ATOM 943  H HB2  . LYS A 1 56 ? -3.614  14.367  2.797   1.00 0.41 ? 230 LYS A HB2  1 
ATOM 944  H HB3  . LYS A 1 56 ? -1.998  13.777  3.190   1.00 0.39 ? 230 LYS A HB3  1 
ATOM 945  H HG2  . LYS A 1 56 ? -1.203  16.138  3.301   1.00 0.69 ? 230 LYS A HG2  1 
ATOM 946  H HG3  . LYS A 1 56 ? -2.855  16.677  3.024   1.00 0.87 ? 230 LYS A HG3  1 
ATOM 947  H HD2  . LYS A 1 56 ? -2.936  14.777  5.195   1.00 1.52 ? 230 LYS A HD2  1 
ATOM 948  H HD3  . LYS A 1 56 ? -1.618  15.892  5.533   1.00 1.34 ? 230 LYS A HD3  1 
ATOM 949  H HE2  . LYS A 1 56 ? -3.362  17.757  4.965   1.00 1.31 ? 230 LYS A HE2  1 
ATOM 950  H HE3  . LYS A 1 56 ? -4.554  16.485  5.209   1.00 1.42 ? 230 LYS A HE3  1 
ATOM 951  H HZ1  . LYS A 1 56 ? -2.612  16.474  7.272   1.00 1.86 ? 230 LYS A HZ1  1 
ATOM 952  H HZ2  . LYS A 1 56 ? -3.320  18.008  7.136   1.00 1.74 ? 230 LYS A HZ2  1 
ATOM 953  H HZ3  . LYS A 1 56 ? -4.299  16.642  7.384   1.00 1.78 ? 230 LYS A HZ3  1 
ATOM 954  N N    . ASN A 1 57 ? -1.409  12.787  -0.030  1.00 0.19 ? 231 ASN A N    1 
ATOM 955  C CA   . ASN A 1 57 ? -1.596  11.489  -0.729  1.00 0.19 ? 231 ASN A CA   1 
ATOM 956  C C    . ASN A 1 57 ? -1.700  10.368  0.306   1.00 0.18 ? 231 ASN A C    1 
ATOM 957  O O    . ASN A 1 57 ? -0.753  10.089  1.004   1.00 0.24 ? 231 ASN A O    1 
ATOM 958  C CB   . ASN A 1 57 ? -0.382  11.231  -1.630  1.00 0.25 ? 231 ASN A CB   1 
ATOM 959  C CG   . ASN A 1 57 ? 0.046   12.537  -2.295  1.00 0.27 ? 231 ASN A CG   1 
ATOM 960  O OD1  . ASN A 1 57 ? -0.644  13.053  -3.153  1.00 0.32 ? 231 ASN A OD1  1 
ATOM 961  N ND2  . ASN A 1 57 ? 1.165   13.101  -1.927  1.00 0.30 ? 231 ASN A ND2  1 
ATOM 962  H H    . ASN A 1 57 ? -0.526  13.213  -0.017  1.00 0.23 ? 231 ASN A H    1 
ATOM 963  H HA   . ASN A 1 57 ? -2.495  11.520  -1.327  1.00 0.19 ? 231 ASN A HA   1 
ATOM 964  H HB2  . ASN A 1 57 ? 0.438   10.845  -1.038  1.00 0.28 ? 231 ASN A HB2  1 
ATOM 965  H HB3  . ASN A 1 57 ? -0.646  10.511  -2.391  1.00 0.30 ? 231 ASN A HB3  1 
ATOM 966  H HD21 . ASN A 1 57 ? 1.719   12.684  -1.230  1.00 0.33 ? 231 ASN A HD21 1 
ATOM 967  H HD22 . ASN A 1 57 ? 1.453   13.940  -2.345  1.00 0.32 ? 231 ASN A HD22 1 
ATOM 968  N N    . THR A 1 58 ? -2.830  9.713   0.409   1.00 0.14 ? 232 THR A N    1 
ATOM 969  C CA   . THR A 1 58 ? -2.962  8.596   1.403   1.00 0.15 ? 232 THR A CA   1 
ATOM 970  C C    . THR A 1 58 ? -3.531  7.367   0.708   1.00 0.17 ? 232 THR A C    1 
ATOM 971  O O    . THR A 1 58 ? -4.434  7.461   -0.104  1.00 0.30 ? 232 THR A O    1 
ATOM 972  C CB   . THR A 1 58 ? -3.904  9.012   2.533   1.00 0.15 ? 232 THR A CB   1 
ATOM 973  O OG1  . THR A 1 58 ? -5.160  9.363   1.980   1.00 0.18 ? 232 THR A OG1  1 
ATOM 974  C CG2  . THR A 1 58 ? -3.333  10.213  3.313   1.00 0.17 ? 232 THR A CG2  1 
ATOM 975  H H    . THR A 1 58 ? -3.593  9.953   -0.165  1.00 0.17 ? 232 THR A H    1 
ATOM 976  H HA   . THR A 1 58 ? -1.996  8.345   1.821   1.00 0.16 ? 232 THR A HA   1 
ATOM 977  H HB   . THR A 1 58 ? -4.032  8.177   3.203   1.00 0.19 ? 232 THR A HB   1 
ATOM 978  H HG1  . THR A 1 58 ? -5.797  9.411   2.695   1.00 0.92 ? 232 THR A HG1  1 
ATOM 979  H HG21 . THR A 1 58 ? -2.379  10.512  2.900   1.00 1.02 ? 232 THR A HG21 1 
ATOM 980  H HG22 . THR A 1 58 ? -4.024  11.038  3.245   1.00 1.01 ? 232 THR A HG22 1 
ATOM 981  H HG23 . THR A 1 58 ? -3.202  9.943   4.353   1.00 1.02 ? 232 THR A HG23 1 
ATOM 982  N N    . TRP A 1 59 ? -2.995  6.209   1.022   1.00 0.15 ? 233 TRP A N    1 
ATOM 983  C CA   . TRP A 1 59 ? -3.475  4.940   0.395   1.00 0.15 ? 233 TRP A CA   1 
ATOM 984  C C    . TRP A 1 59 ? -4.097  4.034   1.457   1.00 0.16 ? 233 TRP A C    1 
ATOM 985  O O    . TRP A 1 59 ? -3.728  4.078   2.614   1.00 0.19 ? 233 TRP A O    1 
ATOM 986  C CB   . TRP A 1 59 ? -2.294  4.229   -0.279  1.00 0.17 ? 233 TRP A CB   1 
ATOM 987  C CG   . TRP A 1 59 ? -1.911  4.982   -1.516  1.00 0.18 ? 233 TRP A CG   1 
ATOM 988  C CD1  . TRP A 1 59 ? -1.097  6.063   -1.549  1.00 0.20 ? 233 TRP A CD1  1 
ATOM 989  C CD2  . TRP A 1 59 ? -2.323  4.736   -2.891  1.00 0.19 ? 233 TRP A CD2  1 
ATOM 990  N NE1  . TRP A 1 59 ? -0.983  6.500   -2.859  1.00 0.22 ? 233 TRP A NE1  1 
ATOM 991  C CE2  . TRP A 1 59 ? -1.719  5.715   -3.724  1.00 0.22 ? 233 TRP A CE2  1 
ATOM 992  C CE3  . TRP A 1 59 ? -3.155  3.766   -3.495  1.00 0.20 ? 233 TRP A CE3  1 
ATOM 993  C CZ2  . TRP A 1 59 ? -1.937  5.734   -5.111  1.00 0.26 ? 233 TRP A CZ2  1 
ATOM 994  C CZ3  . TRP A 1 59 ? -3.377  3.779   -4.888  1.00 0.24 ? 233 TRP A CZ3  1 
ATOM 995  C CH2  . TRP A 1 59 ? -2.769  4.762   -5.693  1.00 0.27 ? 233 TRP A CH2  1 
ATOM 996  H H    . TRP A 1 59 ? -2.267  6.178   1.676   1.00 0.24 ? 233 TRP A H    1 
ATOM 997  H HA   . TRP A 1 59 ? -4.220  5.163   -0.343  1.00 0.14 ? 233 TRP A HA   1 
ATOM 998  H HB2  . TRP A 1 59 ? -1.456  4.199   0.401   1.00 0.19 ? 233 TRP A HB2  1 
ATOM 999  H HB3  . TRP A 1 59 ? -2.582  3.222   -0.545  1.00 0.18 ? 233 TRP A HB3  1 
ATOM 1000 H HD1  . TRP A 1 59 ? -0.615  6.512   -0.693  1.00 0.21 ? 233 TRP A HD1  1 
ATOM 1001 H HE1  . TRP A 1 59 ? -0.451  7.268   -3.154  1.00 0.24 ? 233 TRP A HE1  1 
ATOM 1002 H HE3  . TRP A 1 59 ? -3.626  3.010   -2.885  1.00 0.19 ? 233 TRP A HE3  1 
ATOM 1003 H HZ2  . TRP A 1 59 ? -1.468  6.489   -5.724  1.00 0.29 ? 233 TRP A HZ2  1 
ATOM 1004 H HZ3  . TRP A 1 59 ? -4.016  3.034   -5.338  1.00 0.26 ? 233 TRP A HZ3  1 
ATOM 1005 H HH2  . TRP A 1 59 ? -2.946  4.770   -6.757  1.00 0.31 ? 233 TRP A HH2  1 
ATOM 1006 N N    . GLU A 1 60 ? -5.050  3.217   1.067   1.00 0.15 ? 234 GLU A N    1 
ATOM 1007 C CA   . GLU A 1 60 ? -5.719  2.297   2.049   1.00 0.15 ? 234 GLU A CA   1 
ATOM 1008 C C    . GLU A 1 60 ? -6.011  0.952   1.380   1.00 0.16 ? 234 GLU A C    1 
ATOM 1009 O O    . GLU A 1 60 ? -6.521  0.906   0.280   1.00 0.19 ? 234 GLU A O    1 
ATOM 1010 C CB   . GLU A 1 60 ? -7.052  2.899   2.485   1.00 0.16 ? 234 GLU A CB   1 
ATOM 1011 C CG   . GLU A 1 60 ? -6.819  4.185   3.270   1.00 0.25 ? 234 GLU A CG   1 
ATOM 1012 C CD   . GLU A 1 60 ? -8.160  4.675   3.811   1.00 0.88 ? 234 GLU A CD   1 
ATOM 1013 O OE1  . GLU A 1 60 ? -8.980  5.095   3.011   1.00 1.53 ? 234 GLU A OE1  1 
ATOM 1014 O OE2  . GLU A 1 60 ? -8.345  4.624   5.015   1.00 1.61 ? 234 GLU A OE2  1 
ATOM 1015 H H    . GLU A 1 60 ? -5.330  3.212   0.127   1.00 0.16 ? 234 GLU A H    1 
ATOM 1016 H HA   . GLU A 1 60 ? -5.088  2.149   2.911   1.00 0.17 ? 234 GLU A HA   1 
ATOM 1017 H HB2  . GLU A 1 60 ? -7.649  3.117   1.612   1.00 0.18 ? 234 GLU A HB2  1 
ATOM 1018 H HB3  . GLU A 1 60 ? -7.576  2.192   3.109   1.00 0.19 ? 234 GLU A HB3  1 
ATOM 1019 H HG2  . GLU A 1 60 ? -6.143  3.994   4.090   1.00 0.63 ? 234 GLU A HG2  1 
ATOM 1020 H HG3  . GLU A 1 60 ? -6.399  4.938   2.619   1.00 0.42 ? 234 GLU A HG3  1 
ATOM 1021 N N    . LEU A 1 61 ? -5.720  -0.148  2.033   1.00 0.16 ? 235 LEU A N    1 
ATOM 1022 C CA   . LEU A 1 61 ? -6.022  -1.464  1.399   1.00 0.18 ? 235 LEU A CA   1 
ATOM 1023 C C    . LEU A 1 61 ? -7.531  -1.656  1.336   1.00 0.16 ? 235 LEU A C    1 
ATOM 1024 O O    . LEU A 1 61 ? -8.197  -1.805  2.338   1.00 0.21 ? 235 LEU A O    1 
ATOM 1025 C CB   . LEU A 1 61 ? -5.395  -2.626  2.185   1.00 0.19 ? 235 LEU A CB   1 
ATOM 1026 C CG   . LEU A 1 61 ? -3.869  -2.469  2.296   1.00 0.24 ? 235 LEU A CG   1 
ATOM 1027 C CD1  . LEU A 1 61 ? -3.349  -3.501  3.298   1.00 0.27 ? 235 LEU A CD1  1 
ATOM 1028 C CD2  . LEU A 1 61 ? -3.169  -2.714  0.944   1.00 0.32 ? 235 LEU A CD2  1 
ATOM 1029 H H    . LEU A 1 61 ? -5.325  -0.105  2.928   1.00 0.17 ? 235 LEU A H    1 
ATOM 1030 H HA   . LEU A 1 61 ? -5.651  -1.462  0.398   1.00 0.21 ? 235 LEU A HA   1 
ATOM 1031 H HB2  . LEU A 1 61 ? -5.820  -2.649  3.177   1.00 0.19 ? 235 LEU A HB2  1 
ATOM 1032 H HB3  . LEU A 1 61 ? -5.620  -3.554  1.682   1.00 0.22 ? 235 LEU A HB3  1 
ATOM 1033 H HG   . LEU A 1 61 ? -3.640  -1.477  2.652   1.00 0.25 ? 235 LEU A HG   1 
ATOM 1034 H HD11 . LEU A 1 61 ? -3.616  -4.493  2.960   1.00 1.03 ? 235 LEU A HD11 1 
ATOM 1035 H HD12 . LEU A 1 61 ? -2.275  -3.427  3.368   1.00 1.09 ? 235 LEU A HD12 1 
ATOM 1036 H HD13 . LEU A 1 61 ? -3.789  -3.321  4.266   1.00 1.04 ? 235 LEU A HD13 1 
ATOM 1037 H HD21 . LEU A 1 61 ? -3.686  -2.209  0.152   1.00 1.10 ? 235 LEU A HD21 1 
ATOM 1038 H HD22 . LEU A 1 61 ? -2.160  -2.339  0.996   1.00 1.06 ? 235 LEU A HD22 1 
ATOM 1039 H HD23 . LEU A 1 61 ? -3.143  -3.772  0.735   1.00 1.03 ? 235 LEU A HD23 1 
ATOM 1040 N N    . LYS A 1 62 ? -8.060  -1.653  0.149   1.00 0.26 ? 236 LYS A N    1 
ATOM 1041 C CA   . LYS A 1 62 ? -9.522  -1.830  -0.042  1.00 0.29 ? 236 LYS A CA   1 
ATOM 1042 C C    . LYS A 1 62 ? -9.962  -3.189  0.562   1.00 0.21 ? 236 LYS A C    1 
ATOM 1043 O O    . LYS A 1 62 ? -9.599  -4.227  0.048   1.00 0.30 ? 236 LYS A O    1 
ATOM 1044 C CB   . LYS A 1 62 ? -9.784  -1.818  -1.554  1.00 0.50 ? 236 LYS A CB   1 
ATOM 1045 C CG   . LYS A 1 62 ? -11.229 -1.408  -1.848  1.00 0.83 ? 236 LYS A CG   1 
ATOM 1046 C CD   . LYS A 1 62 ? -11.485 -1.420  -3.386  1.00 0.83 ? 236 LYS A CD   1 
ATOM 1047 C CE   . LYS A 1 62 ? -11.531 0.001   -3.985  1.00 1.40 ? 236 LYS A CE   1 
ATOM 1048 N NZ   . LYS A 1 62 ? -12.452 -0.004  -5.154  1.00 1.94 ? 236 LYS A NZ   1 
ATOM 1049 H H    . LYS A 1 62 ? -7.483  -1.531  -0.634  1.00 0.38 ? 236 LYS A H    1 
ATOM 1050 H HA   . LYS A 1 62 ? -10.045 -1.008  0.418   1.00 0.33 ? 236 LYS A HA   1 
ATOM 1051 H HB2  . LYS A 1 62 ? -9.117  -1.111  -2.024  1.00 1.19 ? 236 LYS A HB2  1 
ATOM 1052 H HB3  . LYS A 1 62 ? -9.603  -2.803  -1.963  1.00 1.07 ? 236 LYS A HB3  1 
ATOM 1053 H HG2  . LYS A 1 62 ? -11.895 -2.110  -1.362  1.00 1.40 ? 236 LYS A HG2  1 
ATOM 1054 H HG3  . LYS A 1 62 ? -11.402 -0.424  -1.446  1.00 1.53 ? 236 LYS A HG3  1 
ATOM 1055 H HD2  . LYS A 1 62 ? -10.699 -1.970  -3.880  1.00 1.44 ? 236 LYS A HD2  1 
ATOM 1056 H HD3  . LYS A 1 62 ? -12.428 -1.912  -3.585  1.00 1.25 ? 236 LYS A HD3  1 
ATOM 1057 H HE2  . LYS A 1 62 ? -11.890 0.710   -3.256  1.00 1.89 ? 236 LYS A HE2  1 
ATOM 1058 H HE3  . LYS A 1 62 ? -10.543 0.291   -4.312  1.00 2.11 ? 236 LYS A HE3  1 
ATOM 1059 H HZ1  . LYS A 1 62 ? -13.056 -0.851  -5.116  1.00 2.38 ? 236 LYS A HZ1  1 
ATOM 1060 H HZ2  . LYS A 1 62 ? -13.048 0.849   -5.129  1.00 2.36 ? 236 LYS A HZ2  1 
ATOM 1061 H HZ3  . LYS A 1 62 ? -11.898 -0.015  -6.032  1.00 2.33 ? 236 LYS A HZ3  1 
ATOM 1062 N N    . PRO A 1 63 ? -10.734 -3.199  1.635   1.00 0.20 ? 237 PRO A N    1 
ATOM 1063 C CA   . PRO A 1 63 ? -11.204 -4.468  2.274   1.00 0.28 ? 237 PRO A CA   1 
ATOM 1064 C C    . PRO A 1 63 ? -12.485 -4.997  1.616   1.00 0.26 ? 237 PRO A C    1 
ATOM 1065 O O    . PRO A 1 63 ? -13.040 -6.002  2.013   1.00 0.30 ? 237 PRO A O    1 
ATOM 1066 C CB   . PRO A 1 63 ? -11.478 -4.037  3.713   1.00 0.41 ? 237 PRO A CB   1 
ATOM 1067 C CG   . PRO A 1 63 ? -11.952 -2.621  3.602   1.00 0.41 ? 237 PRO A CG   1 
ATOM 1068 C CD   . PRO A 1 63 ? -11.257 -2.023  2.364   1.00 0.30 ? 237 PRO A CD   1 
ATOM 1069 H HA   . PRO A 1 63 ? -10.428 -5.216  2.256   1.00 0.35 ? 237 PRO A HA   1 
ATOM 1070 H HB2  . PRO A 1 63 ? -12.241 -4.665  4.156   1.00 0.49 ? 237 PRO A HB2  1 
ATOM 1071 H HB3  . PRO A 1 63 ? -10.570 -4.080  4.295   1.00 0.47 ? 237 PRO A HB3  1 
ATOM 1072 H HG2  . PRO A 1 63 ? -13.029 -2.600  3.475   1.00 0.45 ? 237 PRO A HG2  1 
ATOM 1073 H HG3  . PRO A 1 63 ? -11.673 -2.061  4.485   1.00 0.52 ? 237 PRO A HG3  1 
ATOM 1074 H HD2  . PRO A 1 63 ? -11.969 -1.484  1.751   1.00 0.35 ? 237 PRO A HD2  1 
ATOM 1075 H HD3  . PRO A 1 63 ? -10.449 -1.376  2.661   1.00 0.32 ? 237 PRO A HD3  1 
ATOM 1076 N N    . GLU A 1 64 ? -12.965 -4.288  0.641   1.00 0.23 ? 238 GLU A N    1 
ATOM 1077 C CA   . GLU A 1 64 ? -14.231 -4.672  -0.049  1.00 0.25 ? 238 GLU A CA   1 
ATOM 1078 C C    . GLU A 1 64 ? -14.206 -6.139  -0.508  1.00 0.25 ? 238 GLU A C    1 
ATOM 1079 O O    . GLU A 1 64 ? -15.155 -6.867  -0.292  1.00 0.28 ? 238 GLU A O    1 
ATOM 1080 C CB   . GLU A 1 64 ? -14.407 -3.760  -1.267  1.00 0.30 ? 238 GLU A CB   1 
ATOM 1081 C CG   . GLU A 1 64 ? -14.614 -2.303  -0.810  1.00 0.35 ? 238 GLU A CG   1 
ATOM 1082 C CD   . GLU A 1 64 ? -16.085 -2.044  -0.465  1.00 0.99 ? 238 GLU A CD   1 
ATOM 1083 O OE1  . GLU A 1 64 ? -16.906 -2.902  -0.740  1.00 1.66 ? 238 GLU A OE1  1 
ATOM 1084 O OE2  . GLU A 1 64 ? -16.363 -0.983  0.068   1.00 1.79 ? 238 GLU A OE2  1 
ATOM 1085 H H    . GLU A 1 64 ? -12.502 -3.468  0.376   1.00 0.23 ? 238 GLU A H    1 
ATOM 1086 H HA   . GLU A 1 64 ? -15.060 -4.526  0.623   1.00 0.28 ? 238 GLU A HA   1 
ATOM 1087 H HB2  . GLU A 1 64 ? -13.519 -3.815  -1.879  1.00 0.30 ? 238 GLU A HB2  1 
ATOM 1088 H HB3  . GLU A 1 64 ? -15.258 -4.085  -1.844  1.00 0.33 ? 238 GLU A HB3  1 
ATOM 1089 H HG2  . GLU A 1 64 ? -14.006 -2.109  0.063   1.00 0.83 ? 238 GLU A HG2  1 
ATOM 1090 H HG3  . GLU A 1 64 ? -14.313 -1.635  -1.604  1.00 0.87 ? 238 GLU A HG3  1 
ATOM 1091 N N    . TYR A 1 65 ? -13.148 -6.577  -1.150  1.00 0.25 ? 239 TYR A N    1 
ATOM 1092 C CA   . TYR A 1 65 ? -13.087 -8.000  -1.638  1.00 0.30 ? 239 TYR A CA   1 
ATOM 1093 C C    . TYR A 1 65 ? -11.776 -8.662  -1.211  1.00 0.31 ? 239 TYR A C    1 
ATOM 1094 O O    . TYR A 1 65 ? -11.308 -9.585  -1.848  1.00 0.38 ? 239 TYR A O    1 
ATOM 1095 C CB   . TYR A 1 65 ? -13.182 -8.017  -3.164  1.00 0.34 ? 239 TYR A CB   1 
ATOM 1096 C CG   . TYR A 1 65 ? -11.982 -7.320  -3.751  1.00 0.32 ? 239 TYR A CG   1 
ATOM 1097 C CD1  . TYR A 1 65 ? -11.955 -5.917  -3.803  1.00 0.31 ? 239 TYR A CD1  1 
ATOM 1098 C CD2  . TYR A 1 65 ? -10.891 -8.065  -4.244  1.00 0.37 ? 239 TYR A CD2  1 
ATOM 1099 C CE1  . TYR A 1 65 ? -10.844 -5.254  -4.347  1.00 0.32 ? 239 TYR A CE1  1 
ATOM 1100 C CE2  . TYR A 1 65 ? -9.776  -7.399  -4.791  1.00 0.37 ? 239 TYR A CE2  1 
ATOM 1101 C CZ   . TYR A 1 65 ? -9.755  -5.993  -4.840  1.00 0.33 ? 239 TYR A CZ   1 
ATOM 1102 O OH   . TYR A 1 65 ? -8.666  -5.337  -5.375  1.00 0.36 ? 239 TYR A OH   1 
ATOM 1103 H H    . TYR A 1 65 ? -12.403 -5.970  -1.326  1.00 0.24 ? 239 TYR A H    1 
ATOM 1104 H HA   . TYR A 1 65 ? -13.911 -8.569  -1.229  1.00 0.32 ? 239 TYR A HA   1 
ATOM 1105 H HB2  . TYR A 1 65 ? -13.211 -9.039  -3.513  1.00 0.39 ? 239 TYR A HB2  1 
ATOM 1106 H HB3  . TYR A 1 65 ? -14.080 -7.505  -3.471  1.00 0.35 ? 239 TYR A HB3  1 
ATOM 1107 H HD1  . TYR A 1 65 ? -12.790 -5.351  -3.427  1.00 0.33 ? 239 TYR A HD1  1 
ATOM 1108 H HD2  . TYR A 1 65 ? -10.911 -9.144  -4.204  1.00 0.43 ? 239 TYR A HD2  1 
ATOM 1109 H HE1  . TYR A 1 65 ? -10.828 -4.181  -4.383  1.00 0.35 ? 239 TYR A HE1  1 
ATOM 1110 H HE2  . TYR A 1 65 ? -8.939  -7.965  -5.169  1.00 0.43 ? 239 TYR A HE2  1 
ATOM 1111 H HH   . TYR A 1 65 ? -8.833  -5.202  -6.311  1.00 0.93 ? 239 TYR A HH   1 
ATOM 1112 N N    . ARG A 1 66 ? -11.182 -8.224  -0.135  1.00 0.30 ? 240 ARG A N    1 
ATOM 1113 C CA   . ARG A 1 66 ? -9.914  -8.870  0.307   1.00 0.34 ? 240 ARG A CA   1 
ATOM 1114 C C    . ARG A 1 66 ? -10.233 -10.239 0.918   1.00 0.41 ? 240 ARG A C    1 
ATOM 1115 O O    . ARG A 1 66 ? -10.564 -10.346 2.082   1.00 0.47 ? 240 ARG A O    1 
ATOM 1116 C CB   . ARG A 1 66 ? -9.202  -7.990  1.359   1.00 0.35 ? 240 ARG A CB   1 
ATOM 1117 C CG   . ARG A 1 66 ? -8.372  -6.864  0.681   1.00 0.36 ? 240 ARG A CG   1 
ATOM 1118 C CD   . ARG A 1 66 ? -6.906  -7.287  0.525   1.00 0.88 ? 240 ARG A CD   1 
ATOM 1119 N NE   . ARG A 1 66 ? -6.817  -8.357  -0.498  1.00 1.93 ? 240 ARG A NE   1 
ATOM 1120 C CZ   . ARG A 1 66 ? -5.667  -8.683  -1.002  1.00 2.64 ? 240 ARG A CZ   1 
ATOM 1121 N NH1  . ARG A 1 66 ? -4.584  -8.093  -0.583  1.00 2.59 ? 240 ARG A NH1  1 
ATOM 1122 N NH2  . ARG A 1 66 ? -5.605  -9.602  -1.922  1.00 3.68 ? 240 ARG A NH2  1 
ATOM 1123 H H    . ARG A 1 66 ? -11.571 -7.489  0.382   1.00 0.30 ? 240 ARG A H    1 
ATOM 1124 H HA   . ARG A 1 66 ? -9.273  -9.003  -0.546  1.00 0.36 ? 240 ARG A HA   1 
ATOM 1125 H HB2  . ARG A 1 66 ? -9.953  -7.542  1.998   1.00 0.37 ? 240 ARG A HB2  1 
ATOM 1126 H HB3  . ARG A 1 66 ? -8.554  -8.607  1.965   1.00 0.40 ? 240 ARG A HB3  1 
ATOM 1127 H HG2  . ARG A 1 66 ? -8.774  -6.648  -0.295  1.00 0.55 ? 240 ARG A HG2  1 
ATOM 1128 H HG3  . ARG A 1 66 ? -8.412  -5.971  1.287   1.00 0.69 ? 240 ARG A HG3  1 
ATOM 1129 H HD2  . ARG A 1 66 ? -6.324  -6.435  0.206   1.00 1.18 ? 240 ARG A HD2  1 
ATOM 1130 H HD3  . ARG A 1 66 ? -6.523  -7.648  1.471   1.00 1.23 ? 240 ARG A HD3  1 
ATOM 1131 H HE   . ARG A 1 66 ? -7.626  -8.809  -0.805  1.00 2.35 ? 240 ARG A HE   1 
ATOM 1132 H HH11 . ARG A 1 66 ? -4.640  -7.391  0.126   1.00 2.09 ? 240 ARG A HH11 1 
ATOM 1133 H HH12 . ARG A 1 66 ? -3.697  -8.344  -0.971  1.00 3.29 ? 240 ARG A HH12 1 
ATOM 1134 H HH21 . ARG A 1 66 ? -6.442  -10.052 -2.237  1.00 3.99 ? 240 ARG A HH21 1 
ATOM 1135 H HH22 . ARG A 1 66 ? -4.722  -9.858  -2.315  1.00 4.27 ? 240 ARG A HH22 1 
ATOM 1136 N N    . HIS A 1 67 ? -10.116 -11.291 0.150   1.00 0.48 ? 241 HIS A N    1 
ATOM 1137 C CA   . HIS A 1 67 ? -10.393 -12.645 0.708   1.00 0.57 ? 241 HIS A CA   1 
ATOM 1138 C C    . HIS A 1 67 ? -9.200  -13.060 1.568   1.00 0.60 ? 241 HIS A C    1 
ATOM 1139 O O    . HIS A 1 67 ? -9.271  -13.995 2.341   1.00 0.71 ? 241 HIS A O    1 
ATOM 1140 C CB   . HIS A 1 67 ? -10.559 -13.664 -0.427  1.00 0.65 ? 241 HIS A CB   1 
ATOM 1141 C CG   . HIS A 1 67 ? -11.704 -13.269 -1.318  1.00 0.64 ? 241 HIS A CG   1 
ATOM 1142 N ND1  . HIS A 1 67 ? -13.005 -13.686 -1.083  1.00 0.69 ? 241 HIS A ND1  1 
ATOM 1143 C CD2  . HIS A 1 67 ? -11.755 -12.509 -2.461  1.00 0.63 ? 241 HIS A CD2  1 
ATOM 1144 C CE1  . HIS A 1 67 ? -13.776 -13.181 -2.063  1.00 0.70 ? 241 HIS A CE1  1 
ATOM 1145 N NE2  . HIS A 1 67 ? -13.064 -12.455 -2.929  1.00 0.67 ? 241 HIS A NE2  1 
ATOM 1146 H H    . HIS A 1 67 ? -9.834  -11.191 -0.783  1.00 0.50 ? 241 HIS A H    1 
ATOM 1147 H HA   . HIS A 1 67 ? -11.289 -12.618 1.311   1.00 0.60 ? 241 HIS A HA   1 
ATOM 1148 H HB2  . HIS A 1 67 ? -9.650  -13.704 -1.008  1.00 0.66 ? 241 HIS A HB2  1 
ATOM 1149 H HB3  . HIS A 1 67 ? -10.756 -14.638 -0.004  1.00 0.73 ? 241 HIS A HB3  1 
ATOM 1150 H HD1  . HIS A 1 67 ? -13.307 -14.248 -0.339  1.00 0.73 ? 241 HIS A HD1  1 
ATOM 1151 H HD2  . HIS A 1 67 ? -10.907 -12.030 -2.926  1.00 0.62 ? 241 HIS A HD2  1 
ATOM 1152 H HE1  . HIS A 1 67 ? -14.841 -13.345 -2.142  1.00 0.76 ? 241 HIS A HE1  1 
ATOM 1153 N N    . TYR A 1 68 ? -8.096  -12.373 1.417   1.00 0.59 ? 242 TYR A N    1 
ATOM 1154 C CA   . TYR A 1 68 ? -6.866  -12.712 2.197   1.00 0.64 ? 242 TYR A CA   1 
ATOM 1155 C C    . TYR A 1 68 ? -6.642  -11.699 3.329   1.00 0.71 ? 242 TYR A C    1 
ATOM 1156 O O    . TYR A 1 68 ? -6.383  -10.535 3.093   1.00 0.98 ? 242 TYR A O    1 
ATOM 1157 C CB   . TYR A 1 68 ? -5.655  -12.683 1.249   1.00 0.73 ? 242 TYR A CB   1 
ATOM 1158 C CG   . TYR A 1 68 ? -4.381  -12.631 2.061   1.00 0.71 ? 242 TYR A CG   1 
ATOM 1159 C CD1  . TYR A 1 68 ? -3.783  -13.818 2.524   1.00 0.86 ? 242 TYR A CD1  1 
ATOM 1160 C CD2  . TYR A 1 68 ? -3.813  -11.384 2.380   1.00 0.74 ? 242 TYR A CD2  1 
ATOM 1161 C CE1  . TYR A 1 68 ? -2.615  -13.757 3.305   1.00 0.87 ? 242 TYR A CE1  1 
ATOM 1162 C CE2  . TYR A 1 68 ? -2.643  -11.322 3.156   1.00 0.76 ? 242 TYR A CE2  1 
ATOM 1163 C CZ   . TYR A 1 68 ? -2.044  -12.507 3.622   1.00 0.74 ? 242 TYR A CZ   1 
ATOM 1164 O OH   . TYR A 1 68 ? -0.901  -12.444 4.391   1.00 0.79 ? 242 TYR A OH   1 
ATOM 1165 H H    . TYR A 1 68 ? -8.071  -11.634 0.774   1.00 0.62 ? 242 TYR A H    1 
ATOM 1166 H HA   . TYR A 1 68 ? -6.958  -13.703 2.619   1.00 0.78 ? 242 TYR A HA   1 
ATOM 1167 H HB2  . TYR A 1 68 ? -5.657  -13.571 0.635   1.00 0.90 ? 242 TYR A HB2  1 
ATOM 1168 H HB3  . TYR A 1 68 ? -5.714  -11.809 0.618   1.00 0.82 ? 242 TYR A HB3  1 
ATOM 1169 H HD1  . TYR A 1 68 ? -4.222  -14.774 2.278   1.00 1.05 ? 242 TYR A HD1  1 
ATOM 1170 H HD2  . TYR A 1 68 ? -4.273  -10.475 2.023   1.00 0.88 ? 242 TYR A HD2  1 
ATOM 1171 H HE1  . TYR A 1 68 ? -2.155  -14.665 3.661   1.00 1.07 ? 242 TYR A HE1  1 
ATOM 1172 H HE2  . TYR A 1 68 ? -2.209  -10.366 3.397   1.00 0.90 ? 242 TYR A HE2  1 
ATOM 1173 H HH   . TYR A 1 68 ? -0.249  -13.032 4.003   1.00 1.20 ? 242 TYR A HH   1 
ATOM 1174 N N    . GLN A 1 69 ? -6.696  -12.148 4.560   1.00 0.93 ? 243 GLN A N    1 
ATOM 1175 C CA   . GLN A 1 69 ? -6.434  -11.233 5.717   1.00 1.13 ? 243 GLN A CA   1 
ATOM 1176 C C    . GLN A 1 69 ? -5.819  -12.064 6.854   1.00 1.63 ? 243 GLN A C    1 
ATOM 1177 O O    . GLN A 1 69 ? -4.688  -12.503 6.772   1.00 2.15 ? 243 GLN A O    1 
ATOM 1178 C CB   . GLN A 1 69 ? -7.724  -10.507 6.223   1.00 1.27 ? 243 GLN A CB   1 
ATOM 1179 C CG   . GLN A 1 69 ? -8.989  -10.930 5.449   1.00 1.19 ? 243 GLN A CG   1 
ATOM 1180 C CD   . GLN A 1 69 ? -10.060 -9.847  5.597   1.00 1.36 ? 243 GLN A CD   1 
ATOM 1181 O OE1  . GLN A 1 69 ? -10.462 -9.516  6.695   1.00 1.93 ? 243 GLN A OE1  1 
ATOM 1182 N NE2  . GLN A 1 69 ? -10.532 -9.269  4.527   1.00 1.46 ? 243 GLN A NE2  1 
ATOM 1183 H H    . GLN A 1 69 ? -6.871  -13.099 4.722   1.00 1.17 ? 243 GLN A H    1 
ATOM 1184 H HA   . GLN A 1 69 ? -5.703  -10.492 5.410   1.00 1.23 ? 243 GLN A HA   1 
ATOM 1185 H HB2  . GLN A 1 69 ? -7.880  -10.726 7.272   1.00 1.95 ? 243 GLN A HB2  1 
ATOM 1186 H HB3  . GLN A 1 69 ? -7.588  -9.438  6.116   1.00 1.68 ? 243 GLN A HB3  1 
ATOM 1187 H HG2  . GLN A 1 69 ? -8.771  -11.052 4.408   1.00 1.63 ? 243 GLN A HG2  1 
ATOM 1188 H HG3  . GLN A 1 69 ? -9.367  -11.857 5.852   1.00 1.79 ? 243 GLN A HG3  1 
ATOM 1189 H HE21 . GLN A 1 69 ? -10.200 -9.533  3.643   1.00 1.38 ? 243 GLN A HE21 1 
ATOM 1190 H HE22 . GLN A 1 69 ? -11.211 -8.569  4.607   1.00 1.92 ? 243 GLN A HE22 1 
# 
